data_8K0W
# 
_entry.id   8K0W 
# 
_audit_conform.dict_name       mmcif_pdbx.dic 
_audit_conform.dict_version    5.403 
_audit_conform.dict_location   http://mmcif.pdb.org/dictionaries/ascii/mmcif_pdbx.dic 
# 
loop_
_database_2.database_id 
_database_2.database_code 
_database_2.pdbx_database_accession 
_database_2.pdbx_DOI 
PDB   8K0W         pdb_00008k0w 10.2210/pdb8k0w/pdb 
WWPDB D_1300039144 ?            ?                   
# 
loop_
_pdbx_audit_revision_history.ordinal 
_pdbx_audit_revision_history.data_content_type 
_pdbx_audit_revision_history.major_revision 
_pdbx_audit_revision_history.minor_revision 
_pdbx_audit_revision_history.revision_date 
_pdbx_audit_revision_history.part_number 
1 'Structure model' 1 0 2025-04-16 ? 
2 'Structure model' 1 1 2025-06-11 ? 
3 'Structure model' 1 2 2025-06-18 ? 
# 
_pdbx_audit_revision_details.ordinal             1 
_pdbx_audit_revision_details.revision_ordinal    1 
_pdbx_audit_revision_details.data_content_type   'Structure model' 
_pdbx_audit_revision_details.provider            repository 
_pdbx_audit_revision_details.type                'Initial release' 
_pdbx_audit_revision_details.description         ? 
_pdbx_audit_revision_details.details             ? 
# 
loop_
_pdbx_audit_revision_group.ordinal 
_pdbx_audit_revision_group.revision_ordinal 
_pdbx_audit_revision_group.data_content_type 
_pdbx_audit_revision_group.group 
1 2 'Structure model' 'Database references' 
2 3 'Structure model' 'Database references' 
# 
loop_
_pdbx_audit_revision_category.ordinal 
_pdbx_audit_revision_category.revision_ordinal 
_pdbx_audit_revision_category.data_content_type 
_pdbx_audit_revision_category.category 
1 2 'Structure model' citation 
2 3 'Structure model' citation 
# 
loop_
_pdbx_audit_revision_item.ordinal 
_pdbx_audit_revision_item.revision_ordinal 
_pdbx_audit_revision_item.data_content_type 
_pdbx_audit_revision_item.item 
1 2 'Structure model' '_citation.journal_volume' 
2 2 'Structure model' '_citation.page_first'     
3 2 'Structure model' '_citation.page_last'      
4 3 'Structure model' '_citation.page_first'     
5 3 'Structure model' '_citation.page_last'      
# 
_pdbx_database_status.status_code                     REL 
_pdbx_database_status.status_code_sf                  REL 
_pdbx_database_status.status_code_mr                  ? 
_pdbx_database_status.entry_id                        8K0W 
_pdbx_database_status.recvd_initial_deposition_date   2023-07-10 
_pdbx_database_status.SG_entry                        N 
_pdbx_database_status.deposit_site                    PDBJ 
_pdbx_database_status.process_site                    PDBC 
_pdbx_database_status.status_code_cs                  ? 
_pdbx_database_status.status_code_nmr_data            ? 
_pdbx_database_status.methods_development_category    ? 
_pdbx_database_status.pdb_format_compatible           Y 
# 
_pdbx_contact_author.id                 2 
_pdbx_contact_author.email              huanglin36@mail.sysu.edu.cn 
_pdbx_contact_author.name_first         Lin 
_pdbx_contact_author.name_last          Huang 
_pdbx_contact_author.name_mi            ? 
_pdbx_contact_author.role               'principal investigator/group leader' 
_pdbx_contact_author.identifier_ORCID   0000-0002-2121-365X 
# 
loop_
_audit_author.name 
_audit_author.pdbx_ordinal 
_audit_author.identifier_ORCID 
'Huang, Y.' 1 ? 
'Lin, X.'   2 ? 
'Huang, L.' 3 ? 
# 
_citation.abstract                  ? 
_citation.abstract_id_CAS           ? 
_citation.book_id_ISBN              ? 
_citation.book_publisher            ? 
_citation.book_publisher_city       ? 
_citation.book_title                ? 
_citation.coordinate_linkage        ? 
_citation.country                   GE 
_citation.database_id_Medline       ? 
_citation.details                   ? 
_citation.id                        primary 
_citation.journal_abbrev            Angew.Chem.Int.Ed.Engl. 
_citation.journal_id_ASTM           ACIEAY 
_citation.journal_id_CSD            0179 
_citation.journal_id_ISSN           1521-3773 
_citation.journal_full              ? 
_citation.journal_issue             ? 
_citation.journal_volume            64 
_citation.language                  ? 
_citation.page_first                e202504107 
_citation.page_last                 e202504107 
_citation.title                     
'From Theophylline to Adenine or preQ 1 : Repurposing a DNA Aptamer Revealed by Crystal Structure Analysis.' 
_citation.year                      2025 
_citation.database_id_CSD           ? 
_citation.pdbx_database_id_DOI      10.1002/anie.202504107 
_citation.pdbx_database_id_PubMed   40101171 
_citation.pdbx_database_id_patent   ? 
_citation.unpublished_flag          ? 
# 
loop_
_citation_author.citation_id 
_citation_author.name 
_citation_author.ordinal 
_citation_author.identifier_ORCID 
primary 'Lin, X.'    1  ? 
primary 'Huang, Y.'  2  ? 
primary 'Huang, J.'  3  ? 
primary 'Yuan, H.'   4  ? 
primary 'Luo, Y.'    5  ? 
primary 'Lu, Z.'     6  ? 
primary 'Ao, Y.'     7  ? 
primary 'Huang, J.'  8  ? 
primary 'Chen, S.B.' 9  ? 
primary 'Miao, Z.'   10 ? 
primary 'Huang, L.'  11 ? 
# 
loop_
_entity.id 
_entity.type 
_entity.src_method 
_entity.pdbx_description 
_entity.formula_weight 
_entity.pdbx_number_of_molecules 
_entity.pdbx_ec 
_entity.pdbx_mutation 
_entity.pdbx_fragment 
_entity.details 
1 polymer     syn 'DNA (29-MER)'  8918.707 1  ? ? ? ? 
2 non-polymer syn THEOPHYLLINE    180.164  1  ? ? ? ? 
3 non-polymer syn 'SODIUM ION'    22.990   5  ? ? ? ? 
4 non-polymer syn 'MAGNESIUM ION' 24.305   1  ? ? ? ? 
5 water       nat water           18.015   83 ? ? ? ? 
# 
_entity_poly.entity_id                      1 
_entity_poly.type                           polydeoxyribonucleotide 
_entity_poly.nstd_linkage                   no 
_entity_poly.nstd_monomer                   no 
_entity_poly.pdbx_seq_one_letter_code       
;(DG)(DC)(DG)(DG)(DT)(DG)(DG)(DT)(DC)(DT)(DA)(DT)(DT)(DC)(DA)(DT)(DA)(DG)(DG)(DC)
(DG)(DT)(DC)(DC)(DG)(DC)(DC)(DG)(DC)
;
_entity_poly.pdbx_seq_one_letter_code_can   GCGGTGGTCTATTCATAGGCGTCCGCCGC 
_entity_poly.pdbx_strand_id                 A 
_entity_poly.pdbx_target_identifier         ? 
# 
loop_
_pdbx_entity_nonpoly.entity_id 
_pdbx_entity_nonpoly.name 
_pdbx_entity_nonpoly.comp_id 
2 THEOPHYLLINE    TEP 
3 'SODIUM ION'    NA  
4 'MAGNESIUM ION' MG  
5 water           HOH 
# 
loop_
_entity_poly_seq.entity_id 
_entity_poly_seq.num 
_entity_poly_seq.mon_id 
_entity_poly_seq.hetero 
1 1  DG n 
1 2  DC n 
1 3  DG n 
1 4  DG n 
1 5  DT n 
1 6  DG n 
1 7  DG n 
1 8  DT n 
1 9  DC n 
1 10 DT n 
1 11 DA n 
1 12 DT n 
1 13 DT n 
1 14 DC n 
1 15 DA n 
1 16 DT n 
1 17 DA n 
1 18 DG n 
1 19 DG n 
1 20 DC n 
1 21 DG n 
1 22 DT n 
1 23 DC n 
1 24 DC n 
1 25 DG n 
1 26 DC n 
1 27 DC n 
1 28 DG n 
1 29 DC n 
# 
_pdbx_entity_src_syn.entity_id              1 
_pdbx_entity_src_syn.pdbx_src_id            1 
_pdbx_entity_src_syn.pdbx_alt_source_flag   sample 
_pdbx_entity_src_syn.pdbx_beg_seq_num       1 
_pdbx_entity_src_syn.pdbx_end_seq_num       29 
_pdbx_entity_src_syn.organism_scientific    'synthetic construct' 
_pdbx_entity_src_syn.organism_common_name   ? 
_pdbx_entity_src_syn.ncbi_taxonomy_id       32630 
_pdbx_entity_src_syn.details                ? 
# 
loop_
_chem_comp.id 
_chem_comp.type 
_chem_comp.mon_nstd_flag 
_chem_comp.name 
_chem_comp.pdbx_synonyms 
_chem_comp.formula 
_chem_comp.formula_weight 
DA  'DNA linking' y "2'-DEOXYADENOSINE-5'-MONOPHOSPHATE" ? 'C10 H14 N5 O6 P' 331.222 
DC  'DNA linking' y "2'-DEOXYCYTIDINE-5'-MONOPHOSPHATE"  ? 'C9 H14 N3 O7 P'  307.197 
DG  'DNA linking' y "2'-DEOXYGUANOSINE-5'-MONOPHOSPHATE" ? 'C10 H14 N5 O7 P' 347.221 
DT  'DNA linking' y "THYMIDINE-5'-MONOPHOSPHATE"         ? 'C10 H15 N2 O8 P' 322.208 
HOH non-polymer   . WATER                                ? 'H2 O'            18.015  
MG  non-polymer   . 'MAGNESIUM ION'                      ? 'Mg 2'            24.305  
NA  non-polymer   . 'SODIUM ION'                         ? 'Na 1'            22.990  
TEP non-polymer   . THEOPHYLLINE                         ? 'C7 H8 N4 O2'     180.164 
# 
loop_
_pdbx_poly_seq_scheme.asym_id 
_pdbx_poly_seq_scheme.entity_id 
_pdbx_poly_seq_scheme.seq_id 
_pdbx_poly_seq_scheme.mon_id 
_pdbx_poly_seq_scheme.ndb_seq_num 
_pdbx_poly_seq_scheme.pdb_seq_num 
_pdbx_poly_seq_scheme.auth_seq_num 
_pdbx_poly_seq_scheme.pdb_mon_id 
_pdbx_poly_seq_scheme.auth_mon_id 
_pdbx_poly_seq_scheme.pdb_strand_id 
_pdbx_poly_seq_scheme.pdb_ins_code 
_pdbx_poly_seq_scheme.hetero 
A 1 1  DG 1  1  1  DG DG A . n 
A 1 2  DC 2  2  2  DC DC A . n 
A 1 3  DG 3  3  3  DG DG A . n 
A 1 4  DG 4  4  4  DG DG A . n 
A 1 5  DT 5  5  5  DT DT A . n 
A 1 6  DG 6  6  6  DG DG A . n 
A 1 7  DG 7  7  7  DG DG A . n 
A 1 8  DT 8  8  8  DT DT A . n 
A 1 9  DC 9  9  9  DC DC A . n 
A 1 10 DT 10 10 10 DT DT A . n 
A 1 11 DA 11 11 11 DA DA A . n 
A 1 12 DT 12 12 12 DT DT A . n 
A 1 13 DT 13 13 13 DT DT A . n 
A 1 14 DC 14 14 14 DC DC A . n 
A 1 15 DA 15 15 15 DA DA A . n 
A 1 16 DT 16 16 16 DT DT A . n 
A 1 17 DA 17 17 17 DA DA A . n 
A 1 18 DG 18 18 18 DG DG A . n 
A 1 19 DG 19 19 19 DG DG A . n 
A 1 20 DC 20 20 20 DC DC A . n 
A 1 21 DG 21 21 21 DG DG A . n 
A 1 22 DT 22 22 22 DT DT A . n 
A 1 23 DC 23 23 23 DC DC A . n 
A 1 24 DC 24 24 24 DC DC A . n 
A 1 25 DG 25 25 25 DG DG A . n 
A 1 26 DC 26 26 26 DC DC A . n 
A 1 27 DC 27 27 27 DC DC A . n 
A 1 28 DG 28 28 28 DG DG A . n 
A 1 29 DC 29 29 29 DC DC A . n 
# 
_pdbx_entity_instance_feature.ordinal        1 
_pdbx_entity_instance_feature.comp_id        TEP 
_pdbx_entity_instance_feature.asym_id        ? 
_pdbx_entity_instance_feature.seq_num        ? 
_pdbx_entity_instance_feature.auth_comp_id   TEP 
_pdbx_entity_instance_feature.auth_asym_id   ? 
_pdbx_entity_instance_feature.auth_seq_num   ? 
_pdbx_entity_instance_feature.feature_type   'SUBJECT OF INVESTIGATION' 
_pdbx_entity_instance_feature.details        ? 
# 
loop_
_pdbx_nonpoly_scheme.asym_id 
_pdbx_nonpoly_scheme.entity_id 
_pdbx_nonpoly_scheme.mon_id 
_pdbx_nonpoly_scheme.ndb_seq_num 
_pdbx_nonpoly_scheme.pdb_seq_num 
_pdbx_nonpoly_scheme.auth_seq_num 
_pdbx_nonpoly_scheme.pdb_mon_id 
_pdbx_nonpoly_scheme.auth_mon_id 
_pdbx_nonpoly_scheme.pdb_strand_id 
_pdbx_nonpoly_scheme.pdb_ins_code 
B 2 TEP 1  101 101 TEP TEP A . 
C 3 NA  1  102 1   NA  NA  A . 
D 3 NA  1  103 2   NA  NA  A . 
E 3 NA  1  104 3   NA  NA  A . 
F 3 NA  1  105 4   NA  NA  A . 
G 3 NA  1  106 5   NA  NA  A . 
H 4 MG  1  107 1   MG  MG  A . 
I 5 HOH 1  201 43  HOH HOH A . 
I 5 HOH 2  202 63  HOH HOH A . 
I 5 HOH 3  203 80  HOH HOH A . 
I 5 HOH 4  204 76  HOH HOH A . 
I 5 HOH 5  205 81  HOH HOH A . 
I 5 HOH 6  206 58  HOH HOH A . 
I 5 HOH 7  207 24  HOH HOH A . 
I 5 HOH 8  208 75  HOH HOH A . 
I 5 HOH 9  209 64  HOH HOH A . 
I 5 HOH 10 210 47  HOH HOH A . 
I 5 HOH 11 211 57  HOH HOH A . 
I 5 HOH 12 212 39  HOH HOH A . 
I 5 HOH 13 213 8   HOH HOH A . 
I 5 HOH 14 214 9   HOH HOH A . 
I 5 HOH 15 215 28  HOH HOH A . 
I 5 HOH 16 216 17  HOH HOH A . 
I 5 HOH 17 217 77  HOH HOH A . 
I 5 HOH 18 218 42  HOH HOH A . 
I 5 HOH 19 219 19  HOH HOH A . 
I 5 HOH 20 220 82  HOH HOH A . 
I 5 HOH 21 221 74  HOH HOH A . 
I 5 HOH 22 222 20  HOH HOH A . 
I 5 HOH 23 223 49  HOH HOH A . 
I 5 HOH 24 224 31  HOH HOH A . 
I 5 HOH 25 225 73  HOH HOH A . 
I 5 HOH 26 226 32  HOH HOH A . 
I 5 HOH 27 227 18  HOH HOH A . 
I 5 HOH 28 228 37  HOH HOH A . 
I 5 HOH 29 229 61  HOH HOH A . 
I 5 HOH 30 230 26  HOH HOH A . 
I 5 HOH 31 231 30  HOH HOH A . 
I 5 HOH 32 232 14  HOH HOH A . 
I 5 HOH 33 233 13  HOH HOH A . 
I 5 HOH 34 234 3   HOH HOH A . 
I 5 HOH 35 235 41  HOH HOH A . 
I 5 HOH 36 236 16  HOH HOH A . 
I 5 HOH 37 237 7   HOH HOH A . 
I 5 HOH 38 238 6   HOH HOH A . 
I 5 HOH 39 239 15  HOH HOH A . 
I 5 HOH 40 240 1   HOH HOH A . 
I 5 HOH 41 241 5   HOH HOH A . 
I 5 HOH 42 242 48  HOH HOH A . 
I 5 HOH 43 243 53  HOH HOH A . 
I 5 HOH 44 244 2   HOH HOH A . 
I 5 HOH 45 245 23  HOH HOH A . 
I 5 HOH 46 246 45  HOH HOH A . 
I 5 HOH 47 247 27  HOH HOH A . 
I 5 HOH 48 248 10  HOH HOH A . 
I 5 HOH 49 249 33  HOH HOH A . 
I 5 HOH 50 250 66  HOH HOH A . 
I 5 HOH 51 251 40  HOH HOH A . 
I 5 HOH 52 252 56  HOH HOH A . 
I 5 HOH 53 253 38  HOH HOH A . 
I 5 HOH 54 254 34  HOH HOH A . 
I 5 HOH 55 255 50  HOH HOH A . 
I 5 HOH 56 256 22  HOH HOH A . 
I 5 HOH 57 257 44  HOH HOH A . 
I 5 HOH 58 258 78  HOH HOH A . 
I 5 HOH 59 259 62  HOH HOH A . 
I 5 HOH 60 260 60  HOH HOH A . 
I 5 HOH 61 261 59  HOH HOH A . 
I 5 HOH 62 262 21  HOH HOH A . 
I 5 HOH 63 263 51  HOH HOH A . 
I 5 HOH 64 264 79  HOH HOH A . 
I 5 HOH 65 265 71  HOH HOH A . 
I 5 HOH 66 266 4   HOH HOH A . 
I 5 HOH 67 267 67  HOH HOH A . 
I 5 HOH 68 268 69  HOH HOH A . 
I 5 HOH 69 269 52  HOH HOH A . 
I 5 HOH 70 270 68  HOH HOH A . 
I 5 HOH 71 271 29  HOH HOH A . 
I 5 HOH 72 272 25  HOH HOH A . 
I 5 HOH 73 273 55  HOH HOH A . 
I 5 HOH 74 274 12  HOH HOH A . 
I 5 HOH 75 275 36  HOH HOH A . 
I 5 HOH 76 276 83  HOH HOH A . 
I 5 HOH 77 277 72  HOH HOH A . 
I 5 HOH 78 278 11  HOH HOH A . 
I 5 HOH 79 279 46  HOH HOH A . 
I 5 HOH 80 280 35  HOH HOH A . 
I 5 HOH 81 281 65  HOH HOH A . 
I 5 HOH 82 282 70  HOH HOH A . 
I 5 HOH 83 283 54  HOH HOH A . 
# 
loop_
_software.citation_id 
_software.classification 
_software.compiler_name 
_software.compiler_version 
_software.contact_author 
_software.contact_author_email 
_software.date 
_software.description 
_software.dependencies 
_software.hardware 
_software.language 
_software.location 
_software.mods 
_software.name 
_software.os 
_software.os_version 
_software.type 
_software.version 
_software.pdbx_ordinal 
? refinement       ? ? ? ? ? ? ? ? ? ? ? PHENIX  ? ? ? 1.20.1_4487 1 
? refinement       ? ? ? ? ? ? ? ? ? ? ? PHENIX  ? ? ? 1.20.1_4487 2 
? 'data reduction' ? ? ? ? ? ? ? ? ? ? ? XDS     ? ? ? .           3 
? 'data scaling'   ? ? ? ? ? ? ? ? ? ? ? Aimless ? ? ? .           4 
? phasing          ? ? ? ? ? ? ? ? ? ? ? PHASER  ? ? ? .           5 
# 
_cell.angle_alpha                  90.000 
_cell.angle_alpha_esd              ? 
_cell.angle_beta                   90.000 
_cell.angle_beta_esd               ? 
_cell.angle_gamma                  120.000 
_cell.angle_gamma_esd              ? 
_cell.entry_id                     8K0W 
_cell.details                      ? 
_cell.formula_units_Z              ? 
_cell.length_a                     50.117 
_cell.length_a_esd                 ? 
_cell.length_b                     50.117 
_cell.length_b_esd                 ? 
_cell.length_c                     50.810 
_cell.length_c_esd                 ? 
_cell.volume                       110522.311 
_cell.volume_esd                   ? 
_cell.Z_PDB                        6 
_cell.reciprocal_angle_alpha       ? 
_cell.reciprocal_angle_beta        ? 
_cell.reciprocal_angle_gamma       ? 
_cell.reciprocal_angle_alpha_esd   ? 
_cell.reciprocal_angle_beta_esd    ? 
_cell.reciprocal_angle_gamma_esd   ? 
_cell.reciprocal_length_a          ? 
_cell.reciprocal_length_b          ? 
_cell.reciprocal_length_c          ? 
_cell.reciprocal_length_a_esd      ? 
_cell.reciprocal_length_b_esd      ? 
_cell.reciprocal_length_c_esd      ? 
_cell.pdbx_unique_axis             ? 
_cell.pdbx_esd_method              ? 
# 
_symmetry.entry_id                         8K0W 
_symmetry.cell_setting                     ? 
_symmetry.Int_Tables_number                154 
_symmetry.space_group_name_Hall            
;P 32 2"
;
_symmetry.space_group_name_H-M             'P 32 2 1' 
_symmetry.pdbx_full_space_group_name_H-M   ? 
# 
_exptl.absorpt_coefficient_mu     ? 
_exptl.absorpt_correction_T_max   ? 
_exptl.absorpt_correction_T_min   ? 
_exptl.absorpt_correction_type    ? 
_exptl.absorpt_process_details    ? 
_exptl.entry_id                   8K0W 
_exptl.crystals_number            1 
_exptl.details                    ? 
_exptl.method                     'X-RAY DIFFRACTION' 
_exptl.method_details             ? 
# 
_exptl_crystal.colour                       ? 
_exptl_crystal.density_diffrn               ? 
_exptl_crystal.density_Matthews             2.07 
_exptl_crystal.density_method               ? 
_exptl_crystal.density_percent_sol          40.45 
_exptl_crystal.description                  ? 
_exptl_crystal.F_000                        ? 
_exptl_crystal.id                           1 
_exptl_crystal.preparation                  ? 
_exptl_crystal.size_max                     ? 
_exptl_crystal.size_mid                     ? 
_exptl_crystal.size_min                     ? 
_exptl_crystal.size_rad                     ? 
_exptl_crystal.colour_lustre                ? 
_exptl_crystal.colour_modifier              ? 
_exptl_crystal.colour_primary               ? 
_exptl_crystal.density_meas                 ? 
_exptl_crystal.density_meas_esd             ? 
_exptl_crystal.density_meas_gt              ? 
_exptl_crystal.density_meas_lt              ? 
_exptl_crystal.density_meas_temp            ? 
_exptl_crystal.density_meas_temp_esd        ? 
_exptl_crystal.density_meas_temp_gt         ? 
_exptl_crystal.density_meas_temp_lt         ? 
_exptl_crystal.pdbx_crystal_image_url       ? 
_exptl_crystal.pdbx_crystal_image_format    ? 
_exptl_crystal.pdbx_mosaicity               ? 
_exptl_crystal.pdbx_mosaicity_esd           ? 
_exptl_crystal.pdbx_mosaic_method           ? 
_exptl_crystal.pdbx_mosaic_block_size       ? 
_exptl_crystal.pdbx_mosaic_block_size_esd   ? 
# 
_exptl_crystal_grow.apparatus       ? 
_exptl_crystal_grow.atmosphere      ? 
_exptl_crystal_grow.crystal_id      1 
_exptl_crystal_grow.details         ? 
_exptl_crystal_grow.method          'VAPOR DIFFUSION, HANGING DROP' 
_exptl_crystal_grow.method_ref      ? 
_exptl_crystal_grow.pH              8.0 
_exptl_crystal_grow.pressure        ? 
_exptl_crystal_grow.pressure_esd    ? 
_exptl_crystal_grow.seeding         ? 
_exptl_crystal_grow.seeding_ref     ? 
_exptl_crystal_grow.temp_details    ? 
_exptl_crystal_grow.temp_esd        ? 
_exptl_crystal_grow.time            ? 
_exptl_crystal_grow.pdbx_details    
;0.2 M Calcium chloride dihydrate
24% v/v Polyethylene glycol 400
40mM Barium Chloride
;
_exptl_crystal_grow.pdbx_pH_range   ? 
_exptl_crystal_grow.temp            291 
# 
_diffrn.ambient_environment              ? 
_diffrn.ambient_temp                     100 
_diffrn.ambient_temp_details             ? 
_diffrn.ambient_temp_esd                 ? 
_diffrn.crystal_id                       1 
_diffrn.crystal_support                  ? 
_diffrn.crystal_treatment                ? 
_diffrn.details                          ? 
_diffrn.id                               1 
_diffrn.ambient_pressure                 ? 
_diffrn.ambient_pressure_esd             ? 
_diffrn.ambient_pressure_gt              ? 
_diffrn.ambient_pressure_lt              ? 
_diffrn.ambient_temp_gt                  ? 
_diffrn.ambient_temp_lt                  ? 
_diffrn.pdbx_serial_crystal_experiment   N 
# 
_diffrn_detector.details                      ? 
_diffrn_detector.detector                     PIXEL 
_diffrn_detector.diffrn_id                    1 
_diffrn_detector.type                         'DECTRIS PILATUS3 6M' 
_diffrn_detector.area_resol_mean              ? 
_diffrn_detector.dtime                        ? 
_diffrn_detector.pdbx_frames_total            ? 
_diffrn_detector.pdbx_collection_time_total   ? 
_diffrn_detector.pdbx_collection_date         2023-03-25 
_diffrn_detector.pdbx_frequency               ? 
_diffrn_detector.id                           ? 
_diffrn_detector.number_of_axes               ? 
# 
_diffrn_radiation.collimation                      ? 
_diffrn_radiation.diffrn_id                        1 
_diffrn_radiation.filter_edge                      ? 
_diffrn_radiation.inhomogeneity                    ? 
_diffrn_radiation.monochromator                    ? 
_diffrn_radiation.polarisn_norm                    ? 
_diffrn_radiation.polarisn_ratio                   ? 
_diffrn_radiation.probe                            ? 
_diffrn_radiation.type                             ? 
_diffrn_radiation.xray_symbol                      ? 
_diffrn_radiation.wavelength_id                    1 
_diffrn_radiation.pdbx_monochromatic_or_laue_m_l   M 
_diffrn_radiation.pdbx_wavelength_list             ? 
_diffrn_radiation.pdbx_wavelength                  ? 
_diffrn_radiation.pdbx_diffrn_protocol             'SINGLE WAVELENGTH' 
_diffrn_radiation.pdbx_analyzer                    ? 
_diffrn_radiation.pdbx_scattering_type             x-ray 
# 
_diffrn_radiation_wavelength.id           1 
_diffrn_radiation_wavelength.wavelength   0.97853 
_diffrn_radiation_wavelength.wt           1.0 
# 
_diffrn_source.current                     ? 
_diffrn_source.details                     ? 
_diffrn_source.diffrn_id                   1 
_diffrn_source.power                       ? 
_diffrn_source.size                        ? 
_diffrn_source.source                      SYNCHROTRON 
_diffrn_source.target                      ? 
_diffrn_source.type                        'SSRF BEAMLINE BL19U1' 
_diffrn_source.voltage                     ? 
_diffrn_source.take-off_angle              ? 
_diffrn_source.pdbx_wavelength_list        0.97853 
_diffrn_source.pdbx_wavelength             ? 
_diffrn_source.pdbx_synchrotron_beamline   BL19U1 
_diffrn_source.pdbx_synchrotron_site       SSRF 
# 
_reflns.B_iso_Wilson_estimate                          18.70 
_reflns.entry_id                                       8K0W 
_reflns.data_reduction_details                         ? 
_reflns.data_reduction_method                          ? 
_reflns.d_resolution_high                              1.42 
_reflns.d_resolution_low                               43.40 
_reflns.details                                        ? 
_reflns.limit_h_max                                    ? 
_reflns.limit_h_min                                    ? 
_reflns.limit_k_max                                    ? 
_reflns.limit_k_min                                    ? 
_reflns.limit_l_max                                    ? 
_reflns.limit_l_min                                    ? 
_reflns.number_all                                     ? 
_reflns.number_obs                                     14214 
_reflns.observed_criterion                             ? 
_reflns.observed_criterion_F_max                       ? 
_reflns.observed_criterion_F_min                       ? 
_reflns.observed_criterion_I_max                       ? 
_reflns.observed_criterion_I_min                       ? 
_reflns.observed_criterion_sigma_F                     ? 
_reflns.observed_criterion_sigma_I                     ? 
_reflns.percent_possible_obs                           100.0 
_reflns.R_free_details                                 ? 
_reflns.Rmerge_F_all                                   ? 
_reflns.Rmerge_F_obs                                   ? 
_reflns.Friedel_coverage                               ? 
_reflns.number_gt                                      ? 
_reflns.threshold_expression                           ? 
_reflns.pdbx_redundancy                                37.1 
_reflns.pdbx_netI_over_av_sigmaI                       ? 
_reflns.pdbx_netI_over_sigmaI                          24.8 
_reflns.pdbx_res_netI_over_av_sigmaI_2                 ? 
_reflns.pdbx_res_netI_over_sigmaI_2                    ? 
_reflns.pdbx_chi_squared                               ? 
_reflns.pdbx_scaling_rejects                           ? 
_reflns.pdbx_d_res_high_opt                            ? 
_reflns.pdbx_d_res_low_opt                             ? 
_reflns.pdbx_d_res_opt_method                          ? 
_reflns.phase_calculation_details                      ? 
_reflns.pdbx_Rrim_I_all                                ? 
_reflns.pdbx_Rpim_I_all                                ? 
_reflns.pdbx_d_opt                                     ? 
_reflns.pdbx_number_measured_all                       ? 
_reflns.pdbx_diffrn_id                                 1 
_reflns.pdbx_ordinal                                   1 
_reflns.pdbx_CC_half                                   1.000 
_reflns.pdbx_CC_star                                   ? 
_reflns.pdbx_R_split                                   ? 
_reflns.pdbx_Rmerge_I_obs                              ? 
_reflns.pdbx_Rmerge_I_all                              ? 
_reflns.pdbx_Rsym_value                                ? 
_reflns.pdbx_CC_split_method                           ? 
_reflns.pdbx_aniso_diffraction_limit_axis_1_ortho[1]   ? 
_reflns.pdbx_aniso_diffraction_limit_axis_1_ortho[2]   ? 
_reflns.pdbx_aniso_diffraction_limit_axis_1_ortho[3]   ? 
_reflns.pdbx_aniso_diffraction_limit_axis_2_ortho[1]   ? 
_reflns.pdbx_aniso_diffraction_limit_axis_2_ortho[2]   ? 
_reflns.pdbx_aniso_diffraction_limit_axis_2_ortho[3]   ? 
_reflns.pdbx_aniso_diffraction_limit_axis_3_ortho[1]   ? 
_reflns.pdbx_aniso_diffraction_limit_axis_3_ortho[2]   ? 
_reflns.pdbx_aniso_diffraction_limit_axis_3_ortho[3]   ? 
_reflns.pdbx_aniso_diffraction_limit_1                 ? 
_reflns.pdbx_aniso_diffraction_limit_2                 ? 
_reflns.pdbx_aniso_diffraction_limit_3                 ? 
_reflns.pdbx_aniso_B_tensor_eigenvector_1_ortho[1]     ? 
_reflns.pdbx_aniso_B_tensor_eigenvector_1_ortho[2]     ? 
_reflns.pdbx_aniso_B_tensor_eigenvector_1_ortho[3]     ? 
_reflns.pdbx_aniso_B_tensor_eigenvector_2_ortho[1]     ? 
_reflns.pdbx_aniso_B_tensor_eigenvector_2_ortho[2]     ? 
_reflns.pdbx_aniso_B_tensor_eigenvector_2_ortho[3]     ? 
_reflns.pdbx_aniso_B_tensor_eigenvector_3_ortho[1]     ? 
_reflns.pdbx_aniso_B_tensor_eigenvector_3_ortho[2]     ? 
_reflns.pdbx_aniso_B_tensor_eigenvector_3_ortho[3]     ? 
_reflns.pdbx_aniso_B_tensor_eigenvalue_1               ? 
_reflns.pdbx_aniso_B_tensor_eigenvalue_2               ? 
_reflns.pdbx_aniso_B_tensor_eigenvalue_3               ? 
_reflns.pdbx_orthogonalization_convention              ? 
_reflns.pdbx_percent_possible_ellipsoidal              ? 
_reflns.pdbx_percent_possible_spherical                ? 
_reflns.pdbx_percent_possible_ellipsoidal_anomalous    ? 
_reflns.pdbx_percent_possible_spherical_anomalous      ? 
_reflns.pdbx_redundancy_anomalous                      ? 
_reflns.pdbx_CC_half_anomalous                         ? 
_reflns.pdbx_absDiff_over_sigma_anomalous              ? 
_reflns.pdbx_percent_possible_anomalous                ? 
_reflns.pdbx_observed_signal_threshold                 ? 
_reflns.pdbx_signal_type                               ? 
_reflns.pdbx_signal_details                            ? 
_reflns.pdbx_signal_software_id                        ? 
# 
_reflns_shell.d_res_high                                    1.42 
_reflns_shell.d_res_low                                     1.50 
_reflns_shell.meanI_over_sigI_all                           ? 
_reflns_shell.meanI_over_sigI_obs                           ? 
_reflns_shell.number_measured_all                           ? 
_reflns_shell.number_measured_obs                           ? 
_reflns_shell.number_possible                               ? 
_reflns_shell.number_unique_all                             ? 
_reflns_shell.number_unique_obs                             2034 
_reflns_shell.percent_possible_obs                          ? 
_reflns_shell.Rmerge_F_all                                  ? 
_reflns_shell.Rmerge_F_obs                                  ? 
_reflns_shell.meanI_over_sigI_gt                            ? 
_reflns_shell.meanI_over_uI_all                             ? 
_reflns_shell.meanI_over_uI_gt                              ? 
_reflns_shell.number_measured_gt                            ? 
_reflns_shell.number_unique_gt                              ? 
_reflns_shell.percent_possible_gt                           ? 
_reflns_shell.Rmerge_F_gt                                   ? 
_reflns_shell.Rmerge_I_gt                                   ? 
_reflns_shell.pdbx_redundancy                               ? 
_reflns_shell.pdbx_chi_squared                              ? 
_reflns_shell.pdbx_netI_over_sigmaI_all                     ? 
_reflns_shell.pdbx_netI_over_sigmaI_obs                     ? 
_reflns_shell.pdbx_Rrim_I_all                               ? 
_reflns_shell.pdbx_Rpim_I_all                               ? 
_reflns_shell.pdbx_rejects                                  ? 
_reflns_shell.pdbx_ordinal                                  1 
_reflns_shell.pdbx_diffrn_id                                1 
_reflns_shell.pdbx_CC_half                                  0.933 
_reflns_shell.pdbx_CC_star                                  ? 
_reflns_shell.pdbx_R_split                                  ? 
_reflns_shell.percent_possible_all                          ? 
_reflns_shell.Rmerge_I_all                                  ? 
_reflns_shell.Rmerge_I_obs                                  ? 
_reflns_shell.pdbx_Rsym_value                               ? 
_reflns_shell.pdbx_percent_possible_ellipsoidal             ? 
_reflns_shell.pdbx_percent_possible_spherical               ? 
_reflns_shell.pdbx_percent_possible_ellipsoidal_anomalous   ? 
_reflns_shell.pdbx_percent_possible_spherical_anomalous     ? 
_reflns_shell.pdbx_redundancy_anomalous                     ? 
_reflns_shell.pdbx_CC_half_anomalous                        ? 
_reflns_shell.pdbx_absDiff_over_sigma_anomalous             ? 
_reflns_shell.pdbx_percent_possible_anomalous               ? 
# 
_refine.aniso_B[1][1]                            ? 
_refine.aniso_B[1][2]                            ? 
_refine.aniso_B[1][3]                            ? 
_refine.aniso_B[2][2]                            ? 
_refine.aniso_B[2][3]                            ? 
_refine.aniso_B[3][3]                            ? 
_refine.B_iso_max                                ? 
_refine.B_iso_mean                               27.67 
_refine.B_iso_min                                ? 
_refine.correlation_coeff_Fo_to_Fc               ? 
_refine.correlation_coeff_Fo_to_Fc_free          ? 
_refine.details                                  ? 
_refine.diff_density_max                         ? 
_refine.diff_density_max_esd                     ? 
_refine.diff_density_min                         ? 
_refine.diff_density_min_esd                     ? 
_refine.diff_density_rms                         ? 
_refine.diff_density_rms_esd                     ? 
_refine.entry_id                                 8K0W 
_refine.pdbx_refine_id                           'X-RAY DIFFRACTION' 
_refine.ls_abs_structure_details                 ? 
_refine.ls_abs_structure_Flack                   ? 
_refine.ls_abs_structure_Flack_esd               ? 
_refine.ls_abs_structure_Rogers                  ? 
_refine.ls_abs_structure_Rogers_esd              ? 
_refine.ls_d_res_high                            1.42 
_refine.ls_d_res_low                             25.06 
_refine.ls_extinction_coef                       ? 
_refine.ls_extinction_coef_esd                   ? 
_refine.ls_extinction_expression                 ? 
_refine.ls_extinction_method                     ? 
_refine.ls_goodness_of_fit_all                   ? 
_refine.ls_goodness_of_fit_all_esd               ? 
_refine.ls_goodness_of_fit_obs                   ? 
_refine.ls_goodness_of_fit_obs_esd               ? 
_refine.ls_hydrogen_treatment                    ? 
_refine.ls_matrix_type                           ? 
_refine.ls_number_constraints                    ? 
_refine.ls_number_parameters                     ? 
_refine.ls_number_reflns_all                     ? 
_refine.ls_number_reflns_obs                     14132 
_refine.ls_number_reflns_R_free                  712 
_refine.ls_number_reflns_R_work                  13420 
_refine.ls_number_restraints                     ? 
_refine.ls_percent_reflns_obs                    99.57 
_refine.ls_percent_reflns_R_free                 5.04 
_refine.ls_R_factor_all                          ? 
_refine.ls_R_factor_obs                          0.2088 
_refine.ls_R_factor_R_free                       0.2224 
_refine.ls_R_factor_R_free_error                 ? 
_refine.ls_R_factor_R_free_error_details         ? 
_refine.ls_R_factor_R_work                       0.2081 
_refine.ls_R_Fsqd_factor_obs                     ? 
_refine.ls_R_I_factor_obs                        ? 
_refine.ls_redundancy_reflns_all                 ? 
_refine.ls_redundancy_reflns_obs                 ? 
_refine.ls_restrained_S_all                      ? 
_refine.ls_restrained_S_obs                      ? 
_refine.ls_shift_over_esd_max                    ? 
_refine.ls_shift_over_esd_mean                   ? 
_refine.ls_structure_factor_coef                 ? 
_refine.ls_weighting_details                     ? 
_refine.ls_weighting_scheme                      ? 
_refine.ls_wR_factor_all                         ? 
_refine.ls_wR_factor_obs                         ? 
_refine.ls_wR_factor_R_free                      ? 
_refine.ls_wR_factor_R_work                      ? 
_refine.occupancy_max                            ? 
_refine.occupancy_min                            ? 
_refine.solvent_model_details                    'FLAT BULK SOLVENT MODEL' 
_refine.solvent_model_param_bsol                 ? 
_refine.solvent_model_param_ksol                 ? 
_refine.pdbx_R_complete                          ? 
_refine.ls_R_factor_gt                           ? 
_refine.ls_goodness_of_fit_gt                    ? 
_refine.ls_goodness_of_fit_ref                   ? 
_refine.ls_shift_over_su_max                     ? 
_refine.ls_shift_over_su_max_lt                  ? 
_refine.ls_shift_over_su_mean                    ? 
_refine.ls_shift_over_su_mean_lt                 ? 
_refine.pdbx_ls_sigma_I                          ? 
_refine.pdbx_ls_sigma_F                          1.36 
_refine.pdbx_ls_sigma_Fsqd                       ? 
_refine.pdbx_data_cutoff_high_absF               ? 
_refine.pdbx_data_cutoff_high_rms_absF           ? 
_refine.pdbx_data_cutoff_low_absF                ? 
_refine.pdbx_isotropic_thermal_model             ? 
_refine.pdbx_ls_cross_valid_method               'FREE R-VALUE' 
_refine.pdbx_method_to_determine_struct          'MOLECULAR REPLACEMENT' 
_refine.pdbx_starting_model                      ? 
_refine.pdbx_stereochemistry_target_values       'GeoStd + Monomer Library + CDL v1.2' 
_refine.pdbx_R_Free_selection_details            ? 
_refine.pdbx_stereochem_target_val_spec_case     ? 
_refine.pdbx_overall_ESU_R                       ? 
_refine.pdbx_overall_ESU_R_Free                  ? 
_refine.pdbx_solvent_vdw_probe_radii             1.1000 
_refine.pdbx_solvent_ion_probe_radii             ? 
_refine.pdbx_solvent_shrinkage_radii             0.9000 
_refine.pdbx_real_space_R                        ? 
_refine.pdbx_density_correlation                 ? 
_refine.pdbx_pd_number_of_powder_patterns        ? 
_refine.pdbx_pd_number_of_points                 ? 
_refine.pdbx_pd_meas_number_of_points            ? 
_refine.pdbx_pd_proc_ls_prof_R_factor            ? 
_refine.pdbx_pd_proc_ls_prof_wR_factor           ? 
_refine.pdbx_pd_Marquardt_correlation_coeff      ? 
_refine.pdbx_pd_Fsqrd_R_factor                   ? 
_refine.pdbx_pd_ls_matrix_band_width             ? 
_refine.pdbx_overall_phase_error                 34.0315 
_refine.pdbx_overall_SU_R_free_Cruickshank_DPI   ? 
_refine.pdbx_overall_SU_R_free_Blow_DPI          ? 
_refine.pdbx_overall_SU_R_Blow_DPI               ? 
_refine.pdbx_TLS_residual_ADP_flag               ? 
_refine.pdbx_diffrn_id                           1 
_refine.overall_SU_B                             ? 
_refine.overall_SU_ML                            0.1471 
_refine.overall_SU_R_Cruickshank_DPI             ? 
_refine.overall_SU_R_free                        ? 
_refine.overall_FOM_free_R_set                   ? 
_refine.overall_FOM_work_R_set                   ? 
_refine.pdbx_average_fsc_overall                 ? 
_refine.pdbx_average_fsc_work                    ? 
_refine.pdbx_average_fsc_free                    ? 
# 
_refine_hist.pdbx_refine_id                   'X-RAY DIFFRACTION' 
_refine_hist.cycle_id                         LAST 
_refine_hist.details                          ? 
_refine_hist.d_res_high                       1.42 
_refine_hist.d_res_low                        25.06 
_refine_hist.number_atoms_solvent             83 
_refine_hist.number_atoms_total               693 
_refine_hist.number_reflns_all                ? 
_refine_hist.number_reflns_obs                ? 
_refine_hist.number_reflns_R_free             ? 
_refine_hist.number_reflns_R_work             ? 
_refine_hist.R_factor_all                     ? 
_refine_hist.R_factor_obs                     ? 
_refine_hist.R_factor_R_free                  ? 
_refine_hist.R_factor_R_work                  ? 
_refine_hist.pdbx_number_residues_total       ? 
_refine_hist.pdbx_B_iso_mean_ligand           ? 
_refine_hist.pdbx_B_iso_mean_solvent          ? 
_refine_hist.pdbx_number_atoms_protein        0 
_refine_hist.pdbx_number_atoms_nucleic_acid   591 
_refine_hist.pdbx_number_atoms_ligand         19 
_refine_hist.pdbx_number_atoms_lipid          ? 
_refine_hist.pdbx_number_atoms_carb           ? 
_refine_hist.pdbx_pseudo_atom_details         ? 
# 
loop_
_refine_ls_restr.pdbx_refine_id 
_refine_ls_restr.criterion 
_refine_ls_restr.dev_ideal 
_refine_ls_restr.dev_ideal_target 
_refine_ls_restr.number 
_refine_ls_restr.rejects 
_refine_ls_restr.type 
_refine_ls_restr.weight 
_refine_ls_restr.pdbx_restraint_function 
'X-RAY DIFFRACTION' ? 0.0145  ? 675  ? f_bond_d           ? ? 
'X-RAY DIFFRACTION' ? 1.7211  ? 1040 ? f_angle_d          ? ? 
'X-RAY DIFFRACTION' ? 0.0783  ? 115  ? f_chiral_restr     ? ? 
'X-RAY DIFFRACTION' ? 0.0182  ? 30   ? f_plane_restr      ? ? 
'X-RAY DIFFRACTION' ? 32.4649 ? 286  ? f_dihedral_angle_d ? ? 
# 
loop_
_refine_ls_shell.pdbx_refine_id 
_refine_ls_shell.d_res_high 
_refine_ls_shell.d_res_low 
_refine_ls_shell.number_reflns_all 
_refine_ls_shell.number_reflns_obs 
_refine_ls_shell.number_reflns_R_free 
_refine_ls_shell.number_reflns_R_work 
_refine_ls_shell.percent_reflns_obs 
_refine_ls_shell.percent_reflns_R_free 
_refine_ls_shell.R_factor_all 
_refine_ls_shell.R_factor_obs 
_refine_ls_shell.R_factor_R_free_error 
_refine_ls_shell.R_factor_R_work 
_refine_ls_shell.redundancy_reflns_all 
_refine_ls_shell.redundancy_reflns_obs 
_refine_ls_shell.wR_factor_all 
_refine_ls_shell.wR_factor_obs 
_refine_ls_shell.wR_factor_R_free 
_refine_ls_shell.wR_factor_R_work 
_refine_ls_shell.pdbx_R_complete 
_refine_ls_shell.pdbx_total_number_of_bins_used 
_refine_ls_shell.pdbx_phase_error 
_refine_ls_shell.pdbx_fsc_work 
_refine_ls_shell.pdbx_fsc_free 
_refine_ls_shell.R_factor_R_free 
'X-RAY DIFFRACTION' 1.42 1.53  . . 139 2620 99.57 . . . . 0.2700 . . . . . . . . . . . 0.2925 
'X-RAY DIFFRACTION' 1.53 1.69  . . 136 2660 99.33 . . . . 0.2298 . . . . . . . . . . . 0.2583 
'X-RAY DIFFRACTION' 1.69 1.93  . . 139 2666 99.43 . . . . 0.2523 . . . . . . . . . . . 0.2593 
'X-RAY DIFFRACTION' 1.93 2.44  . . 147 2678 99.93 . . . . 0.2574 . . . . . . . . . . . 0.2776 
'X-RAY DIFFRACTION' 2.44 25.06 . . 151 2796 99.59 . . . . 0.1741 . . . . . . . . . . . 0.1854 
# 
_struct.entry_id                     8K0W 
_struct.title                        'Crystal structure of theophylline DNA aptamer bound to theophylline, soaked in Selenourea' 
_struct.pdbx_model_details           ? 
_struct.pdbx_formula_weight          ? 
_struct.pdbx_formula_weight_method   ? 
_struct.pdbx_model_type_details      ? 
_struct.pdbx_CASP_flag               N 
# 
_struct_keywords.entry_id        8K0W 
_struct_keywords.text            'Aptamer, Theophylline, DNA' 
_struct_keywords.pdbx_keywords   DNA 
# 
loop_
_struct_asym.id 
_struct_asym.pdbx_blank_PDB_chainid_flag 
_struct_asym.pdbx_modified 
_struct_asym.entity_id 
_struct_asym.details 
A N N 1 ? 
B N N 2 ? 
C N N 3 ? 
D N N 3 ? 
E N N 3 ? 
F N N 3 ? 
G N N 3 ? 
H N N 4 ? 
I N N 5 ? 
# 
_struct_ref.id                         1 
_struct_ref.db_name                    PDB 
_struct_ref.db_code                    8K0W 
_struct_ref.pdbx_db_accession          8K0W 
_struct_ref.pdbx_db_isoform            ? 
_struct_ref.entity_id                  1 
_struct_ref.pdbx_seq_one_letter_code   ? 
_struct_ref.pdbx_align_begin           1 
# 
_struct_ref_seq.align_id                      1 
_struct_ref_seq.ref_id                        1 
_struct_ref_seq.pdbx_PDB_id_code              8K0W 
_struct_ref_seq.pdbx_strand_id                A 
_struct_ref_seq.seq_align_beg                 1 
_struct_ref_seq.pdbx_seq_align_beg_ins_code   ? 
_struct_ref_seq.seq_align_end                 29 
_struct_ref_seq.pdbx_seq_align_end_ins_code   ? 
_struct_ref_seq.pdbx_db_accession             8K0W 
_struct_ref_seq.db_align_beg                  1 
_struct_ref_seq.pdbx_db_align_beg_ins_code    ? 
_struct_ref_seq.db_align_end                  29 
_struct_ref_seq.pdbx_db_align_end_ins_code    ? 
_struct_ref_seq.pdbx_auth_seq_align_beg       1 
_struct_ref_seq.pdbx_auth_seq_align_end       29 
# 
_pdbx_struct_assembly.id                   1 
_pdbx_struct_assembly.details              author_and_software_defined_assembly 
_pdbx_struct_assembly.method_details       PISA 
_pdbx_struct_assembly.oligomeric_details   monomeric 
_pdbx_struct_assembly.oligomeric_count     1 
# 
loop_
_pdbx_struct_assembly_prop.biol_id 
_pdbx_struct_assembly_prop.type 
_pdbx_struct_assembly_prop.value 
_pdbx_struct_assembly_prop.details 
1 'ABSA (A^2)' 120  ? 
1 MORE         -9   ? 
1 'SSA (A^2)'  4980 ? 
# 
_pdbx_struct_assembly_gen.assembly_id       1 
_pdbx_struct_assembly_gen.oper_expression   1 
_pdbx_struct_assembly_gen.asym_id_list      A,B,C,D,E,F,G,H,I 
# 
_pdbx_struct_assembly_auth_evidence.id                     1 
_pdbx_struct_assembly_auth_evidence.assembly_id            1 
_pdbx_struct_assembly_auth_evidence.experimental_support   none 
_pdbx_struct_assembly_auth_evidence.details                ? 
# 
_pdbx_struct_oper_list.id                   1 
_pdbx_struct_oper_list.type                 'identity operation' 
_pdbx_struct_oper_list.name                 1_555 
_pdbx_struct_oper_list.symmetry_operation   x,y,z 
_pdbx_struct_oper_list.matrix[1][1]         1.0000000000 
_pdbx_struct_oper_list.matrix[1][2]         0.0000000000 
_pdbx_struct_oper_list.matrix[1][3]         0.0000000000 
_pdbx_struct_oper_list.vector[1]            0.0000000000 
_pdbx_struct_oper_list.matrix[2][1]         0.0000000000 
_pdbx_struct_oper_list.matrix[2][2]         1.0000000000 
_pdbx_struct_oper_list.matrix[2][3]         0.0000000000 
_pdbx_struct_oper_list.vector[2]            0.0000000000 
_pdbx_struct_oper_list.matrix[3][1]         0.0000000000 
_pdbx_struct_oper_list.matrix[3][2]         0.0000000000 
_pdbx_struct_oper_list.matrix[3][3]         1.0000000000 
_pdbx_struct_oper_list.vector[3]            0.0000000000 
# 
loop_
_struct_conn.id 
_struct_conn.conn_type_id 
_struct_conn.pdbx_leaving_atom_flag 
_struct_conn.pdbx_PDB_id 
_struct_conn.ptnr1_label_asym_id 
_struct_conn.ptnr1_label_comp_id 
_struct_conn.ptnr1_label_seq_id 
_struct_conn.ptnr1_label_atom_id 
_struct_conn.pdbx_ptnr1_label_alt_id 
_struct_conn.pdbx_ptnr1_PDB_ins_code 
_struct_conn.pdbx_ptnr1_standard_comp_id 
_struct_conn.ptnr1_symmetry 
_struct_conn.ptnr2_label_asym_id 
_struct_conn.ptnr2_label_comp_id 
_struct_conn.ptnr2_label_seq_id 
_struct_conn.ptnr2_label_atom_id 
_struct_conn.pdbx_ptnr2_label_alt_id 
_struct_conn.pdbx_ptnr2_PDB_ins_code 
_struct_conn.ptnr1_auth_asym_id 
_struct_conn.ptnr1_auth_comp_id 
_struct_conn.ptnr1_auth_seq_id 
_struct_conn.ptnr2_auth_asym_id 
_struct_conn.ptnr2_auth_comp_id 
_struct_conn.ptnr2_auth_seq_id 
_struct_conn.ptnr2_symmetry 
_struct_conn.pdbx_ptnr3_label_atom_id 
_struct_conn.pdbx_ptnr3_label_seq_id 
_struct_conn.pdbx_ptnr3_label_comp_id 
_struct_conn.pdbx_ptnr3_label_asym_id 
_struct_conn.pdbx_ptnr3_label_alt_id 
_struct_conn.pdbx_ptnr3_PDB_ins_code 
_struct_conn.details 
_struct_conn.pdbx_dist_value 
_struct_conn.pdbx_value_order 
_struct_conn.pdbx_role 
metalc1  metalc ? ? A DG 4  O6  ? ? ? 1_555 D NA  .  NA ? ? A DG 4   A NA  103 1_555 ? ? ? ? ? ? ?            2.639 ? ? 
metalc2  metalc ? ? A DA 15 OP1 ? ? ? 1_555 F NA  .  NA ? ? A DA 15  A NA  105 1_555 ? ? ? ? ? ? ?            2.718 ? ? 
metalc3  metalc ? ? A DA 17 OP1 ? ? ? 1_555 C NA  .  NA ? ? A DA 17  A NA  102 3_655 ? ? ? ? ? ? ?            2.314 ? ? 
metalc4  metalc ? ? A DG 21 OP1 ? ? ? 1_555 C NA  .  NA ? ? A DG 21  A NA  102 1_555 ? ? ? ? ? ? ?            2.168 ? ? 
metalc5  metalc ? ? A DT 22 OP2 ? ? ? 1_555 C NA  .  NA ? ? A DT 22  A NA  102 1_555 ? ? ? ? ? ? ?            2.216 ? ? 
metalc6  metalc ? ? C NA .  NA  ? ? ? 1_555 I HOH .  O  ? ? A NA 102 A HOH 238 1_555 ? ? ? ? ? ? ?            2.380 ? ? 
metalc7  metalc ? ? C NA .  NA  ? ? ? 1_555 I HOH .  O  ? ? A NA 102 A HOH 244 2_544 ? ? ? ? ? ? ?            2.299 ? ? 
metalc8  metalc ? ? C NA .  NA  ? ? ? 1_555 I HOH .  O  ? ? A NA 102 A HOH 253 1_555 ? ? ? ? ? ? ?            2.100 ? ? 
metalc9  metalc ? ? D NA .  NA  ? ? ? 1_555 I HOH .  O  ? ? A NA 103 A HOH 225 6_554 ? ? ? ? ? ? ?            2.469 ? ? 
metalc10 metalc ? ? D NA .  NA  ? ? ? 1_555 I HOH .  O  ? ? A NA 103 A HOH 242 1_555 ? ? ? ? ? ? ?            2.871 ? ? 
metalc11 metalc ? ? D NA .  NA  ? ? ? 1_555 I HOH .  O  ? ? A NA 103 A HOH 243 1_555 ? ? ? ? ? ? ?            2.360 ? ? 
metalc12 metalc ? ? D NA .  NA  ? ? ? 1_555 I HOH .  O  ? ? A NA 103 A HOH 262 1_555 ? ? ? ? ? ? ?            2.076 ? ? 
metalc13 metalc ? ? D NA .  NA  ? ? ? 1_555 I HOH .  O  ? ? A NA 103 A HOH 269 6_554 ? ? ? ? ? ? ?            2.113 ? ? 
metalc14 metalc ? ? D NA .  NA  ? ? ? 1_555 I HOH .  O  ? ? A NA 103 A HOH 273 1_555 ? ? ? ? ? ? ?            2.133 ? ? 
metalc15 metalc ? ? E NA .  NA  ? ? ? 1_555 I HOH .  O  ? ? A NA 104 A HOH 213 1_555 ? ? ? ? ? ? ?            2.514 ? ? 
metalc16 metalc ? ? E NA .  NA  ? ? ? 1_555 I HOH .  O  ? ? A NA 104 A HOH 216 1_555 ? ? ? ? ? ? ?            2.494 ? ? 
metalc17 metalc ? ? E NA .  NA  ? ? ? 1_555 I HOH .  O  ? ? A NA 104 A HOH 246 4_545 ? ? ? ? ? ? ?            2.265 ? ? 
metalc18 metalc ? ? E NA .  NA  ? ? ? 1_555 I HOH .  O  ? ? A NA 104 A HOH 248 4_545 ? ? ? ? ? ? ?            2.575 ? ? 
metalc19 metalc ? ? E NA .  NA  ? ? ? 1_555 I HOH .  O  ? ? A NA 104 A HOH 252 4_545 ? ? ? ? ? ? ?            2.294 ? ? 
metalc20 metalc ? ? E NA .  NA  ? ? ? 1_555 I HOH .  O  ? ? A NA 104 A HOH 255 4_545 ? ? ? ? ? ? ?            2.511 ? ? 
metalc21 metalc ? ? F NA .  NA  ? ? ? 1_555 I HOH .  O  ? ? A NA 105 A HOH 201 2_545 ? ? ? ? ? ? ?            2.858 ? ? 
metalc22 metalc ? ? F NA .  NA  ? ? ? 1_555 I HOH .  O  ? ? A NA 105 A HOH 211 6_555 ? ? ? ? ? ? ?            2.031 ? ? 
metalc23 metalc ? ? F NA .  NA  ? ? ? 1_555 I HOH .  O  ? ? A NA 105 A HOH 222 6_555 ? ? ? ? ? ? ?            2.312 ? ? 
metalc24 metalc ? ? F NA .  NA  ? ? ? 1_555 I HOH .  O  ? ? A NA 105 A HOH 226 6_555 ? ? ? ? ? ? ?            2.483 ? ? 
metalc25 metalc ? ? F NA .  NA  ? ? ? 1_555 I HOH .  O  ? ? A NA 105 A HOH 249 1_555 ? ? ? ? ? ? ?            2.347 ? ? 
metalc26 metalc ? ? F NA .  NA  ? ? ? 1_555 I HOH .  O  ? ? A NA 105 A HOH 251 6_555 ? ? ? ? ? ? ?            2.378 ? ? 
metalc27 metalc ? ? G NA .  NA  ? ? ? 1_555 I HOH .  O  ? ? A NA 106 A HOH 282 1_555 ? ? ? ? ? ? ?            2.695 ? ? 
metalc28 metalc ? ? H MG .  MG  ? ? ? 1_555 I HOH .  O  ? ? A MG 107 A HOH 212 1_555 ? ? ? ? ? ? ?            2.018 ? ? 
metalc29 metalc ? ? H MG .  MG  ? ? ? 1_555 I HOH .  O  ? ? A MG 107 A HOH 214 1_555 ? ? ? ? ? ? ?            2.059 ? ? 
metalc30 metalc ? ? H MG .  MG  ? ? ? 1_555 I HOH .  O  ? ? A MG 107 A HOH 232 1_555 ? ? ? ? ? ? ?            2.088 ? ? 
metalc31 metalc ? ? H MG .  MG  ? ? ? 1_555 I HOH .  O  ? ? A MG 107 A HOH 274 1_555 ? ? ? ? ? ? ?            2.013 ? ? 
metalc32 metalc ? ? H MG .  MG  ? ? ? 1_555 I HOH .  O  ? ? A MG 107 A HOH 275 1_555 ? ? ? ? ? ? ?            2.092 ? ? 
metalc33 metalc ? ? H MG .  MG  ? ? ? 1_555 I HOH .  O  ? ? A MG 107 A HOH 278 1_555 ? ? ? ? ? ? ?            2.192 ? ? 
hydrog1  hydrog ? ? A DG 1  N1  ? ? ? 1_555 A DC  29 N3 ? ? A DG 1   A DC  29  1_555 ? ? ? ? ? ? WATSON-CRICK ?     ? ? 
hydrog2  hydrog ? ? A DG 1  N2  ? ? ? 1_555 A DC  29 O2 ? ? A DG 1   A DC  29  1_555 ? ? ? ? ? ? WATSON-CRICK ?     ? ? 
hydrog3  hydrog ? ? A DG 1  O6  ? ? ? 1_555 A DC  29 N4 ? ? A DG 1   A DC  29  1_555 ? ? ? ? ? ? WATSON-CRICK ?     ? ? 
hydrog4  hydrog ? ? A DC 2  N3  ? ? ? 1_555 A DG  28 N1 ? ? A DC 2   A DG  28  1_555 ? ? ? ? ? ? WATSON-CRICK ?     ? ? 
hydrog5  hydrog ? ? A DC 2  N4  ? ? ? 1_555 A DG  28 O6 ? ? A DC 2   A DG  28  1_555 ? ? ? ? ? ? WATSON-CRICK ?     ? ? 
hydrog6  hydrog ? ? A DC 2  O2  ? ? ? 1_555 A DG  28 N2 ? ? A DC 2   A DG  28  1_555 ? ? ? ? ? ? WATSON-CRICK ?     ? ? 
hydrog7  hydrog ? ? A DG 3  N1  ? ? ? 1_555 A DC  27 N3 ? ? A DG 3   A DC  27  1_555 ? ? ? ? ? ? WATSON-CRICK ?     ? ? 
hydrog8  hydrog ? ? A DG 3  N2  ? ? ? 1_555 A DC  27 O2 ? ? A DG 3   A DC  27  1_555 ? ? ? ? ? ? WATSON-CRICK ?     ? ? 
hydrog9  hydrog ? ? A DG 3  O6  ? ? ? 1_555 A DC  27 N4 ? ? A DG 3   A DC  27  1_555 ? ? ? ? ? ? WATSON-CRICK ?     ? ? 
hydrog10 hydrog ? ? A DG 4  N1  ? ? ? 1_555 A DC  26 N3 ? ? A DG 4   A DC  26  1_555 ? ? ? ? ? ? WATSON-CRICK ?     ? ? 
hydrog11 hydrog ? ? A DG 4  N2  ? ? ? 1_555 A DC  26 O2 ? ? A DG 4   A DC  26  1_555 ? ? ? ? ? ? WATSON-CRICK ?     ? ? 
hydrog12 hydrog ? ? A DG 4  O6  ? ? ? 1_555 A DC  26 N4 ? ? A DG 4   A DC  26  1_555 ? ? ? ? ? ? WATSON-CRICK ?     ? ? 
hydrog13 hydrog ? ? A DT 5  N3  ? ? ? 1_555 A DG  25 O6 ? ? A DT 5   A DG  25  1_555 ? ? ? ? ? ? TYPE_28_PAIR ?     ? ? 
hydrog14 hydrog ? ? A DT 5  O2  ? ? ? 1_555 A DG  25 N1 ? ? A DT 5   A DG  25  1_555 ? ? ? ? ? ? TYPE_28_PAIR ?     ? ? 
hydrog15 hydrog ? ? A DG 6  N7  ? ? ? 1_555 A DG  19 N1 ? ? A DG 6   A DG  19  1_555 ? ? ? ? ? ? TYPE_7_PAIR  ?     ? ? 
hydrog16 hydrog ? ? A DG 6  O6  ? ? ? 1_555 A DG  19 N2 ? ? A DG 6   A DG  19  1_555 ? ? ? ? ? ? TYPE_7_PAIR  ?     ? ? 
hydrog17 hydrog ? ? A DG 6  N1  ? ? ? 1_555 A DC  24 N3 ? ? A DG 6   A DC  24  1_555 ? ? ? ? ? ? WATSON-CRICK ?     ? ? 
hydrog18 hydrog ? ? A DG 6  N2  ? ? ? 1_555 A DC  24 O2 ? ? A DG 6   A DC  24  1_555 ? ? ? ? ? ? WATSON-CRICK ?     ? ? 
hydrog19 hydrog ? ? A DG 6  O6  ? ? ? 1_555 A DC  24 N4 ? ? A DG 6   A DC  24  1_555 ? ? ? ? ? ? WATSON-CRICK ?     ? ? 
hydrog20 hydrog ? ? A DG 7  N7  ? ? ? 1_555 A DG  18 N1 ? ? A DG 7   A DG  18  1_555 ? ? ? ? ? ? TYPE_7_PAIR  ?     ? ? 
hydrog21 hydrog ? ? A DG 7  O6  ? ? ? 1_555 A DG  18 N2 ? ? A DG 7   A DG  18  1_555 ? ? ? ? ? ? TYPE_7_PAIR  ?     ? ? 
hydrog22 hydrog ? ? A DG 7  N1  ? ? ? 1_555 A DC  23 N3 ? ? A DG 7   A DC  23  1_555 ? ? ? ? ? ? WATSON-CRICK ?     ? ? 
hydrog23 hydrog ? ? A DG 7  N2  ? ? ? 1_555 A DC  23 O2 ? ? A DG 7   A DC  23  1_555 ? ? ? ? ? ? WATSON-CRICK ?     ? ? 
hydrog24 hydrog ? ? A DG 7  O6  ? ? ? 1_555 A DC  23 N4 ? ? A DG 7   A DC  23  1_555 ? ? ? ? ? ? WATSON-CRICK ?     ? ? 
hydrog25 hydrog ? ? A DC 9  N3  ? ? ? 1_555 A DG  21 N1 ? ? A DC 9   A DG  21  1_555 ? ? ? ? ? ? WATSON-CRICK ?     ? ? 
hydrog26 hydrog ? ? A DC 9  N4  ? ? ? 1_555 A DG  21 O6 ? ? A DC 9   A DG  21  1_555 ? ? ? ? ? ? WATSON-CRICK ?     ? ? 
hydrog27 hydrog ? ? A DC 9  O2  ? ? ? 1_555 A DG  21 N2 ? ? A DC 9   A DG  21  1_555 ? ? ? ? ? ? WATSON-CRICK ?     ? ? 
hydrog28 hydrog ? ? A DA 11 N1  ? ? ? 1_555 A DT  16 N3 ? ? A DA 11  A DT  16  1_555 ? ? ? ? ? ? WATSON-CRICK ?     ? ? 
hydrog29 hydrog ? ? A DA 11 N6  ? ? ? 1_555 A DT  16 O4 ? ? A DA 11  A DT  16  1_555 ? ? ? ? ? ? WATSON-CRICK ?     ? ? 
hydrog30 hydrog ? ? A DT 12 N3  ? ? ? 1_555 A DA  15 N7 ? ? A DT 12  A DA  15  1_555 ? ? ? ? ? ? HOOGSTEEN    ?     ? ? 
hydrog31 hydrog ? ? A DT 12 O4  ? ? ? 1_555 A DA  15 N6 ? ? A DT 12  A DA  15  1_555 ? ? ? ? ? ? HOOGSTEEN    ?     ? ? 
# 
loop_
_struct_conn_type.id 
_struct_conn_type.criteria 
_struct_conn_type.reference 
metalc ? ? 
hydrog ? ? 
# 
loop_
_pdbx_struct_conn_angle.id 
_pdbx_struct_conn_angle.ptnr1_label_atom_id 
_pdbx_struct_conn_angle.ptnr1_label_alt_id 
_pdbx_struct_conn_angle.ptnr1_label_asym_id 
_pdbx_struct_conn_angle.ptnr1_label_comp_id 
_pdbx_struct_conn_angle.ptnr1_label_seq_id 
_pdbx_struct_conn_angle.ptnr1_auth_atom_id 
_pdbx_struct_conn_angle.ptnr1_auth_asym_id 
_pdbx_struct_conn_angle.ptnr1_auth_comp_id 
_pdbx_struct_conn_angle.ptnr1_auth_seq_id 
_pdbx_struct_conn_angle.ptnr1_PDB_ins_code 
_pdbx_struct_conn_angle.ptnr1_symmetry 
_pdbx_struct_conn_angle.ptnr2_label_atom_id 
_pdbx_struct_conn_angle.ptnr2_label_alt_id 
_pdbx_struct_conn_angle.ptnr2_label_asym_id 
_pdbx_struct_conn_angle.ptnr2_label_comp_id 
_pdbx_struct_conn_angle.ptnr2_label_seq_id 
_pdbx_struct_conn_angle.ptnr2_auth_atom_id 
_pdbx_struct_conn_angle.ptnr2_auth_asym_id 
_pdbx_struct_conn_angle.ptnr2_auth_comp_id 
_pdbx_struct_conn_angle.ptnr2_auth_seq_id 
_pdbx_struct_conn_angle.ptnr2_PDB_ins_code 
_pdbx_struct_conn_angle.ptnr2_symmetry 
_pdbx_struct_conn_angle.ptnr3_label_atom_id 
_pdbx_struct_conn_angle.ptnr3_label_alt_id 
_pdbx_struct_conn_angle.ptnr3_label_asym_id 
_pdbx_struct_conn_angle.ptnr3_label_comp_id 
_pdbx_struct_conn_angle.ptnr3_label_seq_id 
_pdbx_struct_conn_angle.ptnr3_auth_atom_id 
_pdbx_struct_conn_angle.ptnr3_auth_asym_id 
_pdbx_struct_conn_angle.ptnr3_auth_comp_id 
_pdbx_struct_conn_angle.ptnr3_auth_seq_id 
_pdbx_struct_conn_angle.ptnr3_PDB_ins_code 
_pdbx_struct_conn_angle.ptnr3_symmetry 
_pdbx_struct_conn_angle.value 
_pdbx_struct_conn_angle.value_esd 
1  O6  ? A DG  4  ? A DG  4   ? 1_555 NA ? D NA . ? A NA 103 ? 1_555 O   ? I HOH .  ? A HOH 225 ? 6_554 144.1 ? 
2  O6  ? A DG  4  ? A DG  4   ? 1_555 NA ? D NA . ? A NA 103 ? 1_555 O   ? I HOH .  ? A HOH 242 ? 1_555 77.7  ? 
3  O   ? I HOH .  ? A HOH 225 ? 6_554 NA ? D NA . ? A NA 103 ? 1_555 O   ? I HOH .  ? A HOH 242 ? 1_555 74.3  ? 
4  O6  ? A DG  4  ? A DG  4   ? 1_555 NA ? D NA . ? A NA 103 ? 1_555 O   ? I HOH .  ? A HOH 243 ? 1_555 75.4  ? 
5  O   ? I HOH .  ? A HOH 225 ? 6_554 NA ? D NA . ? A NA 103 ? 1_555 O   ? I HOH .  ? A HOH 243 ? 1_555 140.2 ? 
6  O   ? I HOH .  ? A HOH 242 ? 1_555 NA ? D NA . ? A NA 103 ? 1_555 O   ? I HOH .  ? A HOH 243 ? 1_555 127.5 ? 
7  O6  ? A DG  4  ? A DG  4   ? 1_555 NA ? D NA . ? A NA 103 ? 1_555 O   ? I HOH .  ? A HOH 262 ? 1_555 88.3  ? 
8  O   ? I HOH .  ? A HOH 225 ? 6_554 NA ? D NA . ? A NA 103 ? 1_555 O   ? I HOH .  ? A HOH 262 ? 1_555 87.3  ? 
9  O   ? I HOH .  ? A HOH 242 ? 1_555 NA ? D NA . ? A NA 103 ? 1_555 O   ? I HOH .  ? A HOH 262 ? 1_555 121.2 ? 
10 O   ? I HOH .  ? A HOH 243 ? 1_555 NA ? D NA . ? A NA 103 ? 1_555 O   ? I HOH .  ? A HOH 262 ? 1_555 102.1 ? 
11 O6  ? A DG  4  ? A DG  4   ? 1_555 NA ? D NA . ? A NA 103 ? 1_555 O   ? I HOH .  ? A HOH 269 ? 6_554 139.1 ? 
12 O   ? I HOH .  ? A HOH 225 ? 6_554 NA ? D NA . ? A NA 103 ? 1_555 O   ? I HOH .  ? A HOH 269 ? 6_554 76.8  ? 
13 O   ? I HOH .  ? A HOH 242 ? 1_555 NA ? D NA . ? A NA 103 ? 1_555 O   ? I HOH .  ? A HOH 269 ? 6_554 131.7 ? 
14 O   ? I HOH .  ? A HOH 243 ? 1_555 NA ? D NA . ? A NA 103 ? 1_555 O   ? I HOH .  ? A HOH 269 ? 6_554 64.0  ? 
15 O   ? I HOH .  ? A HOH 262 ? 1_555 NA ? D NA . ? A NA 103 ? 1_555 O   ? I HOH .  ? A HOH 269 ? 6_554 94.9  ? 
16 O6  ? A DG  4  ? A DG  4   ? 1_555 NA ? D NA . ? A NA 103 ? 1_555 O   ? I HOH .  ? A HOH 273 ? 1_555 112.1 ? 
17 O   ? I HOH .  ? A HOH 225 ? 6_554 NA ? D NA . ? A NA 103 ? 1_555 O   ? I HOH .  ? A HOH 273 ? 1_555 74.8  ? 
18 O   ? I HOH .  ? A HOH 242 ? 1_555 NA ? D NA . ? A NA 103 ? 1_555 O   ? I HOH .  ? A HOH 273 ? 1_555 64.1  ? 
19 O   ? I HOH .  ? A HOH 243 ? 1_555 NA ? D NA . ? A NA 103 ? 1_555 O   ? I HOH .  ? A HOH 273 ? 1_555 86.0  ? 
20 O   ? I HOH .  ? A HOH 262 ? 1_555 NA ? D NA . ? A NA 103 ? 1_555 O   ? I HOH .  ? A HOH 273 ? 1_555 159.4 ? 
21 O   ? I HOH .  ? A HOH 269 ? 6_554 NA ? D NA . ? A NA 103 ? 1_555 O   ? I HOH .  ? A HOH 273 ? 1_555 71.4  ? 
22 OP1 ? A DA  15 ? A DA  15  ? 1_555 NA ? F NA . ? A NA 105 ? 1_555 O   ? I HOH .  ? A HOH 201 ? 2_545 127.3 ? 
23 OP1 ? A DA  15 ? A DA  15  ? 1_555 NA ? F NA . ? A NA 105 ? 1_555 O   ? I HOH .  ? A HOH 211 ? 6_555 72.5  ? 
24 O   ? I HOH .  ? A HOH 201 ? 2_545 NA ? F NA . ? A NA 105 ? 1_555 O   ? I HOH .  ? A HOH 211 ? 6_555 151.0 ? 
25 OP1 ? A DA  15 ? A DA  15  ? 1_555 NA ? F NA . ? A NA 105 ? 1_555 O   ? I HOH .  ? A HOH 222 ? 6_555 166.1 ? 
26 O   ? I HOH .  ? A HOH 201 ? 2_545 NA ? F NA . ? A NA 105 ? 1_555 O   ? I HOH .  ? A HOH 222 ? 6_555 60.1  ? 
27 O   ? I HOH .  ? A HOH 211 ? 6_555 NA ? F NA . ? A NA 105 ? 1_555 O   ? I HOH .  ? A HOH 222 ? 6_555 106.1 ? 
28 OP1 ? A DA  15 ? A DA  15  ? 1_555 NA ? F NA . ? A NA 105 ? 1_555 O   ? I HOH .  ? A HOH 226 ? 6_555 86.2  ? 
29 O   ? I HOH .  ? A HOH 201 ? 2_545 NA ? F NA . ? A NA 105 ? 1_555 O   ? I HOH .  ? A HOH 226 ? 6_555 65.5  ? 
30 O   ? I HOH .  ? A HOH 211 ? 6_555 NA ? F NA . ? A NA 105 ? 1_555 O   ? I HOH .  ? A HOH 226 ? 6_555 142.7 ? 
31 O   ? I HOH .  ? A HOH 222 ? 6_555 NA ? F NA . ? A NA 105 ? 1_555 O   ? I HOH .  ? A HOH 226 ? 6_555 87.4  ? 
32 OP1 ? A DA  15 ? A DA  15  ? 1_555 NA ? F NA . ? A NA 105 ? 1_555 O   ? I HOH .  ? A HOH 249 ? 1_555 111.6 ? 
33 O   ? I HOH .  ? A HOH 201 ? 2_545 NA ? F NA . ? A NA 105 ? 1_555 O   ? I HOH .  ? A HOH 249 ? 1_555 61.9  ? 
34 O   ? I HOH .  ? A HOH 211 ? 6_555 NA ? F NA . ? A NA 105 ? 1_555 O   ? I HOH .  ? A HOH 249 ? 1_555 92.3  ? 
35 O   ? I HOH .  ? A HOH 222 ? 6_555 NA ? F NA . ? A NA 105 ? 1_555 O   ? I HOH .  ? A HOH 249 ? 1_555 82.2  ? 
36 O   ? I HOH .  ? A HOH 226 ? 6_555 NA ? F NA . ? A NA 105 ? 1_555 O   ? I HOH .  ? A HOH 249 ? 1_555 124.3 ? 
37 OP1 ? A DA  15 ? A DA  15  ? 1_555 NA ? F NA . ? A NA 105 ? 1_555 O   ? I HOH .  ? A HOH 251 ? 6_555 88.9  ? 
38 O   ? I HOH .  ? A HOH 201 ? 2_545 NA ? F NA . ? A NA 105 ? 1_555 O   ? I HOH .  ? A HOH 251 ? 6_555 120.6 ? 
39 O   ? I HOH .  ? A HOH 211 ? 6_555 NA ? F NA . ? A NA 105 ? 1_555 O   ? I HOH .  ? A HOH 251 ? 6_555 75.8  ? 
40 O   ? I HOH .  ? A HOH 222 ? 6_555 NA ? F NA . ? A NA 105 ? 1_555 O   ? I HOH .  ? A HOH 251 ? 6_555 77.5  ? 
41 O   ? I HOH .  ? A HOH 226 ? 6_555 NA ? F NA . ? A NA 105 ? 1_555 O   ? I HOH .  ? A HOH 251 ? 6_555 73.5  ? 
42 O   ? I HOH .  ? A HOH 249 ? 1_555 NA ? F NA . ? A NA 105 ? 1_555 O   ? I HOH .  ? A HOH 251 ? 6_555 152.3 ? 
43 OP1 ? A DA  17 ? A DA  17  ? 1_555 NA ? C NA . ? A NA 102 ? 3_655 OP1 ? A DG  21 ? A DG  21  ? 1_555 71.6  ? 
44 OP1 ? A DA  17 ? A DA  17  ? 1_555 NA ? C NA . ? A NA 102 ? 3_655 OP2 ? A DT  22 ? A DT  22  ? 1_555 66.1  ? 
45 OP1 ? A DG  21 ? A DG  21  ? 1_555 NA ? C NA . ? A NA 102 ? 3_655 OP2 ? A DT  22 ? A DT  22  ? 1_555 5.6   ? 
46 OP1 ? A DA  17 ? A DA  17  ? 1_555 NA ? C NA . ? A NA 102 ? 3_655 O   ? I HOH .  ? A HOH 238 ? 1_555 76.5  ? 
47 OP1 ? A DG  21 ? A DG  21  ? 1_555 NA ? C NA . ? A NA 102 ? 3_655 O   ? I HOH .  ? A HOH 238 ? 1_555 7.7   ? 
48 OP2 ? A DT  22 ? A DT  22  ? 1_555 NA ? C NA . ? A NA 102 ? 3_655 O   ? I HOH .  ? A HOH 238 ? 1_555 12.7  ? 
49 OP1 ? A DA  17 ? A DA  17  ? 1_555 NA ? C NA . ? A NA 102 ? 3_655 O   ? I HOH .  ? A HOH 244 ? 2_544 71.1  ? 
50 OP1 ? A DG  21 ? A DG  21  ? 1_555 NA ? C NA . ? A NA 102 ? 3_655 O   ? I HOH .  ? A HOH 244 ? 2_544 3.0   ? 
51 OP2 ? A DT  22 ? A DT  22  ? 1_555 NA ? C NA . ? A NA 102 ? 3_655 O   ? I HOH .  ? A HOH 244 ? 2_544 6.6   ? 
52 O   ? I HOH .  ? A HOH 238 ? 1_555 NA ? C NA . ? A NA 102 ? 3_655 O   ? I HOH .  ? A HOH 244 ? 2_544 6.2   ? 
53 OP1 ? A DA  17 ? A DA  17  ? 1_555 NA ? C NA . ? A NA 102 ? 3_655 O   ? I HOH .  ? A HOH 253 ? 1_555 68.2  ? 
54 OP1 ? A DG  21 ? A DG  21  ? 1_555 NA ? C NA . ? A NA 102 ? 3_655 O   ? I HOH .  ? A HOH 253 ? 1_555 7.2   ? 
55 OP2 ? A DT  22 ? A DT  22  ? 1_555 NA ? C NA . ? A NA 102 ? 3_655 O   ? I HOH .  ? A HOH 253 ? 1_555 7.9   ? 
56 O   ? I HOH .  ? A HOH 238 ? 1_555 NA ? C NA . ? A NA 102 ? 3_655 O   ? I HOH .  ? A HOH 253 ? 1_555 8.3   ? 
57 O   ? I HOH .  ? A HOH 244 ? 2_544 NA ? C NA . ? A NA 102 ? 3_655 O   ? I HOH .  ? A HOH 253 ? 1_555 4.5   ? 
58 O   ? I HOH .  ? A HOH 213 ? 1_555 NA ? E NA . ? A NA 104 ? 1_555 O   ? I HOH .  ? A HOH 216 ? 1_555 73.4  ? 
59 O   ? I HOH .  ? A HOH 213 ? 1_555 NA ? E NA . ? A NA 104 ? 1_555 O   ? I HOH .  ? A HOH 246 ? 4_545 136.9 ? 
60 O   ? I HOH .  ? A HOH 216 ? 1_555 NA ? E NA . ? A NA 104 ? 1_555 O   ? I HOH .  ? A HOH 246 ? 4_545 147.7 ? 
61 O   ? I HOH .  ? A HOH 213 ? 1_555 NA ? E NA . ? A NA 104 ? 1_555 O   ? I HOH .  ? A HOH 248 ? 4_545 72.0  ? 
62 O   ? I HOH .  ? A HOH 216 ? 1_555 NA ? E NA . ? A NA 104 ? 1_555 O   ? I HOH .  ? A HOH 248 ? 4_545 141.9 ? 
63 O   ? I HOH .  ? A HOH 246 ? 4_545 NA ? E NA . ? A NA 104 ? 1_555 O   ? I HOH .  ? A HOH 248 ? 4_545 70.2  ? 
64 O   ? I HOH .  ? A HOH 213 ? 1_555 NA ? E NA . ? A NA 104 ? 1_555 O   ? I HOH .  ? A HOH 252 ? 4_545 89.3  ? 
65 O   ? I HOH .  ? A HOH 216 ? 1_555 NA ? E NA . ? A NA 104 ? 1_555 O   ? I HOH .  ? A HOH 252 ? 4_545 73.5  ? 
66 O   ? I HOH .  ? A HOH 246 ? 4_545 NA ? E NA . ? A NA 104 ? 1_555 O   ? I HOH .  ? A HOH 252 ? 4_545 110.7 ? 
67 O   ? I HOH .  ? A HOH 248 ? 4_545 NA ? E NA . ? A NA 104 ? 1_555 O   ? I HOH .  ? A HOH 252 ? 4_545 90.3  ? 
68 O   ? I HOH .  ? A HOH 213 ? 1_555 NA ? E NA . ? A NA 104 ? 1_555 O   ? I HOH .  ? A HOH 255 ? 4_545 147.5 ? 
69 O   ? I HOH .  ? A HOH 216 ? 1_555 NA ? E NA . ? A NA 104 ? 1_555 O   ? I HOH .  ? A HOH 255 ? 4_545 74.9  ? 
70 O   ? I HOH .  ? A HOH 246 ? 4_545 NA ? E NA . ? A NA 104 ? 1_555 O   ? I HOH .  ? A HOH 255 ? 4_545 75.6  ? 
71 O   ? I HOH .  ? A HOH 248 ? 4_545 NA ? E NA . ? A NA 104 ? 1_555 O   ? I HOH .  ? A HOH 255 ? 4_545 134.6 ? 
72 O   ? I HOH .  ? A HOH 252 ? 4_545 NA ? E NA . ? A NA 104 ? 1_555 O   ? I HOH .  ? A HOH 255 ? 4_545 74.7  ? 
73 O   ? I HOH .  ? A HOH 212 ? 1_555 MG ? H MG . ? A MG 107 ? 1_555 O   ? I HOH .  ? A HOH 214 ? 1_555 81.6  ? 
74 O   ? I HOH .  ? A HOH 212 ? 1_555 MG ? H MG . ? A MG 107 ? 1_555 O   ? I HOH .  ? A HOH 232 ? 1_555 171.6 ? 
75 O   ? I HOH .  ? A HOH 214 ? 1_555 MG ? H MG . ? A MG 107 ? 1_555 O   ? I HOH .  ? A HOH 232 ? 1_555 90.2  ? 
76 O   ? I HOH .  ? A HOH 212 ? 1_555 MG ? H MG . ? A MG 107 ? 1_555 O   ? I HOH .  ? A HOH 274 ? 1_555 88.9  ? 
77 O   ? I HOH .  ? A HOH 214 ? 1_555 MG ? H MG . ? A MG 107 ? 1_555 O   ? I HOH .  ? A HOH 274 ? 1_555 89.1  ? 
78 O   ? I HOH .  ? A HOH 232 ? 1_555 MG ? H MG . ? A MG 107 ? 1_555 O   ? I HOH .  ? A HOH 274 ? 1_555 92.7  ? 
79 O   ? I HOH .  ? A HOH 212 ? 1_555 MG ? H MG . ? A MG 107 ? 1_555 O   ? I HOH .  ? A HOH 275 ? 1_555 89.7  ? 
80 O   ? I HOH .  ? A HOH 214 ? 1_555 MG ? H MG . ? A MG 107 ? 1_555 O   ? I HOH .  ? A HOH 275 ? 1_555 88.5  ? 
81 O   ? I HOH .  ? A HOH 232 ? 1_555 MG ? H MG . ? A MG 107 ? 1_555 O   ? I HOH .  ? A HOH 275 ? 1_555 88.4  ? 
82 O   ? I HOH .  ? A HOH 274 ? 1_555 MG ? H MG . ? A MG 107 ? 1_555 O   ? I HOH .  ? A HOH 275 ? 1_555 177.4 ? 
83 O   ? I HOH .  ? A HOH 212 ? 1_555 MG ? H MG . ? A MG 107 ? 1_555 O   ? I HOH .  ? A HOH 278 ? 1_555 99.1  ? 
84 O   ? I HOH .  ? A HOH 214 ? 1_555 MG ? H MG . ? A MG 107 ? 1_555 O   ? I HOH .  ? A HOH 278 ? 1_555 178.3 ? 
85 O   ? I HOH .  ? A HOH 232 ? 1_555 MG ? H MG . ? A MG 107 ? 1_555 O   ? I HOH .  ? A HOH 278 ? 1_555 89.0  ? 
86 O   ? I HOH .  ? A HOH 274 ? 1_555 MG ? H MG . ? A MG 107 ? 1_555 O   ? I HOH .  ? A HOH 278 ? 1_555 92.4  ? 
87 O   ? I HOH .  ? A HOH 275 ? 1_555 MG ? H MG . ? A MG 107 ? 1_555 O   ? I HOH .  ? A HOH 278 ? 1_555 90.1  ? 
# 
_pdbx_entry_details.entry_id                   8K0W 
_pdbx_entry_details.nonpolymer_details         ? 
_pdbx_entry_details.sequence_details           ? 
_pdbx_entry_details.compound_details           ? 
_pdbx_entry_details.source_details             ? 
_pdbx_entry_details.has_ligand_of_interest     Y 
_pdbx_entry_details.has_protein_modification   N 
# 
loop_
_pdbx_validate_close_contact.id 
_pdbx_validate_close_contact.PDB_model_num 
_pdbx_validate_close_contact.auth_atom_id_1 
_pdbx_validate_close_contact.auth_asym_id_1 
_pdbx_validate_close_contact.auth_comp_id_1 
_pdbx_validate_close_contact.auth_seq_id_1 
_pdbx_validate_close_contact.PDB_ins_code_1 
_pdbx_validate_close_contact.label_alt_id_1 
_pdbx_validate_close_contact.auth_atom_id_2 
_pdbx_validate_close_contact.auth_asym_id_2 
_pdbx_validate_close_contact.auth_comp_id_2 
_pdbx_validate_close_contact.auth_seq_id_2 
_pdbx_validate_close_contact.PDB_ins_code_2 
_pdbx_validate_close_contact.label_alt_id_2 
_pdbx_validate_close_contact.dist 
1 1 OP1 A DG  4   ? ? O A HOH 201 ? ? 2.06 
2 1 O   A HOH 257 ? ? O A HOH 283 ? ? 2.09 
# 
loop_
_pdbx_validate_symm_contact.id 
_pdbx_validate_symm_contact.PDB_model_num 
_pdbx_validate_symm_contact.auth_atom_id_1 
_pdbx_validate_symm_contact.auth_asym_id_1 
_pdbx_validate_symm_contact.auth_comp_id_1 
_pdbx_validate_symm_contact.auth_seq_id_1 
_pdbx_validate_symm_contact.PDB_ins_code_1 
_pdbx_validate_symm_contact.label_alt_id_1 
_pdbx_validate_symm_contact.site_symmetry_1 
_pdbx_validate_symm_contact.auth_atom_id_2 
_pdbx_validate_symm_contact.auth_asym_id_2 
_pdbx_validate_symm_contact.auth_comp_id_2 
_pdbx_validate_symm_contact.auth_seq_id_2 
_pdbx_validate_symm_contact.PDB_ins_code_2 
_pdbx_validate_symm_contact.label_alt_id_2 
_pdbx_validate_symm_contact.site_symmetry_2 
_pdbx_validate_symm_contact.dist 
1 1 O A HOH 206 ? ? 1_555 O A HOH 258 ? ? 2_544 2.11 
2 1 O A HOH 245 ? ? 1_555 O A HOH 268 ? ? 4_545 2.12 
# 
loop_
_pdbx_validate_rmsd_bond.id 
_pdbx_validate_rmsd_bond.PDB_model_num 
_pdbx_validate_rmsd_bond.auth_atom_id_1 
_pdbx_validate_rmsd_bond.auth_asym_id_1 
_pdbx_validate_rmsd_bond.auth_comp_id_1 
_pdbx_validate_rmsd_bond.auth_seq_id_1 
_pdbx_validate_rmsd_bond.PDB_ins_code_1 
_pdbx_validate_rmsd_bond.label_alt_id_1 
_pdbx_validate_rmsd_bond.auth_atom_id_2 
_pdbx_validate_rmsd_bond.auth_asym_id_2 
_pdbx_validate_rmsd_bond.auth_comp_id_2 
_pdbx_validate_rmsd_bond.auth_seq_id_2 
_pdbx_validate_rmsd_bond.PDB_ins_code_2 
_pdbx_validate_rmsd_bond.label_alt_id_2 
_pdbx_validate_rmsd_bond.bond_value 
_pdbx_validate_rmsd_bond.bond_target_value 
_pdbx_validate_rmsd_bond.bond_deviation 
_pdbx_validate_rmsd_bond.bond_standard_deviation 
_pdbx_validate_rmsd_bond.linker_flag 
1 1 "O3'" A DG 3  ? ? "C3'" A DG 3  ? ? 1.382 1.419 -0.037 0.006 N 
2 1 "O3'" A DA 11 ? ? "C3'" A DA 11 ? ? 1.376 1.419 -0.043 0.006 N 
3 1 "O3'" A DC 20 ? ? "C3'" A DC 20 ? ? 1.379 1.419 -0.040 0.006 N 
# 
loop_
_pdbx_validate_rmsd_angle.id 
_pdbx_validate_rmsd_angle.PDB_model_num 
_pdbx_validate_rmsd_angle.auth_atom_id_1 
_pdbx_validate_rmsd_angle.auth_asym_id_1 
_pdbx_validate_rmsd_angle.auth_comp_id_1 
_pdbx_validate_rmsd_angle.auth_seq_id_1 
_pdbx_validate_rmsd_angle.PDB_ins_code_1 
_pdbx_validate_rmsd_angle.label_alt_id_1 
_pdbx_validate_rmsd_angle.auth_atom_id_2 
_pdbx_validate_rmsd_angle.auth_asym_id_2 
_pdbx_validate_rmsd_angle.auth_comp_id_2 
_pdbx_validate_rmsd_angle.auth_seq_id_2 
_pdbx_validate_rmsd_angle.PDB_ins_code_2 
_pdbx_validate_rmsd_angle.label_alt_id_2 
_pdbx_validate_rmsd_angle.auth_atom_id_3 
_pdbx_validate_rmsd_angle.auth_asym_id_3 
_pdbx_validate_rmsd_angle.auth_comp_id_3 
_pdbx_validate_rmsd_angle.auth_seq_id_3 
_pdbx_validate_rmsd_angle.PDB_ins_code_3 
_pdbx_validate_rmsd_angle.label_alt_id_3 
_pdbx_validate_rmsd_angle.angle_value 
_pdbx_validate_rmsd_angle.angle_target_value 
_pdbx_validate_rmsd_angle.angle_deviation 
_pdbx_validate_rmsd_angle.angle_standard_deviation 
_pdbx_validate_rmsd_angle.linker_flag 
1 1 "O5'" A DG 4  ? ? P     A DG 4  ? ? OP2   A DG 4  ? ? 99.21  105.70 -6.49 0.90 N 
2 1 "O5'" A DT 5  ? ? P     A DT 5  ? ? OP1   A DT 5  ? ? 120.03 110.70 9.33  1.20 N 
3 1 "O5'" A DA 15 ? ? P     A DA 15 ? ? OP1   A DA 15 ? ? 100.00 105.70 -5.70 0.90 N 
4 1 "O4'" A DG 19 ? ? "C1'" A DG 19 ? ? N9    A DG 19 ? ? 103.80 108.00 -4.20 0.70 N 
5 1 "O4'" A DG 21 ? ? "C1'" A DG 21 ? ? "C2'" A DG 21 ? ? 110.31 106.80 3.51  0.50 N 
# 
_pdbx_struct_special_symmetry.id              1 
_pdbx_struct_special_symmetry.PDB_model_num   1 
_pdbx_struct_special_symmetry.auth_asym_id    A 
_pdbx_struct_special_symmetry.auth_comp_id    HOH 
_pdbx_struct_special_symmetry.auth_seq_id     229 
_pdbx_struct_special_symmetry.PDB_ins_code    ? 
_pdbx_struct_special_symmetry.label_asym_id   I 
_pdbx_struct_special_symmetry.label_comp_id   HOH 
_pdbx_struct_special_symmetry.label_seq_id    . 
# 
loop_
_space_group_symop.id 
_space_group_symop.operation_xyz 
1 x,y,z          
2 -y,x-y,z+2/3   
3 -x+y,-x,z+1/3  
4 x-y,-y,-z+1/3  
5 -x,-x+y,-z+2/3 
6 y,x,-z         
# 
loop_
_pdbx_refine_tls.id 
_pdbx_refine_tls.pdbx_refine_id 
_pdbx_refine_tls.details 
_pdbx_refine_tls.method 
_pdbx_refine_tls.origin_x 
_pdbx_refine_tls.origin_y 
_pdbx_refine_tls.origin_z 
_pdbx_refine_tls.T[1][1] 
_pdbx_refine_tls.T[1][1]_esd 
_pdbx_refine_tls.T[1][2] 
_pdbx_refine_tls.T[1][2]_esd 
_pdbx_refine_tls.T[1][3] 
_pdbx_refine_tls.T[1][3]_esd 
_pdbx_refine_tls.T[2][2] 
_pdbx_refine_tls.T[2][2]_esd 
_pdbx_refine_tls.T[2][3] 
_pdbx_refine_tls.T[2][3]_esd 
_pdbx_refine_tls.T[3][3] 
_pdbx_refine_tls.T[3][3]_esd 
_pdbx_refine_tls.L[1][1] 
_pdbx_refine_tls.L[1][1]_esd 
_pdbx_refine_tls.L[1][2] 
_pdbx_refine_tls.L[1][2]_esd 
_pdbx_refine_tls.L[1][3] 
_pdbx_refine_tls.L[1][3]_esd 
_pdbx_refine_tls.L[2][2] 
_pdbx_refine_tls.L[2][2]_esd 
_pdbx_refine_tls.L[2][3] 
_pdbx_refine_tls.L[2][3]_esd 
_pdbx_refine_tls.L[3][3] 
_pdbx_refine_tls.L[3][3]_esd 
_pdbx_refine_tls.S[1][1] 
_pdbx_refine_tls.S[1][1]_esd 
_pdbx_refine_tls.S[1][2] 
_pdbx_refine_tls.S[1][2]_esd 
_pdbx_refine_tls.S[1][3] 
_pdbx_refine_tls.S[1][3]_esd 
_pdbx_refine_tls.S[2][1] 
_pdbx_refine_tls.S[2][1]_esd 
_pdbx_refine_tls.S[2][2] 
_pdbx_refine_tls.S[2][2]_esd 
_pdbx_refine_tls.S[2][3] 
_pdbx_refine_tls.S[2][3]_esd 
_pdbx_refine_tls.S[3][1] 
_pdbx_refine_tls.S[3][1]_esd 
_pdbx_refine_tls.S[3][2] 
_pdbx_refine_tls.S[3][2]_esd 
_pdbx_refine_tls.S[3][3] 
_pdbx_refine_tls.S[3][3]_esd 
1 'X-RAY DIFFRACTION' ? refined -2.9065624809 -0.9599119714 3.23168027674  0.231591993392 ? -0.017471900176 ? 0.008813530305 ? 0.29251644177  ? -0.033910110898 ? 0.162156571463 ? 2.91942006405 ? -0.22201958257  ? -1.734360956630 ? 1.13285134510 ? 0.76901274670  ? 6.02642263941 ? -0.087385343797 ? -0.528484305874 ? 0.025128749466  ? 0.293578096313 ? 0.010869732386  ? 0.168411544563  ? 0.215674869429 ? -0.276096449061 ? 0.097696894467  ? 
2 'X-RAY DIFFRACTION' ? refined 8.661667761   1.6986224081  -11.5768193686 0.175781307520 ? 0.003167676086  ? 0.023240351676 ? 0.206368449039 ? -0.010021174557 ? 0.146515161436 ? 3.7028403996  ? -2.848710552097 ? 1.21161222449   ? 6.1825250057  ? -0.64777581172 ? 0.44786159721 ? 0.328789652947  ? 0.339755420333  ? 0.092428623541  ? -0.46091070231 ? -0.229812708202 ? -0.099544320162 ? 0.053868575308 ? 0.002383387409  ? -0.029716148826 ? 
3 'X-RAY DIFFRACTION' ? refined -1.2915642915 -0.3604107545 2.48213159231  0.196506684210 ? -0.020211538733 ? 0.039919334704 ? 0.189292672423 ? -0.008635169191 ? 0.175988222211 ? 2.02282800222 ? -0.065389538470 ? -0.004984788116 ? 1.99515867177 ? 0.195550291978 ? 4.13797706281 ? -0.046398660101 ? -0.20013262756  ? -0.005965046233 ? 0.245721937326 ? 0.076228582306  ? 0.299193064744  ? 0.517503788703 ? -0.209276043754 ? -0.000422416827 ? 
# 
loop_
_pdbx_refine_tls_group.id 
_pdbx_refine_tls_group.pdbx_refine_id 
_pdbx_refine_tls_group.refine_tls_id 
_pdbx_refine_tls_group.beg_label_asym_id 
_pdbx_refine_tls_group.beg_label_seq_id 
_pdbx_refine_tls_group.beg_auth_asym_id 
_pdbx_refine_tls_group.beg_auth_seq_id 
_pdbx_refine_tls_group.beg_PDB_ins_code 
_pdbx_refine_tls_group.end_label_asym_id 
_pdbx_refine_tls_group.end_label_seq_id 
_pdbx_refine_tls_group.end_auth_asym_id 
_pdbx_refine_tls_group.end_auth_seq_id 
_pdbx_refine_tls_group.end_PDB_ins_code 
_pdbx_refine_tls_group.selection 
_pdbx_refine_tls_group.selection_details 
1 'X-RAY DIFFRACTION' 1 A ? A 1  ? A ? A 10 ? ? 
;chain 'A' and (resid 1 through 10 )
;
2 'X-RAY DIFFRACTION' 2 A ? A 11 ? A ? A 15 ? ? 
;chain 'A' and (resid 11 through 15 )
;
3 'X-RAY DIFFRACTION' 3 A ? A 16 ? A ? A 29 ? ? 
;chain 'A' and (resid 16 through 29 )
;
# 
loop_
_chem_comp_atom.comp_id 
_chem_comp_atom.atom_id 
_chem_comp_atom.type_symbol 
_chem_comp_atom.pdbx_aromatic_flag 
_chem_comp_atom.pdbx_stereo_config 
_chem_comp_atom.pdbx_ordinal 
DA  OP3    O  N N 1   
DA  P      P  N N 2   
DA  OP1    O  N N 3   
DA  OP2    O  N N 4   
DA  "O5'"  O  N N 5   
DA  "C5'"  C  N N 6   
DA  "C4'"  C  N R 7   
DA  "O4'"  O  N N 8   
DA  "C3'"  C  N S 9   
DA  "O3'"  O  N N 10  
DA  "C2'"  C  N N 11  
DA  "C1'"  C  N R 12  
DA  N9     N  Y N 13  
DA  C8     C  Y N 14  
DA  N7     N  Y N 15  
DA  C5     C  Y N 16  
DA  C6     C  Y N 17  
DA  N6     N  N N 18  
DA  N1     N  Y N 19  
DA  C2     C  Y N 20  
DA  N3     N  Y N 21  
DA  C4     C  Y N 22  
DA  HOP3   H  N N 23  
DA  HOP2   H  N N 24  
DA  "H5'"  H  N N 25  
DA  "H5''" H  N N 26  
DA  "H4'"  H  N N 27  
DA  "H3'"  H  N N 28  
DA  "HO3'" H  N N 29  
DA  "H2'"  H  N N 30  
DA  "H2''" H  N N 31  
DA  "H1'"  H  N N 32  
DA  H8     H  N N 33  
DA  H61    H  N N 34  
DA  H62    H  N N 35  
DA  H2     H  N N 36  
DC  OP3    O  N N 37  
DC  P      P  N N 38  
DC  OP1    O  N N 39  
DC  OP2    O  N N 40  
DC  "O5'"  O  N N 41  
DC  "C5'"  C  N N 42  
DC  "C4'"  C  N R 43  
DC  "O4'"  O  N N 44  
DC  "C3'"  C  N S 45  
DC  "O3'"  O  N N 46  
DC  "C2'"  C  N N 47  
DC  "C1'"  C  N R 48  
DC  N1     N  N N 49  
DC  C2     C  N N 50  
DC  O2     O  N N 51  
DC  N3     N  N N 52  
DC  C4     C  N N 53  
DC  N4     N  N N 54  
DC  C5     C  N N 55  
DC  C6     C  N N 56  
DC  HOP3   H  N N 57  
DC  HOP2   H  N N 58  
DC  "H5'"  H  N N 59  
DC  "H5''" H  N N 60  
DC  "H4'"  H  N N 61  
DC  "H3'"  H  N N 62  
DC  "HO3'" H  N N 63  
DC  "H2'"  H  N N 64  
DC  "H2''" H  N N 65  
DC  "H1'"  H  N N 66  
DC  H41    H  N N 67  
DC  H42    H  N N 68  
DC  H5     H  N N 69  
DC  H6     H  N N 70  
DG  OP3    O  N N 71  
DG  P      P  N N 72  
DG  OP1    O  N N 73  
DG  OP2    O  N N 74  
DG  "O5'"  O  N N 75  
DG  "C5'"  C  N N 76  
DG  "C4'"  C  N R 77  
DG  "O4'"  O  N N 78  
DG  "C3'"  C  N S 79  
DG  "O3'"  O  N N 80  
DG  "C2'"  C  N N 81  
DG  "C1'"  C  N R 82  
DG  N9     N  Y N 83  
DG  C8     C  Y N 84  
DG  N7     N  Y N 85  
DG  C5     C  Y N 86  
DG  C6     C  N N 87  
DG  O6     O  N N 88  
DG  N1     N  N N 89  
DG  C2     C  N N 90  
DG  N2     N  N N 91  
DG  N3     N  N N 92  
DG  C4     C  Y N 93  
DG  HOP3   H  N N 94  
DG  HOP2   H  N N 95  
DG  "H5'"  H  N N 96  
DG  "H5''" H  N N 97  
DG  "H4'"  H  N N 98  
DG  "H3'"  H  N N 99  
DG  "HO3'" H  N N 100 
DG  "H2'"  H  N N 101 
DG  "H2''" H  N N 102 
DG  "H1'"  H  N N 103 
DG  H8     H  N N 104 
DG  H1     H  N N 105 
DG  H21    H  N N 106 
DG  H22    H  N N 107 
DT  OP3    O  N N 108 
DT  P      P  N N 109 
DT  OP1    O  N N 110 
DT  OP2    O  N N 111 
DT  "O5'"  O  N N 112 
DT  "C5'"  C  N N 113 
DT  "C4'"  C  N R 114 
DT  "O4'"  O  N N 115 
DT  "C3'"  C  N S 116 
DT  "O3'"  O  N N 117 
DT  "C2'"  C  N N 118 
DT  "C1'"  C  N R 119 
DT  N1     N  N N 120 
DT  C2     C  N N 121 
DT  O2     O  N N 122 
DT  N3     N  N N 123 
DT  C4     C  N N 124 
DT  O4     O  N N 125 
DT  C5     C  N N 126 
DT  C7     C  N N 127 
DT  C6     C  N N 128 
DT  HOP3   H  N N 129 
DT  HOP2   H  N N 130 
DT  "H5'"  H  N N 131 
DT  "H5''" H  N N 132 
DT  "H4'"  H  N N 133 
DT  "H3'"  H  N N 134 
DT  "HO3'" H  N N 135 
DT  "H2'"  H  N N 136 
DT  "H2''" H  N N 137 
DT  "H1'"  H  N N 138 
DT  H3     H  N N 139 
DT  H71    H  N N 140 
DT  H72    H  N N 141 
DT  H73    H  N N 142 
DT  H6     H  N N 143 
HOH O      O  N N 144 
HOH H1     H  N N 145 
HOH H2     H  N N 146 
MG  MG     MG N N 147 
NA  NA     NA N N 148 
TEP C1     C  N N 149 
TEP N1     N  Y N 150 
TEP C2     C  Y N 151 
TEP O2     O  N N 152 
TEP N3     N  Y N 153 
TEP C3     C  N N 154 
TEP C4     C  Y N 155 
TEP C5     C  Y N 156 
TEP C6     C  Y N 157 
TEP O6     O  N N 158 
TEP N7     N  Y N 159 
TEP C8     C  Y N 160 
TEP N9     N  Y N 161 
TEP H11    H  N N 162 
TEP H12    H  N N 163 
TEP H13    H  N N 164 
TEP H31    H  N N 165 
TEP H32    H  N N 166 
TEP H33    H  N N 167 
TEP HN7    H  N N 168 
TEP H8     H  N N 169 
# 
loop_
_chem_comp_bond.comp_id 
_chem_comp_bond.atom_id_1 
_chem_comp_bond.atom_id_2 
_chem_comp_bond.value_order 
_chem_comp_bond.pdbx_aromatic_flag 
_chem_comp_bond.pdbx_stereo_config 
_chem_comp_bond.pdbx_ordinal 
DA  OP3   P      sing N N 1   
DA  OP3   HOP3   sing N N 2   
DA  P     OP1    doub N N 3   
DA  P     OP2    sing N N 4   
DA  P     "O5'"  sing N N 5   
DA  OP2   HOP2   sing N N 6   
DA  "O5'" "C5'"  sing N N 7   
DA  "C5'" "C4'"  sing N N 8   
DA  "C5'" "H5'"  sing N N 9   
DA  "C5'" "H5''" sing N N 10  
DA  "C4'" "O4'"  sing N N 11  
DA  "C4'" "C3'"  sing N N 12  
DA  "C4'" "H4'"  sing N N 13  
DA  "O4'" "C1'"  sing N N 14  
DA  "C3'" "O3'"  sing N N 15  
DA  "C3'" "C2'"  sing N N 16  
DA  "C3'" "H3'"  sing N N 17  
DA  "O3'" "HO3'" sing N N 18  
DA  "C2'" "C1'"  sing N N 19  
DA  "C2'" "H2'"  sing N N 20  
DA  "C2'" "H2''" sing N N 21  
DA  "C1'" N9     sing N N 22  
DA  "C1'" "H1'"  sing N N 23  
DA  N9    C8     sing Y N 24  
DA  N9    C4     sing Y N 25  
DA  C8    N7     doub Y N 26  
DA  C8    H8     sing N N 27  
DA  N7    C5     sing Y N 28  
DA  C5    C6     sing Y N 29  
DA  C5    C4     doub Y N 30  
DA  C6    N6     sing N N 31  
DA  C6    N1     doub Y N 32  
DA  N6    H61    sing N N 33  
DA  N6    H62    sing N N 34  
DA  N1    C2     sing Y N 35  
DA  C2    N3     doub Y N 36  
DA  C2    H2     sing N N 37  
DA  N3    C4     sing Y N 38  
DC  OP3   P      sing N N 39  
DC  OP3   HOP3   sing N N 40  
DC  P     OP1    doub N N 41  
DC  P     OP2    sing N N 42  
DC  P     "O5'"  sing N N 43  
DC  OP2   HOP2   sing N N 44  
DC  "O5'" "C5'"  sing N N 45  
DC  "C5'" "C4'"  sing N N 46  
DC  "C5'" "H5'"  sing N N 47  
DC  "C5'" "H5''" sing N N 48  
DC  "C4'" "O4'"  sing N N 49  
DC  "C4'" "C3'"  sing N N 50  
DC  "C4'" "H4'"  sing N N 51  
DC  "O4'" "C1'"  sing N N 52  
DC  "C3'" "O3'"  sing N N 53  
DC  "C3'" "C2'"  sing N N 54  
DC  "C3'" "H3'"  sing N N 55  
DC  "O3'" "HO3'" sing N N 56  
DC  "C2'" "C1'"  sing N N 57  
DC  "C2'" "H2'"  sing N N 58  
DC  "C2'" "H2''" sing N N 59  
DC  "C1'" N1     sing N N 60  
DC  "C1'" "H1'"  sing N N 61  
DC  N1    C2     sing N N 62  
DC  N1    C6     sing N N 63  
DC  C2    O2     doub N N 64  
DC  C2    N3     sing N N 65  
DC  N3    C4     doub N N 66  
DC  C4    N4     sing N N 67  
DC  C4    C5     sing N N 68  
DC  N4    H41    sing N N 69  
DC  N4    H42    sing N N 70  
DC  C5    C6     doub N N 71  
DC  C5    H5     sing N N 72  
DC  C6    H6     sing N N 73  
DG  OP3   P      sing N N 74  
DG  OP3   HOP3   sing N N 75  
DG  P     OP1    doub N N 76  
DG  P     OP2    sing N N 77  
DG  P     "O5'"  sing N N 78  
DG  OP2   HOP2   sing N N 79  
DG  "O5'" "C5'"  sing N N 80  
DG  "C5'" "C4'"  sing N N 81  
DG  "C5'" "H5'"  sing N N 82  
DG  "C5'" "H5''" sing N N 83  
DG  "C4'" "O4'"  sing N N 84  
DG  "C4'" "C3'"  sing N N 85  
DG  "C4'" "H4'"  sing N N 86  
DG  "O4'" "C1'"  sing N N 87  
DG  "C3'" "O3'"  sing N N 88  
DG  "C3'" "C2'"  sing N N 89  
DG  "C3'" "H3'"  sing N N 90  
DG  "O3'" "HO3'" sing N N 91  
DG  "C2'" "C1'"  sing N N 92  
DG  "C2'" "H2'"  sing N N 93  
DG  "C2'" "H2''" sing N N 94  
DG  "C1'" N9     sing N N 95  
DG  "C1'" "H1'"  sing N N 96  
DG  N9    C8     sing Y N 97  
DG  N9    C4     sing Y N 98  
DG  C8    N7     doub Y N 99  
DG  C8    H8     sing N N 100 
DG  N7    C5     sing Y N 101 
DG  C5    C6     sing N N 102 
DG  C5    C4     doub Y N 103 
DG  C6    O6     doub N N 104 
DG  C6    N1     sing N N 105 
DG  N1    C2     sing N N 106 
DG  N1    H1     sing N N 107 
DG  C2    N2     sing N N 108 
DG  C2    N3     doub N N 109 
DG  N2    H21    sing N N 110 
DG  N2    H22    sing N N 111 
DG  N3    C4     sing N N 112 
DT  OP3   P      sing N N 113 
DT  OP3   HOP3   sing N N 114 
DT  P     OP1    doub N N 115 
DT  P     OP2    sing N N 116 
DT  P     "O5'"  sing N N 117 
DT  OP2   HOP2   sing N N 118 
DT  "O5'" "C5'"  sing N N 119 
DT  "C5'" "C4'"  sing N N 120 
DT  "C5'" "H5'"  sing N N 121 
DT  "C5'" "H5''" sing N N 122 
DT  "C4'" "O4'"  sing N N 123 
DT  "C4'" "C3'"  sing N N 124 
DT  "C4'" "H4'"  sing N N 125 
DT  "O4'" "C1'"  sing N N 126 
DT  "C3'" "O3'"  sing N N 127 
DT  "C3'" "C2'"  sing N N 128 
DT  "C3'" "H3'"  sing N N 129 
DT  "O3'" "HO3'" sing N N 130 
DT  "C2'" "C1'"  sing N N 131 
DT  "C2'" "H2'"  sing N N 132 
DT  "C2'" "H2''" sing N N 133 
DT  "C1'" N1     sing N N 134 
DT  "C1'" "H1'"  sing N N 135 
DT  N1    C2     sing N N 136 
DT  N1    C6     sing N N 137 
DT  C2    O2     doub N N 138 
DT  C2    N3     sing N N 139 
DT  N3    C4     sing N N 140 
DT  N3    H3     sing N N 141 
DT  C4    O4     doub N N 142 
DT  C4    C5     sing N N 143 
DT  C5    C7     sing N N 144 
DT  C5    C6     doub N N 145 
DT  C7    H71    sing N N 146 
DT  C7    H72    sing N N 147 
DT  C7    H73    sing N N 148 
DT  C6    H6     sing N N 149 
HOH O     H1     sing N N 150 
HOH O     H2     sing N N 151 
TEP C1    N1     sing N N 152 
TEP C1    H11    sing N N 153 
TEP C1    H12    sing N N 154 
TEP C1    H13    sing N N 155 
TEP N1    C2     sing Y N 156 
TEP N1    C6     sing Y N 157 
TEP C2    O2     doub N N 158 
TEP C2    N3     sing Y N 159 
TEP N3    C3     sing N N 160 
TEP N3    C4     sing Y N 161 
TEP C3    H31    sing N N 162 
TEP C3    H32    sing N N 163 
TEP C3    H33    sing N N 164 
TEP C4    C5     doub Y N 165 
TEP C4    N9     sing Y N 166 
TEP C5    C6     sing Y N 167 
TEP C5    N7     sing Y N 168 
TEP C6    O6     doub N N 169 
TEP N7    C8     sing Y N 170 
TEP N7    HN7    sing N N 171 
TEP C8    N9     doub Y N 172 
TEP C8    H8     sing N N 173 
# 
loop_
_ndb_struct_conf_na.entry_id 
_ndb_struct_conf_na.feature 
8K0W 'double helix'         
8K0W 'b-form double helix'  
8K0W 'hairpin loop'         
8K0W 'mismatched base pair' 
8K0W 'triple helix'         
# 
loop_
_ndb_struct_na_base_pair.model_number 
_ndb_struct_na_base_pair.i_label_asym_id 
_ndb_struct_na_base_pair.i_label_comp_id 
_ndb_struct_na_base_pair.i_label_seq_id 
_ndb_struct_na_base_pair.i_symmetry 
_ndb_struct_na_base_pair.j_label_asym_id 
_ndb_struct_na_base_pair.j_label_comp_id 
_ndb_struct_na_base_pair.j_label_seq_id 
_ndb_struct_na_base_pair.j_symmetry 
_ndb_struct_na_base_pair.shear 
_ndb_struct_na_base_pair.stretch 
_ndb_struct_na_base_pair.stagger 
_ndb_struct_na_base_pair.buckle 
_ndb_struct_na_base_pair.propeller 
_ndb_struct_na_base_pair.opening 
_ndb_struct_na_base_pair.pair_number 
_ndb_struct_na_base_pair.pair_name 
_ndb_struct_na_base_pair.i_auth_asym_id 
_ndb_struct_na_base_pair.i_auth_seq_id 
_ndb_struct_na_base_pair.i_PDB_ins_code 
_ndb_struct_na_base_pair.j_auth_asym_id 
_ndb_struct_na_base_pair.j_auth_seq_id 
_ndb_struct_na_base_pair.j_PDB_ins_code 
_ndb_struct_na_base_pair.hbond_type_28 
_ndb_struct_na_base_pair.hbond_type_12 
1 A DG 1  1_555 A DC 29 1_555 -0.028 -0.170 -0.034 -2.427 -1.334  -0.159  1  A_DG1:DC29_A  A 1  ? A 29 ? 19 1 
1 A DC 2  1_555 A DG 28 1_555 -0.019 -0.180 0.384  -9.339 -13.282 -2.180  2  A_DC2:DG28_A  A 2  ? A 28 ? 19 1 
1 A DG 3  1_555 A DC 27 1_555 -0.240 -0.174 0.098  -0.151 -11.510 -1.145  3  A_DG3:DC27_A  A 3  ? A 27 ? 19 1 
1 A DG 4  1_555 A DC 26 1_555 -0.298 -0.105 -0.063 -2.200 -11.610 2.797   4  A_DG4:DC26_A  A 4  ? A 26 ? 19 1 
1 A DT 5  1_555 A DG 25 1_555 2.441  -0.659 0.066  -4.134 -12.177 -3.687  5  A_DT5:DG25_A  A 5  ? A 25 ? 28 1 
1 A DG 6  1_555 A DC 24 1_555 -0.291 -0.203 0.133  1.430  -6.334  0.849   6  A_DG6:DC24_A  A 6  ? A 24 ? 19 1 
1 A DG 7  1_555 A DC 23 1_555 -0.206 -0.195 0.170  1.071  -9.912  0.651   7  A_DG7:DC23_A  A 7  ? A 23 ? 19 1 
1 A DC 9  1_555 A DG 21 1_555 0.411  -0.239 0.329  11.386 -11.718 -1.934  8  A_DC9:DG21_A  A 9  ? A 21 ? 19 1 
1 A DA 11 1_555 A DT 16 1_555 0.008  -0.095 0.075  -9.576 -5.498  6.247   9  A_DA11:DT16_A A 11 ? A 16 ? 20 1 
1 A DT 12 1_555 A DA 15 1_555 -0.733 3.607  -0.499 12.288 -6.213  -69.839 10 A_DT12:DA15_A A 12 ? A 15 ? 23 3 
# 
loop_
_ndb_struct_na_base_pair_step.model_number 
_ndb_struct_na_base_pair_step.i_label_asym_id_1 
_ndb_struct_na_base_pair_step.i_label_comp_id_1 
_ndb_struct_na_base_pair_step.i_label_seq_id_1 
_ndb_struct_na_base_pair_step.i_symmetry_1 
_ndb_struct_na_base_pair_step.j_label_asym_id_1 
_ndb_struct_na_base_pair_step.j_label_comp_id_1 
_ndb_struct_na_base_pair_step.j_label_seq_id_1 
_ndb_struct_na_base_pair_step.j_symmetry_1 
_ndb_struct_na_base_pair_step.i_label_asym_id_2 
_ndb_struct_na_base_pair_step.i_label_comp_id_2 
_ndb_struct_na_base_pair_step.i_label_seq_id_2 
_ndb_struct_na_base_pair_step.i_symmetry_2 
_ndb_struct_na_base_pair_step.j_label_asym_id_2 
_ndb_struct_na_base_pair_step.j_label_comp_id_2 
_ndb_struct_na_base_pair_step.j_label_seq_id_2 
_ndb_struct_na_base_pair_step.j_symmetry_2 
_ndb_struct_na_base_pair_step.shift 
_ndb_struct_na_base_pair_step.slide 
_ndb_struct_na_base_pair_step.rise 
_ndb_struct_na_base_pair_step.tilt 
_ndb_struct_na_base_pair_step.roll 
_ndb_struct_na_base_pair_step.twist 
_ndb_struct_na_base_pair_step.x_displacement 
_ndb_struct_na_base_pair_step.y_displacement 
_ndb_struct_na_base_pair_step.helical_rise 
_ndb_struct_na_base_pair_step.inclination 
_ndb_struct_na_base_pair_step.tip 
_ndb_struct_na_base_pair_step.helical_twist 
_ndb_struct_na_base_pair_step.step_number 
_ndb_struct_na_base_pair_step.step_name 
_ndb_struct_na_base_pair_step.i_auth_asym_id_1 
_ndb_struct_na_base_pair_step.i_auth_seq_id_1 
_ndb_struct_na_base_pair_step.i_PDB_ins_code_1 
_ndb_struct_na_base_pair_step.j_auth_asym_id_1 
_ndb_struct_na_base_pair_step.j_auth_seq_id_1 
_ndb_struct_na_base_pair_step.j_PDB_ins_code_1 
_ndb_struct_na_base_pair_step.i_auth_asym_id_2 
_ndb_struct_na_base_pair_step.i_auth_seq_id_2 
_ndb_struct_na_base_pair_step.i_PDB_ins_code_2 
_ndb_struct_na_base_pair_step.j_auth_asym_id_2 
_ndb_struct_na_base_pair_step.j_auth_seq_id_2 
_ndb_struct_na_base_pair_step.j_PDB_ins_code_2 
1 A DG 1  1_555 A DC 29 1_555 A DC 2  1_555 A DG 28 1_555 -0.613 0.265  3.447 -3.016 -5.552 36.590  1.200  0.537  3.410 -8.763 
4.760  37.113  1 AA_DG1DC2:DG28DC29_AA   A 1  ? A 29 ? A 2  ? A 28 ? 
1 A DC 2  1_555 A DG 28 1_555 A DG 3  1_555 A DC 27 1_555 -0.250 0.501  3.202 2.148  7.672  30.492  -0.504 0.860  3.205 14.284 
-3.999 31.492  2 AA_DC2DG3:DC27DG28_AA   A 2  ? A 28 ? A 3  ? A 27 ? 
1 A DG 3  1_555 A DC 27 1_555 A DG 4  1_555 A DC 26 1_555 0.527  -0.076 3.420 0.242  5.395  32.939  -1.067 -0.876 3.369 9.435  
-0.423 33.366  3 AA_DG3DG4:DC26DC27_AA   A 3  ? A 27 ? A 4  ? A 26 ? 
1 A DG 4  1_555 A DC 26 1_555 A DT 5  1_555 A DG 25 1_555 0.021  -0.355 3.416 -0.547 -2.255 39.572  -0.247 -0.098 3.430 -3.328 
0.807  39.637  4 AA_DG4DT5:DG25DC26_AA   A 4  ? A 26 ? A 5  ? A 25 ? 
1 A DT 5  1_555 A DG 25 1_555 A DG 6  1_555 A DC 24 1_555 -0.146 -0.111 3.054 2.106  7.963  26.852  -1.972 0.762  2.882 16.657 
-4.405 28.065  5 AA_DT5DG6:DC24DG25_AA   A 5  ? A 25 ? A 6  ? A 24 ? 
1 A DG 6  1_555 A DC 24 1_555 A DG 7  1_555 A DC 23 1_555 0.254  -0.385 3.291 -2.481 7.746  29.780  -2.215 -0.956 3.066 14.729 
4.717  30.846  6 AA_DG6DG7:DC23DC24_AA   A 6  ? A 24 ? A 7  ? A 23 ? 
1 A DG 7  1_555 A DC 23 1_555 A DC 9  1_555 A DG 21 1_555 0.789  -1.732 6.186 -0.450 3.128  65.453  -1.842 -0.764 6.102 2.891  
0.416  65.520  7 AA_DG7DC9:DG21DC23_AA   A 7  ? A 23 ? A 9  ? A 21 ? 
1 A DC 9  1_555 A DG 21 1_555 A DA 11 1_555 A DT 16 1_555 5.557  -0.896 4.069 -1.739 -0.697 110.570 -0.535 -3.406 4.014 -0.424 
1.058  110.580 8 AA_DC9DA11:DT16DG21_AA  A 9  ? A 21 ? A 11 ? A 16 ? 
1 A DA 11 1_555 A DT 16 1_555 A DT 12 1_555 A DA 15 1_555 1.488  -1.884 2.948 1.979  2.324  73.541  -1.639 -1.186 2.930 1.941  
-1.652 73.595  9 AA_DA11DT12:DA15DT16_AA A 11 ? A 16 ? A 12 ? A 15 ? 
# 
_pdbx_audit_support.funding_organization   'National Natural Science Foundation of China (NSFC)' 
_pdbx_audit_support.country                China 
_pdbx_audit_support.grant_number           32171191 
_pdbx_audit_support.ordinal                1 
# 
_pdbx_initial_refinement_model.id               1 
_pdbx_initial_refinement_model.entity_id_list   ? 
_pdbx_initial_refinement_model.type             'experimental model' 
_pdbx_initial_refinement_model.source_name      PDB 
_pdbx_initial_refinement_model.accession_code   8K0T 
_pdbx_initial_refinement_model.details          ? 
# 
_space_group.name_H-M_alt     'P 32 2 1' 
_space_group.name_Hall        
;P 32 2"
;
_space_group.IT_number        154 
_space_group.crystal_system   trigonal 
_space_group.id               1 
# 
_atom_sites.entry_id                    8K0W 
_atom_sites.Cartn_transf_matrix[1][1]   ? 
_atom_sites.Cartn_transf_matrix[1][2]   ? 
_atom_sites.Cartn_transf_matrix[1][3]   ? 
_atom_sites.Cartn_transf_matrix[2][1]   ? 
_atom_sites.Cartn_transf_matrix[2][2]   ? 
_atom_sites.Cartn_transf_matrix[2][3]   ? 
_atom_sites.Cartn_transf_matrix[3][1]   ? 
_atom_sites.Cartn_transf_matrix[3][2]   ? 
_atom_sites.Cartn_transf_matrix[3][3]   ? 
_atom_sites.Cartn_transf_vector[1]      ? 
_atom_sites.Cartn_transf_vector[2]      ? 
_atom_sites.Cartn_transf_vector[3]      ? 
_atom_sites.fract_transf_matrix[1][1]   0.01460250 
_atom_sites.fract_transf_matrix[1][2]   0.00648763 
_atom_sites.fract_transf_matrix[1][3]   0.01659850 
_atom_sites.fract_transf_matrix[2][1]   0.00559018 
_atom_sites.fract_transf_matrix[2][2]   -0.01471519 
_atom_sites.fract_transf_matrix[2][3]   0.01682423 
_atom_sites.fract_transf_matrix[3][1]   0.01512942 
_atom_sites.fract_transf_matrix[3][2]   -0.00654527 
_atom_sites.fract_transf_matrix[3][3]   -0.01075183 
_atom_sites.fract_transf_vector[1]      0.164557 
_atom_sites.fract_transf_vector[2]      -0.265209 
_atom_sites.fract_transf_vector[3]      0.015660 
_atom_sites.solution_primary            ? 
_atom_sites.solution_secondary          ? 
_atom_sites.solution_hydrogens          ? 
_atom_sites.special_details             ? 
# 
loop_
_atom_type.symbol 
_atom_type.scat_dispersion_real 
_atom_type.scat_dispersion_imag 
_atom_type.scat_Cromer_Mann_a1 
_atom_type.scat_Cromer_Mann_a2 
_atom_type.scat_Cromer_Mann_a3 
_atom_type.scat_Cromer_Mann_a4 
_atom_type.scat_Cromer_Mann_b1 
_atom_type.scat_Cromer_Mann_b2 
_atom_type.scat_Cromer_Mann_b3 
_atom_type.scat_Cromer_Mann_b4 
_atom_type.scat_Cromer_Mann_c 
_atom_type.scat_source 
_atom_type.scat_dispersion_source 
C  ? ? 3.54356 2.42580 ? ? 25.62398 1.50364  ? ? 0.0 
;2-Gaussian fit: Grosse-Kunstleve RW, Sauter NK, Adams PD: Newsletter of the IUCr Commission on Crystallographic Computing 2004, 3, 22-31.
;
? 
MG ? ? 9.41153 2.53737 ? ? 2.59044  63.03566 ? ? 0.0 
;2-Gaussian fit: Grosse-Kunstleve RW, Sauter NK, Adams PD: Newsletter of the IUCr Commission on Crystallographic Computing 2004, 3, 22-31.
;
? 
N  ? ? 4.01032 2.96436 ? ? 19.97189 1.75589  ? ? 0.0 
;2-Gaussian fit: Grosse-Kunstleve RW, Sauter NK, Adams PD: Newsletter of the IUCr Commission on Crystallographic Computing 2004, 3, 22-31.
;
? 
NA ? ? 9.38062 1.54875 ? ? 3.38349  72.32734 ? ? 0.0 
;2-Gaussian fit: Grosse-Kunstleve RW, Sauter NK, Adams PD: Newsletter of the IUCr Commission on Crystallographic Computing 2004, 3, 22-31.
;
? 
O  ? ? 4.49882 3.47563 ? ? 15.80542 1.70748  ? ? 0.0 
;2-Gaussian fit: Grosse-Kunstleve RW, Sauter NK, Adams PD: Newsletter of the IUCr Commission on Crystallographic Computing 2004, 3, 22-31.
;
? 
P  ? ? 9.51135 5.44231 ? ? 1.42069  35.72801 ? ? 0.0 
;2-Gaussian fit: Grosse-Kunstleve RW, Sauter NK, Adams PD: Newsletter of the IUCr Commission on Crystallographic Computing 2004, 3, 22-31.
;
? 
# 
loop_
_atom_site.group_PDB 
_atom_site.id 
_atom_site.type_symbol 
_atom_site.label_atom_id 
_atom_site.label_alt_id 
_atom_site.label_comp_id 
_atom_site.label_asym_id 
_atom_site.label_entity_id 
_atom_site.label_seq_id 
_atom_site.pdbx_PDB_ins_code 
_atom_site.Cartn_x 
_atom_site.Cartn_y 
_atom_site.Cartn_z 
_atom_site.occupancy 
_atom_site.B_iso_or_equiv 
_atom_site.pdbx_formal_charge 
_atom_site.auth_seq_id 
_atom_site.auth_comp_id 
_atom_site.auth_asym_id 
_atom_site.auth_atom_id 
_atom_site.pdbx_PDB_model_num 
ATOM   1   O  "O5'" . DG  A 1 1  ? -18.34062 1.25770   13.99565  1.000 51.82210 ? 1   DG  A "O5'" 1 
ATOM   2   C  "C5'" . DG  A 1 1  ? -17.46674 1.56232   12.89399  1.000 50.12215 ? 1   DG  A "C5'" 1 
ATOM   3   C  "C4'" . DG  A 1 1  ? -16.36191 2.53033   13.30794  1.000 48.91314 ? 1   DG  A "C4'" 1 
ATOM   4   O  "O4'" . DG  A 1 1  ? -15.40458 1.81667   14.12677  1.000 52.66894 ? 1   DG  A "O4'" 1 
ATOM   5   C  "C3'" . DG  A 1 1  ? -15.52395 3.03741   12.15208  1.000 43.20810 ? 1   DG  A "C3'" 1 
ATOM   6   O  "O3'" . DG  A 1 1  ? -14.74841 4.15080   12.56070  1.000 47.70842 ? 1   DG  A "O3'" 1 
ATOM   7   C  "C2'" . DG  A 1 1  ? -14.64408 1.82316   11.88016  1.000 45.12426 ? 1   DG  A "C2'" 1 
ATOM   8   C  "C1'" . DG  A 1 1  ? -14.32280 1.37324   13.30830  1.000 39.57982 ? 1   DG  A "C1'" 1 
ATOM   9   N  N9    . DG  A 1 1  ? -14.12730 -0.08705  13.47044  1.000 38.54666 ? 1   DG  A N9    1 
ATOM   10  C  C8    . DG  A 1 1  ? -14.89539 -1.09239  12.92563  1.000 41.98376 ? 1   DG  A C8    1 
ATOM   11  N  N7    . DG  A 1 1  ? -14.48697 -2.30178  13.25348  1.000 44.10682 ? 1   DG  A N7    1 
ATOM   12  C  C5    . DG  A 1 1  ? -13.36934 -2.09080  14.06259  1.000 40.40420 ? 1   DG  A C5    1 
ATOM   13  C  C6    . DG  A 1 1  ? -12.50592 -3.03263  14.70978  1.000 43.48209 ? 1   DG  A C6    1 
ATOM   14  O  O6    . DG  A 1 1  ? -12.56540 -4.27899  14.70641  1.000 46.68730 ? 1   DG  A O6    1 
ATOM   15  N  N1    . DG  A 1 1  ? -11.50683 -2.39896  15.44023  1.000 42.60965 ? 1   DG  A N1    1 
ATOM   16  C  C2    . DG  A 1 1  ? -11.33728 -1.03354  15.52747  1.000 40.80073 ? 1   DG  A C2    1 
ATOM   17  N  N2    . DG  A 1 1  ? -10.28773 -0.61792  16.27299  1.000 39.10288 ? 1   DG  A N2    1 
ATOM   18  N  N3    . DG  A 1 1  ? -12.13937 -0.13843  14.93147  1.000 40.05091 ? 1   DG  A N3    1 
ATOM   19  C  C4    . DG  A 1 1  ? -13.13269 -0.73645  14.22038  1.000 38.20941 ? 1   DG  A C4    1 
ATOM   20  P  P     . DC  A 1 2  ? -14.23461 5.24260   11.48268  1.000 56.33304 ? 2   DC  A P     1 
ATOM   21  O  OP1   . DC  A 1 2  ? -15.00722 6.47893   11.78752  1.000 51.44006 ? 2   DC  A OP1   1 
ATOM   22  O  OP2   . DC  A 1 2  ? -14.16697 4.63371   10.12739  1.000 49.32592 ? 2   DC  A OP2   1 
ATOM   23  O  "O5'" . DC  A 1 2  ? -12.72593 5.57367   11.90278  1.000 42.19134 ? 2   DC  A "O5'" 1 
ATOM   24  C  "C5'" . DC  A 1 2  ? -12.40414 5.82287   13.25698  1.000 42.52149 ? 2   DC  A "C5'" 1 
ATOM   25  C  "C4'" . DC  A 1 2  ? -11.05459 5.23109   13.59115  1.000 36.48400 ? 2   DC  A "C4'" 1 
ATOM   26  O  "O4'" . DC  A 1 2  ? -11.19213 3.81401   13.80216  1.000 38.49721 ? 2   DC  A "O4'" 1 
ATOM   27  C  "C3'" . DC  A 1 2  ? -10.03729 5.34610   12.46212  1.000 34.15997 ? 2   DC  A "C3'" 1 
ATOM   28  O  "O3'" . DC  A 1 2  ? -9.28501  6.52684   12.61665  1.000 36.99153 ? 2   DC  A "O3'" 1 
ATOM   29  C  "C2'" . DC  A 1 2  ? -9.14828  4.11939   12.62524  1.000 38.92144 ? 2   DC  A "C2'" 1 
ATOM   30  C  "C1'" . DC  A 1 2  ? -9.95056  3.18476   13.50814  1.000 37.58929 ? 2   DC  A "C1'" 1 
ATOM   31  N  N1    . DC  A 1 2  ? -10.21281 1.88180   12.86997  1.000 33.22329 ? 2   DC  A N1    1 
ATOM   32  C  C2    . DC  A 1 2  ? -9.46450  0.76329   13.25235  1.000 33.98417 ? 2   DC  A C2    1 
ATOM   33  O  O2    . DC  A 1 2  ? -8.56549  0.89973   14.09316  1.000 32.47622 ? 2   DC  A O2    1 
ATOM   34  N  N3    . DC  A 1 2  ? -9.73097  -0.43722  12.66976  1.000 33.53175 ? 2   DC  A N3    1 
ATOM   35  C  C4    . DC  A 1 2  ? -10.70300 -0.52748  11.76681  1.000 32.56898 ? 2   DC  A C4    1 
ATOM   36  N  N4    . DC  A 1 2  ? -10.94420 -1.71767  11.21941  1.000 36.55102 ? 2   DC  A N4    1 
ATOM   37  C  C5    . DC  A 1 2  ? -11.46708 0.60566   11.36195  1.000 38.41068 ? 2   DC  A C5    1 
ATOM   38  C  C6    . DC  A 1 2  ? -11.18671 1.78177   11.92500  1.000 38.02289 ? 2   DC  A C6    1 
ATOM   39  P  P     . DG  A 1 3  ? -8.10006  6.85738   11.58774  1.000 37.44175 ? 3   DG  A P     1 
ATOM   40  O  OP1   . DG  A 1 3  ? -7.67756  8.25055   11.88667  1.000 37.72406 ? 3   DG  A OP1   1 
ATOM   41  O  OP2   . DG  A 1 3  ? -8.50729  6.42661   10.25015  1.000 35.28510 ? 3   DG  A OP2   1 
ATOM   42  O  "O5'" . DG  A 1 3  ? -6.87865  5.93111   12.02912  1.000 31.87372 ? 3   DG  A "O5'" 1 
ATOM   43  C  "C5'" . DG  A 1 3  ? -6.28083  6.15271   13.29366  1.000 31.45274 ? 3   DG  A "C5'" 1 
ATOM   44  C  "C4'" . DG  A 1 3  ? -5.13939  5.21270   13.48975  1.000 32.08805 ? 3   DG  A "C4'" 1 
ATOM   45  O  "O4'" . DG  A 1 3  ? -5.59897  3.86521   13.25863  1.000 31.47507 ? 3   DG  A "O4'" 1 
ATOM   46  C  "C3'" . DG  A 1 3  ? -3.96999  5.42923   12.53265  1.000 29.17314 ? 3   DG  A "C3'" 1 
ATOM   47  O  "O3'" . DG  A 1 3  ? -2.81202  5.24463   13.26418  1.000 31.26370 ? 3   DG  A "O3'" 1 
ATOM   48  C  "C2'" . DG  A 1 3  ? -4.15298  4.36356   11.43435  1.000 27.29509 ? 3   DG  A "C2'" 1 
ATOM   49  C  "C1'" . DG  A 1 3  ? -4.84608  3.25247   12.21113  1.000 28.36962 ? 3   DG  A "C1'" 1 
ATOM   50  N  N9    . DG  A 1 3  ? -5.78097  2.46800   11.41123  1.000 29.10392 ? 3   DG  A N9    1 
ATOM   51  C  C8    . DG  A 1 3  ? -6.81927  2.94105   10.62733  1.000 27.14050 ? 3   DG  A C8    1 
ATOM   52  N  N7    . DG  A 1 3  ? -7.52409  2.00185   10.07923  1.000 31.29465 ? 3   DG  A N7    1 
ATOM   53  C  C5    . DG  A 1 3  ? -6.92770  0.82080   10.52720  1.000 27.45467 ? 3   DG  A C5    1 
ATOM   54  C  C6    . DG  A 1 3  ? -7.26839  -0.54051  10.27374  1.000 28.07453 ? 3   DG  A C6    1 
ATOM   55  O  O6    . DG  A 1 3  ? -8.17684  -0.99353  9.55145   1.000 28.26026 ? 3   DG  A O6    1 
ATOM   56  N  N1    . DG  A 1 3  ? -6.40087  -1.42044  10.91990  1.000 27.31448 ? 3   DG  A N1    1 
ATOM   57  C  C2    . DG  A 1 3  ? -5.36349  -1.04345  11.72227  1.000 27.78858 ? 3   DG  A C2    1 
ATOM   58  N  N2    . DG  A 1 3  ? -4.65095  -2.03601  12.28162  1.000 28.47893 ? 3   DG  A N2    1 
ATOM   59  N  N3    . DG  A 1 3  ? -5.04846  0.21961   11.98396  1.000 28.68623 ? 3   DG  A N3    1 
ATOM   60  C  C4    . DG  A 1 3  ? -5.85371  1.09177   11.33768  1.000 27.07231 ? 3   DG  A C4    1 
ATOM   61  P  P     . DG  A 1 4  ? -1.36897  5.45688   12.61513  1.000 33.24315 ? 4   DG  A P     1 
ATOM   62  O  OP1   . DG  A 1 4  ? -0.49771  6.00615   13.66527  1.000 35.34141 ? 4   DG  A OP1   1 
ATOM   63  O  OP2   . DG  A 1 4  ? -1.51148  6.15895   11.33747  1.000 37.04062 ? 4   DG  A OP2   1 
ATOM   64  O  "O5'" . DG  A 1 4  ? -0.99503  4.02355   12.07502  1.000 29.16390 ? 4   DG  A "O5'" 1 
ATOM   65  C  "C5'" . DG  A 1 4  ? -0.76368  2.93365   12.92644  1.000 28.37328 ? 4   DG  A "C5'" 1 
ATOM   66  C  "C4'" . DG  A 1 4  ? -0.45379  1.74028   12.02849  1.000 28.25976 ? 4   DG  A "C4'" 1 
ATOM   67  O  "O4'" . DG  A 1 4  ? -1.67984  1.25347   11.40505  1.000 28.57839 ? 4   DG  A "O4'" 1 
ATOM   68  C  "C3'" . DG  A 1 4  ? 0.48339   2.06343   10.85744  1.000 32.76043 ? 4   DG  A "C3'" 1 
ATOM   69  O  "O3'" . DG  A 1 4  ? 1.45722   1.07355   10.76704  1.000 32.70630 ? 4   DG  A "O3'" 1 
ATOM   70  C  "C2'" . DG  A 1 4  ? -0.43278  2.02072   9.64948   1.000 27.59954 ? 4   DG  A "C2'" 1 
ATOM   71  C  "C1'" . DG  A 1 4  ? -1.37613  0.92466   10.05833  1.000 30.48719 ? 4   DG  A "C1'" 1 
ATOM   72  N  N9    . DG  A 1 4  ? -2.59597  0.93845   9.26921   1.000 27.29273 ? 4   DG  A N9    1 
ATOM   73  C  C8    . DG  A 1 4  ? -3.26594  2.05191   8.83326   1.000 23.34445 ? 4   DG  A C8    1 
ATOM   74  N  N7    . DG  A 1 4  ? -4.34001  1.78480   8.17559   1.000 24.24750 ? 4   DG  A N7    1 
ATOM   75  C  C5    . DG  A 1 4  ? -4.38853  0.40091   8.15615   1.000 24.67568 ? 4   DG  A C5    1 
ATOM   76  C  C6    . DG  A 1 4  ? -5.33411  -0.44150  7.58289   1.000 25.45099 ? 4   DG  A C6    1 
ATOM   77  O  O6    . DG  A 1 4  ? -6.33258  -0.12160  6.96380   1.000 28.16919 ? 4   DG  A O6    1 
ATOM   78  N  N1    . DG  A 1 4  ? -5.03889  -1.77723  7.77921   1.000 24.36597 ? 4   DG  A N1    1 
ATOM   79  C  C2    . DG  A 1 4  ? -3.93355  -2.23926  8.45839   1.000 23.65588 ? 4   DG  A C2    1 
ATOM   80  N  N2    . DG  A 1 4  ? -3.81303  -3.56352  8.54662   1.000 30.53635 ? 4   DG  A N2    1 
ATOM   81  N  N3    . DG  A 1 4  ? -3.03030  -1.44813  9.02721   1.000 28.00090 ? 4   DG  A N3    1 
ATOM   82  C  C4    . DG  A 1 4  ? -3.32489  -0.13911  8.83423   1.000 25.99253 ? 4   DG  A C4    1 
ATOM   83  P  P     . DT  A 1 5  ? 2.79554   1.30433   9.88452   1.000 33.46865 ? 5   DT  A P     1 
ATOM   84  O  OP1   . DT  A 1 5  ? 3.61248   0.18153   10.40754  1.000 42.55806 ? 5   DT  A OP1   1 
ATOM   85  O  OP2   . DT  A 1 5  ? 3.19763   2.72569   10.06011  1.000 39.81863 ? 5   DT  A OP2   1 
ATOM   86  O  "O5'" . DT  A 1 5  ? 2.32137   1.30865   8.33852   1.000 32.62376 ? 5   DT  A "O5'" 1 
ATOM   87  C  "C5'" . DT  A 1 5  ? 2.44749   0.16040   7.50007   1.000 28.75507 ? 5   DT  A "C5'" 1 
ATOM   88  C  "C4'" . DT  A 1 5  ? 1.71170   -1.02994  8.08651   1.000 37.43111 ? 5   DT  A "C4'" 1 
ATOM   89  O  "O4'" . DT  A 1 5  ? 0.27637   -0.82426  7.99866   1.000 32.51382 ? 5   DT  A "O4'" 1 
ATOM   90  C  "C3'" . DT  A 1 5  ? 1.91582   -2.30653  7.32704   1.000 37.05123 ? 5   DT  A "C3'" 1 
ATOM   91  O  "O3'" . DT  A 1 5  ? 1.55699   -3.38161  8.16664   1.000 38.28479 ? 5   DT  A "O3'" 1 
ATOM   92  C  "C2'" . DT  A 1 5  ? 0.93318   -2.12927  6.17088   1.000 30.43897 ? 5   DT  A "C2'" 1 
ATOM   93  C  "C1'" . DT  A 1 5  ? -0.25330  -1.59046  6.93184   1.000 29.48509 ? 5   DT  A "C1'" 1 
ATOM   94  N  N1    . DT  A 1 5  ? -1.15643  -0.72145  6.19050   1.000 25.98653 ? 5   DT  A N1    1 
ATOM   95  C  C2    . DT  A 1 5  ? -2.26120  -1.26767  5.57081   1.000 19.87737 ? 5   DT  A C2    1 
ATOM   96  O  O2    . DT  A 1 5  ? -2.48312  -2.47146  5.52675   1.000 27.06336 ? 5   DT  A O2    1 
ATOM   97  N  N3    . DT  A 1 5  ? -3.06906  -0.36441  4.94832   1.000 23.87726 ? 5   DT  A N3    1 
ATOM   98  C  C4    . DT  A 1 5  ? -2.92454  0.99755   4.94255   1.000 20.71607 ? 5   DT  A C4    1 
ATOM   99  O  O4    . DT  A 1 5  ? -3.70968  1.72894   4.35043   1.000 26.79797 ? 5   DT  A O4    1 
ATOM   100 C  C5    . DT  A 1 5  ? -1.74188  1.50181   5.59053   1.000 23.55757 ? 5   DT  A C5    1 
ATOM   101 C  C7    . DT  A 1 5  ? -1.48062  2.97802   5.60095   1.000 27.58673 ? 5   DT  A C7    1 
ATOM   102 C  C6    . DT  A 1 5  ? -0.93015  0.62325   6.19513   1.000 22.56140 ? 5   DT  A C6    1 
ATOM   103 P  P     . DG  A 1 6  ? 2.38972   -4.73777  8.02574   1.000 47.98376 ? 6   DG  A P     1 
ATOM   104 O  OP1   . DG  A 1 6  ? 1.96311   -5.60346  9.14761   1.000 51.10932 ? 6   DG  A OP1   1 
ATOM   105 O  OP2   . DG  A 1 6  ? 3.81444   -4.41013  7.74318   1.000 43.23685 ? 6   DG  A OP2   1 
ATOM   106 O  "O5'" . DG  A 1 6  ? 1.88870   -5.33571  6.62137   1.000 34.03507 ? 6   DG  A "O5'" 1 
ATOM   107 C  "C5'" . DG  A 1 6  ? 2.77812   -6.14121  5.88328   1.000 34.95936 ? 6   DG  A "C5'" 1 
ATOM   108 C  "C4'" . DG  A 1 6  ? 2.12838   -6.65737  4.63495   1.000 29.77173 ? 6   DG  A "C4'" 1 
ATOM   109 O  "O4'" . DG  A 1 6  ? 1.00198   -5.80333  4.25959   1.000 30.85948 ? 6   DG  A "O4'" 1 
ATOM   110 C  "C3'" . DG  A 1 6  ? 3.07218   -6.69470  3.45483   1.000 29.05879 ? 6   DG  A "C3'" 1 
ATOM   111 O  "O3'" . DG  A 1 6  ? 3.03475   -7.98280  2.88267   1.000 32.24230 ? 6   DG  A "O3'" 1 
ATOM   112 C  "C2'" . DG  A 1 6  ? 2.56642   -5.57952  2.51686   1.000 29.80028 ? 6   DG  A "C2'" 1 
ATOM   113 C  "C1'" . DG  A 1 6  ? 1.09432   -5.46972  2.87622   1.000 24.30158 ? 6   DG  A "C1'" 1 
ATOM   114 N  N9    . DG  A 1 6  ? 0.51058   -4.14002  2.68484   1.000 21.76048 ? 6   DG  A N9    1 
ATOM   115 C  C8    . DG  A 1 6  ? 1.06852   -2.93581  3.06225   1.000 21.30705 ? 6   DG  A C8    1 
ATOM   116 N  N7    . DG  A 1 6  ? 0.29452   -1.89792  2.83551   1.000 20.26936 ? 6   DG  A N7    1 
ATOM   117 C  C5    . DG  A 1 6  ? -0.84681  -2.43380  2.25953   1.000 19.01500 ? 6   DG  A C5    1 
ATOM   118 C  C6    . DG  A 1 6  ? -2.01903  -1.77752  1.77828   1.000 19.12099 ? 6   DG  A C6    1 
ATOM   119 O  O6    . DG  A 1 6  ? -2.28797  -0.56708  1.80117   1.000 20.40648 ? 6   DG  A O6    1 
ATOM   120 N  N1    . DG  A 1 6  ? -2.93229  -2.66538  1.25043   1.000 21.76669 ? 6   DG  A N1    1 
ATOM   121 C  C2    . DG  A 1 6  ? -2.75154  -4.03296  1.20153   1.000 20.48865 ? 6   DG  A C2    1 
ATOM   122 N  N2    . DG  A 1 6  ? -3.75610  -4.73326  0.66904   1.000 24.29961 ? 6   DG  A N2    1 
ATOM   123 N  N3    . DG  A 1 6  ? -1.66389  -4.67078  1.64908   1.000 23.66409 ? 6   DG  A N3    1 
ATOM   124 C  C4    . DG  A 1 6  ? -0.73660  -3.80785  2.14465   1.000 19.66949 ? 6   DG  A C4    1 
ATOM   125 P  P     . DG  A 1 7  ? 3.85698   -8.32722  1.56868   1.000 40.90637 ? 7   DG  A P     1 
ATOM   126 O  OP1   . DG  A 1 7  ? 4.08240   -9.79154  1.71749   1.000 43.24818 ? 7   DG  A OP1   1 
ATOM   127 O  OP2   . DG  A 1 7  ? 4.95158   -7.37597  1.21106   1.000 35.17499 ? 7   DG  A OP2   1 
ATOM   128 O  "O5'" . DG  A 1 7  ? 2.79340   -8.09674  0.44565   1.000 34.52203 ? 7   DG  A "O5'" 1 
ATOM   129 C  "C5'" . DG  A 1 7  ? 1.48823   -8.56442  0.61097   1.000 27.92483 ? 7   DG  A "C5'" 1 
ATOM   130 C  "C4'" . DG  A 1 7  ? 0.67946   -8.16577  -0.60466  1.000 24.89696 ? 7   DG  A "C4'" 1 
ATOM   131 O  "O4'" . DG  A 1 7  ? 0.21116   -6.79632  -0.43792  1.000 23.85363 ? 7   DG  A "O4'" 1 
ATOM   132 C  "C3'" . DG  A 1 7  ? 1.45554   -8.15380  -1.92261  1.000 25.45767 ? 7   DG  A "C3'" 1 
ATOM   133 O  "O3'" . DG  A 1 7  ? 0.63217   -8.66847  -2.95601  1.000 26.15128 ? 7   DG  A "O3'" 1 
ATOM   134 C  "C2'" . DG  A 1 7  ? 1.73590   -6.66802  -2.13704  1.000 21.80348 ? 7   DG  A "C2'" 1 
ATOM   135 C  "C1'" . DG  A 1 7  ? 0.43045   -6.09334  -1.60103  1.000 22.93691 ? 7   DG  A "C1'" 1 
ATOM   136 N  N9    . DG  A 1 7  ? 0.47172   -4.67419  -1.26431  1.000 23.40171 ? 7   DG  A N9    1 
ATOM   137 C  C8    . DG  A 1 7  ? 1.46026   -4.01214  -0.57762  1.000 20.83226 ? 7   DG  A C8    1 
ATOM   138 N  N7    . DG  A 1 7  ? 1.21306   -2.73181  -0.42486  1.000 16.27831 ? 7   DG  A N7    1 
ATOM   139 C  C5    . DG  A 1 7  ? -0.01653  -2.55070  -1.05621  1.000 17.92093 ? 7   DG  A C5    1 
ATOM   140 C  C6    . DG  A 1 7  ? -0.77892  -1.39363  -1.21055  1.000 14.53853 ? 7   DG  A C6    1 
ATOM   141 O  O6    . DG  A 1 7  ? -0.49144  -0.26851  -0.80567  1.000 15.42484 ? 7   DG  A O6    1 
ATOM   142 N  N1    . DG  A 1 7  ? -1.96480  -1.63728  -1.88834  1.000 18.76215 ? 7   DG  A N1    1 
ATOM   143 C  C2    . DG  A 1 7  ? -2.34684  -2.86120  -2.37998  1.000 18.86357 ? 7   DG  A C2    1 
ATOM   144 N  N2    . DG  A 1 7  ? -3.53222  -2.93169  -3.01830  1.000 18.98550 ? 7   DG  A N2    1 
ATOM   145 N  N3    . DG  A 1 7  ? -1.63855  -3.96479  -2.21059  1.000 21.44118 ? 7   DG  A N3    1 
ATOM   146 C  C4    . DG  A 1 7  ? -0.49112  -3.73614  -1.55063  1.000 18.08159 ? 7   DG  A C4    1 
ATOM   147 P  P     . DT  A 1 8  ? 1.33041   -9.17423  -4.31609  1.000 28.23349 ? 8   DT  A P     1 
ATOM   148 O  OP1   . DT  A 1 8  ? 0.28537   -9.70221  -5.20696  1.000 34.44289 ? 8   DT  A OP1   1 
ATOM   149 O  OP2   . DT  A 1 8  ? 2.52781   -9.96892  -3.91985  1.000 31.09461 ? 8   DT  A OP2   1 
ATOM   150 O  "O5'" . DT  A 1 8  ? 1.77229   -7.80580  -4.96487  1.000 29.41875 ? 8   DT  A "O5'" 1 
ATOM   151 C  "C5'" . DT  A 1 8  ? 2.36320   -7.75478  -6.19842  1.000 24.03449 ? 8   DT  A "C5'" 1 
ATOM   152 C  "C4'" . DT  A 1 8  ? 2.53731   -6.30854  -6.51567  1.000 18.82185 ? 8   DT  A "C4'" 1 
ATOM   153 O  "O4'" . DT  A 1 8  ? 3.55079   -5.77544  -5.68924  1.000 19.26487 ? 8   DT  A "O4'" 1 
ATOM   154 C  "C3'" . DT  A 1 8  ? 2.94363   -5.97362  -7.94598  1.000 20.11096 ? 8   DT  A "C3'" 1 
ATOM   155 O  "O3'" . DT  A 1 8  ? 1.86289   -5.33402  -8.56782  1.000 21.38707 ? 8   DT  A "O3'" 1 
ATOM   156 C  "C2'" . DT  A 1 8  ? 4.11804   -4.99816  -7.78601  1.000 18.87399 ? 8   DT  A "C2'" 1 
ATOM   157 C  "C1'" . DT  A 1 8  ? 4.01526   -4.61771  -6.32642  1.000 20.11059 ? 8   DT  A "C1'" 1 
ATOM   158 N  N1    . DT  A 1 8  ? 5.28836   -4.27607  -5.69499  1.000 18.01476 ? 8   DT  A N1    1 
ATOM   159 C  C2    . DT  A 1 8  ? 5.61549   -2.96353  -5.48660  1.000 15.74926 ? 8   DT  A C2    1 
ATOM   160 O  O2    . DT  A 1 8  ? 4.91753   -2.04094  -5.85424  1.000 18.99750 ? 8   DT  A O2    1 
ATOM   161 N  N3    . DT  A 1 8  ? 6.77549   -2.75934  -4.84731  1.000 16.63078 ? 8   DT  A N3    1 
ATOM   162 C  C4    . DT  A 1 8  ? 7.65756   -3.72821  -4.41302  1.000 21.01708 ? 8   DT  A C4    1 
ATOM   163 O  O4    . DT  A 1 8  ? 8.66789   -3.43536  -3.80534  1.000 21.43854 ? 8   DT  A O4    1 
ATOM   164 C  C5    . DT  A 1 8  ? 7.25415   -5.09961  -4.64511  1.000 20.99059 ? 8   DT  A C5    1 
ATOM   165 C  C7    . DT  A 1 8  ? 8.11457   -6.22870  -4.20018  1.000 21.67402 ? 8   DT  A C7    1 
ATOM   166 C  C6    . DT  A 1 8  ? 6.09637   -5.30803  -5.26235  1.000 19.74967 ? 8   DT  A C6    1 
ATOM   167 P  P     . DC  A 1 9  ? 1.62111   -5.56207  -10.11790 1.000 27.70482 ? 9   DC  A P     1 
ATOM   168 O  OP1   . DC  A 1 9  ? 1.10215   -6.94838  -10.23287 1.000 29.96730 ? 9   DC  A OP1   1 
ATOM   169 O  OP2   . DC  A 1 9  ? 2.83326   -5.11637  -10.87332 1.000 33.75651 ? 9   DC  A OP2   1 
ATOM   170 O  "O5'" . DC  A 1 9  ? 0.47373   -4.48783  -10.44000 1.000 23.87466 ? 9   DC  A "O5'" 1 
ATOM   171 C  "C5'" . DC  A 1 9  ? -0.86870  -4.75446  -10.15668 1.000 25.02915 ? 9   DC  A "C5'" 1 
ATOM   172 C  "C4'" . DC  A 1 9  ? -1.61384  -3.44632  -10.20568 1.000 22.97065 ? 9   DC  A "C4'" 1 
ATOM   173 O  "O4'" . DC  A 1 9  ? -1.20729  -2.66888  -9.08531  1.000 21.34227 ? 9   DC  A "O4'" 1 
ATOM   174 C  "C3'" . DC  A 1 9  ? -1.36180  -2.57954  -11.44566 1.000 23.00579 ? 9   DC  A "C3'" 1 
ATOM   175 O  "O3'" . DC  A 1 9  ? -2.58947  -2.04696  -11.87249 1.000 21.70438 ? 9   DC  A "O3'" 1 
ATOM   176 C  "C2'" . DC  A 1 9  ? -0.40900  -1.48854  -10.93929 1.000 17.94499 ? 9   DC  A "C2'" 1 
ATOM   177 C  "C1'" . DC  A 1 9  ? -0.84989  -1.39054  -9.47072  1.000 16.96260 ? 9   DC  A "C1'" 1 
ATOM   178 N  N1    . DC  A 1 9  ? 0.21740   -0.96279  -8.59223  1.000 17.63418 ? 9   DC  A N1    1 
ATOM   179 C  C2    . DC  A 1 9  ? 0.15515   0.30436   -8.00122  1.000 15.43886 ? 9   DC  A C2    1 
ATOM   180 O  O2    . DC  A 1 9  ? -0.82735  1.03096   -8.26394  1.000 18.36708 ? 9   DC  A O2    1 
ATOM   181 N  N3    . DC  A 1 9  ? 1.18070   0.73990   -7.22649  1.000 15.77317 ? 9   DC  A N3    1 
ATOM   182 C  C4    . DC  A 1 9  ? 2.19543   -0.07223  -6.93997  1.000 15.10173 ? 9   DC  A C4    1 
ATOM   183 N  N4    . DC  A 1 9  ? 3.19453   0.40354   -6.18426  1.000 14.35165 ? 9   DC  A N4    1 
ATOM   184 C  C5    . DC  A 1 9  ? 2.27527   -1.37901  -7.51879  1.000 19.49210 ? 9   DC  A C5    1 
ATOM   185 C  C6    . DC  A 1 9  ? 1.27339   -1.78382  -8.31574  1.000 20.14689 ? 9   DC  A C6    1 
ATOM   186 P  P     . DT  A 1 10 ? -2.75084  -1.33277  -13.27146 1.000 22.00028 ? 10  DT  A P     1 
ATOM   187 O  OP1   . DT  A 1 10 ? -4.20327  -1.41101  -13.57308 1.000 27.15960 ? 10  DT  A OP1   1 
ATOM   188 O  OP2   . DT  A 1 10 ? -1.78843  -1.88910  -14.27813 1.000 22.20829 ? 10  DT  A OP2   1 
ATOM   189 O  "O5'" . DT  A 1 10 ? -2.31263  0.16301   -12.95014 1.000 20.51208 ? 10  DT  A "O5'" 1 
ATOM   190 C  "C5'" . DT  A 1 10 ? -2.67547  1.17456   -13.88372 1.000 20.83326 ? 10  DT  A "C5'" 1 
ATOM   191 C  "C4'" . DT  A 1 10 ? -2.58049  2.55587   -13.26346 1.000 23.34536 ? 10  DT  A "C4'" 1 
ATOM   192 O  "O4'" . DT  A 1 10 ? -3.64590  2.71428   -12.29628 1.000 22.90286 ? 10  DT  A "O4'" 1 
ATOM   193 C  "C3'" . DT  A 1 10 ? -1.28022  2.84377   -12.52651 1.000 18.99637 ? 10  DT  A "C3'" 1 
ATOM   194 O  "O3'" . DT  A 1 10 ? -0.91468  4.21464   -12.67448 1.000 20.29923 ? 10  DT  A "O3'" 1 
ATOM   195 C  "C2'" . DT  A 1 10 ? -1.62151  2.52244   -11.07557 1.000 17.01980 ? 10  DT  A "C2'" 1 
ATOM   196 C  "C1'" . DT  A 1 10 ? -3.09007  2.95212   -11.02073 1.000 20.01025 ? 10  DT  A "C1'" 1 
ATOM   197 N  N1    . DT  A 1 10 ? -3.89360  2.18598   -10.02993 1.000 20.42162 ? 10  DT  A N1    1 
ATOM   198 C  C2    . DT  A 1 10 ? -4.28068  2.79718   -8.85631  1.000 19.67191 ? 10  DT  A C2    1 
ATOM   199 O  O2    . DT  A 1 10 ? -4.00125  3.94566   -8.58889  1.000 24.75011 ? 10  DT  A O2    1 
ATOM   200 N  N3    . DT  A 1 10 ? -5.02779  2.00309   -7.99174  1.000 22.61327 ? 10  DT  A N3    1 
ATOM   201 C  C4    . DT  A 1 10 ? -5.36795  0.68336   -8.19188  1.000 24.27109 ? 10  DT  A C4    1 
ATOM   202 O  O4    . DT  A 1 10 ? -6.03516  0.05407   -7.37815  1.000 25.24149 ? 10  DT  A O4    1 
ATOM   203 C  C5    . DT  A 1 10 ? -4.88856  0.08201   -9.42145  1.000 18.84341 ? 10  DT  A C5    1 
ATOM   204 C  C7    . DT  A 1 10 ? -5.22302  -1.33680  -9.72151  1.000 19.97850 ? 10  DT  A C7    1 
ATOM   205 C  C6    . DT  A 1 10 ? -4.19490  0.85247   -10.28385 1.000 20.08243 ? 10  DT  A C6    1 
ATOM   206 P  P     . DA  A 1 11 ? 0.62142   4.62661   -12.90865 1.000 20.53123 ? 11  DA  A P     1 
ATOM   207 O  OP1   . DA  A 1 11 ? 0.56268   6.02429   -13.35511 1.000 24.14391 ? 11  DA  A OP1   1 
ATOM   208 O  OP2   . DA  A 1 11 ? 1.26700   3.61377   -13.75347 1.000 25.57177 ? 11  DA  A OP2   1 
ATOM   209 O  "O5'" . DA  A 1 11 ? 1.28490   4.44876   -11.51773 1.000 17.83318 ? 11  DA  A "O5'" 1 
ATOM   210 C  "C5'" . DA  A 1 11 ? 1.06354   5.49722   -10.51880 1.000 19.08389 ? 11  DA  A "C5'" 1 
ATOM   211 C  "C4'" . DA  A 1 11 ? 2.15216   5.43771   -9.45946  1.000 20.37082 ? 11  DA  A "C4'" 1 
ATOM   212 O  "O4'" . DA  A 1 11 ? 2.11981   4.13008   -8.85553  1.000 17.41176 ? 11  DA  A "O4'" 1 
ATOM   213 C  "C3'" . DA  A 1 11 ? 3.55991   5.54751   -9.98257  1.000 17.29646 ? 11  DA  A "C3'" 1 
ATOM   214 O  "O3'" . DA  A 1 11 ? 3.92299   6.87433   -9.98743  1.000 20.35963 ? 11  DA  A "O3'" 1 
ATOM   215 C  "C2'" . DA  A 1 11 ? 4.36386   4.77747   -8.95734  1.000 19.96303 ? 11  DA  A "C2'" 1 
ATOM   216 C  "C1'" . DA  A 1 11 ? 3.38321   3.70764   -8.51993  1.000 19.69494 ? 11  DA  A "C1'" 1 
ATOM   217 N  N9    . DA  A 1 11 ? 3.52375   2.39049   -9.12643  1.000 18.20377 ? 11  DA  A N9    1 
ATOM   218 C  C8    . DA  A 1 11 ? 2.62865   1.74252   -9.95019  1.000 17.92005 ? 11  DA  A C8    1 
ATOM   219 N  N7    . DA  A 1 11 ? 3.00117   0.50856   -10.25856 1.000 17.16307 ? 11  DA  A N7    1 
ATOM   220 C  C5    . DA  A 1 11 ? 4.20557   0.35467   -9.58164  1.000 14.92694 ? 11  DA  A C5    1 
ATOM   221 C  C6    . DA  A 1 11 ? 5.11527   -0.73128  -9.50485  1.000 14.80130 ? 11  DA  A C6    1 
ATOM   222 N  N6    . DA  A 1 11 ? 4.93283   -1.91955  -10.11265 1.000 18.35499 ? 11  DA  A N6    1 
ATOM   223 N  N1    . DA  A 1 11 ? 6.19219   -0.56173  -8.72530  1.000 17.85788 ? 11  DA  A N1    1 
ATOM   224 C  C2    . DA  A 1 11 ? 6.40905   0.62487   -8.14119  1.000 16.24165 ? 11  DA  A C2    1 
ATOM   225 N  N3    . DA  A 1 11 ? 5.62512   1.71473   -8.15014  1.000 18.57452 ? 11  DA  A N3    1 
ATOM   226 C  C4    . DA  A 1 11 ? 4.55338   1.50658   -8.91036  1.000 15.22146 ? 11  DA  A C4    1 
ATOM   227 P  P     . DT  A 1 12 ? 4.93454   7.42265   -11.08404 1.000 22.62701 ? 12  DT  A P     1 
ATOM   228 O  OP1   . DT  A 1 12 ? 4.94969   8.88778   -11.02934 1.000 27.72448 ? 12  DT  A OP1   1 
ATOM   229 O  OP2   . DT  A 1 12 ? 4.65083   6.73452   -12.34457 1.000 25.25481 ? 12  DT  A OP2   1 
ATOM   230 O  "O5'" . DT  A 1 12 ? 6.35480   6.85576   -10.61412 1.000 23.71078 ? 12  DT  A "O5'" 1 
ATOM   231 C  "C5'" . DT  A 1 12 ? 6.92264   7.23225   -9.39621  1.000 23.85779 ? 12  DT  A "C5'" 1 
ATOM   232 C  "C4'" . DT  A 1 12 ? 8.20765   6.45843   -9.18408  1.000 22.72223 ? 12  DT  A "C4'" 1 
ATOM   233 O  "O4'" . DT  A 1 12 ? 7.90637   5.04375   -9.22131  1.000 21.47751 ? 12  DT  A "O4'" 1 
ATOM   234 C  "C3'" . DT  A 1 12 ? 9.30599   6.68134   -10.22354 1.000 24.89500 ? 12  DT  A "C3'" 1 
ATOM   235 O  "O3'" . DT  A 1 12 ? 10.52998  6.56947   -9.55510  1.000 21.84107 ? 12  DT  A "O3'" 1 
ATOM   236 C  "C2'" . DT  A 1 12 ? 9.08390   5.52166   -11.18457 1.000 19.70316 ? 12  DT  A "C2'" 1 
ATOM   237 C  "C1'" . DT  A 1 12 ? 8.68813   4.41106   -10.22573 1.000 21.25368 ? 12  DT  A "C1'" 1 
ATOM   238 N  N1    . DT  A 1 12 ? 7.87866   3.30774   -10.83936 1.000 19.31334 ? 12  DT  A N1    1 
ATOM   239 C  C2    . DT  A 1 12 ? 8.30546   1.99555   -10.68502 1.000 16.39502 ? 12  DT  A C2    1 
ATOM   240 O  O2    . DT  A 1 12 ? 9.30543   1.69432   -10.08783 1.000 18.55726 ? 12  DT  A O2    1 
ATOM   241 N  N3    . DT  A 1 12 ? 7.53154   1.06796   -11.28153 1.000 16.76051 ? 12  DT  A N3    1 
ATOM   242 C  C4    . DT  A 1 12 ? 6.36560   1.28447   -11.98310 1.000 17.12110 ? 12  DT  A C4    1 
ATOM   243 O  O4    . DT  A 1 12 ? 5.74167   0.38026   -12.49724 1.000 18.12880 ? 12  DT  A O4    1 
ATOM   244 C  C5    . DT  A 1 12 ? 5.95388   2.65562   -12.09845 1.000 17.24782 ? 12  DT  A C5    1 
ATOM   245 C  C7    . DT  A 1 12 ? 4.71462   2.99923   -12.84421 1.000 18.19475 ? 12  DT  A C7    1 
ATOM   246 C  C6    . DT  A 1 12 ? 6.70685   3.58977   -11.50351 1.000 19.30238 ? 12  DT  A C6    1 
ATOM   247 P  P     . DT  A 1 13 ? 11.89246  7.02864   -10.23776 1.000 24.91644 ? 13  DT  A P     1 
ATOM   248 O  OP1   . DT  A 1 13 ? 12.87415  7.28730   -9.15135  1.000 29.57614 ? 13  DT  A OP1   1 
ATOM   249 O  OP2   . DT  A 1 13 ? 11.61726  8.07369   -11.24834 1.000 28.94157 ? 13  DT  A OP2   1 
ATOM   250 O  "O5'" . DT  A 1 13 ? 12.35770  5.73227   -11.02567 1.000 23.78968 ? 13  DT  A "O5'" 1 
ATOM   251 C  "C5'" . DT  A 1 13 ? 13.70675  5.59942   -11.48496 1.000 23.71542 ? 13  DT  A "C5'" 1 
ATOM   252 C  "C4'" . DT  A 1 13 ? 14.02166  4.14376   -11.66294 1.000 25.23573 ? 13  DT  A "C4'" 1 
ATOM   253 O  "O4'" . DT  A 1 13 ? 13.93246  3.44147   -10.39814 1.000 22.50194 ? 13  DT  A "O4'" 1 
ATOM   254 C  "C3'" . DT  A 1 13 ? 13.11575  3.37077   -12.60206 1.000 22.14114 ? 13  DT  A "C3'" 1 
ATOM   255 O  "O3'" . DT  A 1 13 ? 13.91277  2.37655   -13.19821 1.000 24.54300 ? 13  DT  A "O3'" 1 
ATOM   256 C  "C2'" . DT  A 1 13 ? 12.11626  2.72809   -11.65528 1.000 24.72773 ? 13  DT  A "C2'" 1 
ATOM   257 C  "C1'" . DT  A 1 13 ? 13.03083  2.36434   -10.50745 1.000 20.61865 ? 13  DT  A "C1'" 1 
ATOM   258 N  N1    . DT  A 1 13 ? 12.29401  2.21923   -9.23070  1.000 21.83545 ? 13  DT  A N1    1 
ATOM   259 C  C2    . DT  A 1 13 ? 11.95711  0.95305   -8.79165  1.000 20.98737 ? 13  DT  A C2    1 
ATOM   260 O  O2    . DT  A 1 13 ? 12.29363  -0.08684  -9.37012  1.000 24.32808 ? 13  DT  A O2    1 
ATOM   261 N  N3    . DT  A 1 13 ? 11.27205  0.92695   -7.61912  1.000 24.22585 ? 13  DT  A N3    1 
ATOM   262 C  C4    . DT  A 1 13 ? 10.85349  2.01800   -6.87538  1.000 20.55846 ? 13  DT  A C4    1 
ATOM   263 O  O4    . DT  A 1 13 ? 10.19527  1.89209   -5.83475  1.000 28.21185 ? 13  DT  A O4    1 
ATOM   264 C  C5    . DT  A 1 13 ? 11.19915  3.31488   -7.41990  1.000 24.25454 ? 13  DT  A C5    1 
ATOM   265 C  C7    . DT  A 1 13 ? 10.81574  4.56531   -6.71494  1.000 21.65390 ? 13  DT  A C7    1 
ATOM   266 C  C6    . DT  A 1 13 ? 11.92856  3.34515   -8.54919  1.000 21.65737 ? 13  DT  A C6    1 
ATOM   267 P  P     . DC  A 1 14 ? 13.56724  1.77965   -14.64103 1.000 25.10569 ? 14  DC  A P     1 
ATOM   268 O  OP1   . DC  A 1 14 ? 14.80145  1.09306   -15.00008 1.000 29.62063 ? 14  DC  A OP1   1 
ATOM   269 O  OP2   . DC  A 1 14 ? 12.92016  2.86156   -15.42932 1.000 27.18646 ? 14  DC  A OP2   1 
ATOM   270 O  "O5'" . DC  A 1 14 ? 12.39670  0.73478   -14.42279 1.000 27.14985 ? 14  DC  A "O5'" 1 
ATOM   271 C  "C5'" . DC  A 1 14 ? 12.54495  -0.38872  -13.57332 1.000 24.76060 ? 14  DC  A "C5'" 1 
ATOM   272 C  "C4'" . DC  A 1 14 ? 11.31227  -1.22273  -13.70113 1.000 24.77473 ? 14  DC  A "C4'" 1 
ATOM   273 O  "O4'" . DC  A 1 14 ? 10.17322  -0.37408  -13.44415 1.000 22.15215 ? 14  DC  A "O4'" 1 
ATOM   274 C  "C3'" . DC  A 1 14 ? 11.11197  -1.79397  -15.09772 1.000 25.72268 ? 14  DC  A "C3'" 1 
ATOM   275 O  "O3'" . DC  A 1 14 ? 10.60850  -3.11864  -14.98370 1.000 27.55775 ? 14  DC  A "O3'" 1 
ATOM   276 C  "C2'" . DC  A 1 14 ? 10.09604  -0.85813  -15.73370 1.000 26.45046 ? 14  DC  A "C2'" 1 
ATOM   277 C  "C1'" . DC  A 1 14 ? 9.28207   -0.39243  -14.51842 1.000 20.74650 ? 14  DC  A "C1'" 1 
ATOM   278 N  N1    . DC  A 1 14 ? 8.75462   0.99683   -14.63979 1.000 26.09129 ? 14  DC  A N1    1 
ATOM   279 C  C2    . DC  A 1 14 ? 7.49646   1.20033   -15.19514 1.000 22.03851 ? 14  DC  A C2    1 
ATOM   280 O  O2    . DC  A 1 14 ? 6.84109   0.21119   -15.59800 1.000 23.68090 ? 14  DC  A O2    1 
ATOM   281 N  N3    . DC  A 1 14 ? 7.01546   2.48745   -15.30432 1.000 27.69958 ? 14  DC  A N3    1 
ATOM   282 C  C4    . DC  A 1 14 ? 7.75551   3.51660   -14.85416 1.000 27.89337 ? 14  DC  A C4    1 
ATOM   283 N  N4    . DC  A 1 14 ? 7.24762   4.77645   -14.98129 1.000 29.01505 ? 14  DC  A N4    1 
ATOM   284 C  C5    . DC  A 1 14 ? 9.05582   3.30648   -14.27952 1.000 27.50937 ? 14  DC  A C5    1 
ATOM   285 C  C6    . DC  A 1 14 ? 9.50541   2.04270   -14.18620 1.000 28.45696 ? 14  DC  A C6    1 
ATOM   286 P  P     . DA  A 1 15 ? 11.59789  -4.35699  -15.18435 1.000 30.99542 ? 15  DA  A P     1 
ATOM   287 O  OP1   . DA  A 1 15 ? 12.45844  -3.95614  -16.26461 1.000 26.81380 ? 15  DA  A OP1   1 
ATOM   288 O  OP2   . DA  A 1 15 ? 10.80742  -5.60339  -15.13555 1.000 35.56605 ? 15  DA  A OP2   1 
ATOM   289 O  "O5'" . DA  A 1 15 ? 12.63524  -4.28546  -13.96025 1.000 26.00645 ? 15  DA  A "O5'" 1 
ATOM   290 C  "C5'" . DA  A 1 15 ? 12.51646  -5.09876  -12.84337 1.000 18.70631 ? 15  DA  A "C5'" 1 
ATOM   291 C  "C4'" . DA  A 1 15 ? 13.18468  -4.43141  -11.68143 1.000 19.26173 ? 15  DA  A "C4'" 1 
ATOM   292 O  "O4'" . DA  A 1 15 ? 12.47083  -3.19023  -11.35470 1.000 20.85902 ? 15  DA  A "O4'" 1 
ATOM   293 C  "C3'" . DA  A 1 15 ? 13.15504  -5.21834  -10.40467 1.000 24.02578 ? 15  DA  A "C3'" 1 
ATOM   294 O  "O3'" . DA  A 1 15 ? 14.21133  -4.73713  -9.62415  1.000 21.82373 ? 15  DA  A "O3'" 1 
ATOM   295 C  "C2'" . DA  A 1 15 ? 11.75787  -4.85839  -9.83864  1.000 23.76349 ? 15  DA  A "C2'" 1 
ATOM   296 C  "C1'" . DA  A 1 15 ? 11.59091  -3.38795  -10.23675 1.000 22.49130 ? 15  DA  A "C1'" 1 
ATOM   297 N  N9    . DA  A 1 15 ? 10.26009  -2.96103  -10.71163 1.000 19.79570 ? 15  DA  A N9    1 
ATOM   298 C  C8    . DA  A 1 15 ? 9.71280   -1.70892  -10.56603 1.000 17.33988 ? 15  DA  A C8    1 
ATOM   299 N  N7    . DA  A 1 15 ? 8.57673   -1.54994  -11.17208 1.000 18.20821 ? 15  DA  A N7    1 
ATOM   300 C  C5    . DA  A 1 15 ? 8.35425   -2.75875  -11.78361 1.000 18.23835 ? 15  DA  A C5    1 
ATOM   301 C  C6    . DA  A 1 15 ? 7.30241   -3.20450  -12.60381 1.000 18.60529 ? 15  DA  A C6    1 
ATOM   302 N  N6    . DA  A 1 15 ? 6.26768   -2.44212  -12.93397 1.000 19.83883 ? 15  DA  A N6    1 
ATOM   303 N  N1    . DA  A 1 15 ? 7.36011   -4.46283  -13.07001 1.000 21.97581 ? 15  DA  A N1    1 
ATOM   304 C  C2    . DA  A 1 15 ? 8.41550   -5.22216  -12.74806 1.000 22.47359 ? 15  DA  A C2    1 
ATOM   305 N  N3    . DA  A 1 15 ? 9.44825   -4.91717  -12.00251 1.000 20.38796 ? 15  DA  A N3    1 
ATOM   306 C  C4    . DA  A 1 15 ? 9.37915   -3.64769  -11.53888 1.000 18.90200 ? 15  DA  A C4    1 
ATOM   307 P  P     . DT  A 1 16 ? 14.50493  -5.37345  -8.19815  1.000 29.66654 ? 16  DT  A P     1 
ATOM   308 O  OP1   . DT  A 1 16 ? 15.95516  -5.28360  -8.07481  1.000 34.70738 ? 16  DT  A OP1   1 
ATOM   309 O  OP2   . DT  A 1 16 ? 13.71758  -6.60944  -8.01146  1.000 33.66737 ? 16  DT  A OP2   1 
ATOM   310 O  "O5'" . DT  A 1 16 ? 13.82665  -4.35382  -7.15668  1.000 26.62771 ? 16  DT  A "O5'" 1 
ATOM   311 C  "C5'" . DT  A 1 16 ? 14.18023  -2.98879  -7.13580  1.000 27.64242 ? 16  DT  A "C5'" 1 
ATOM   312 C  "C4'" . DT  A 1 16 ? 13.31136  -2.22582  -6.19791  1.000 25.20985 ? 16  DT  A "C4'" 1 
ATOM   313 O  "O4'" . DT  A 1 16 ? 11.99456  -2.06476  -6.76240  1.000 25.67889 ? 16  DT  A "O4'" 1 
ATOM   314 C  "C3'" . DT  A 1 16 ? 13.11834  -2.83174  -4.83339  1.000 26.92236 ? 16  DT  A "C3'" 1 
ATOM   315 O  "O3'" . DT  A 1 16 ? 13.07775  -1.73664  -3.95358  1.000 23.64215 ? 16  DT  A "O3'" 1 
ATOM   316 C  "C2'" . DT  A 1 16 ? 11.74779  -3.51198  -4.96625  1.000 22.71184 ? 16  DT  A "C2'" 1 
ATOM   317 C  "C1'" . DT  A 1 16 ? 11.03136  -2.49682  -5.84460  1.000 20.94226 ? 16  DT  A "C1'" 1 
ATOM   318 N  N1    . DT  A 1 16 ? 9.91423   -2.98985  -6.67750  1.000 19.55483 ? 16  DT  A N1    1 
ATOM   319 C  C2    . DT  A 1 16 ? 9.04120   -2.04219  -7.15664  1.000 18.58599 ? 16  DT  A C2    1 
ATOM   320 O  O2    . DT  A 1 16 ? 9.13969   -0.88176  -6.86892  1.000 20.48531 ? 16  DT  A O2    1 
ATOM   321 N  N3    . DT  A 1 16 ? 8.02373   -2.51379  -7.92999  1.000 17.43120 ? 16  DT  A N3    1 
ATOM   322 C  C4    . DT  A 1 16 ? 7.83448   -3.79955  -8.32972  1.000 16.93264 ? 16  DT  A C4    1 
ATOM   323 O  O4    . DT  A 1 16 ? 6.91766   -4.11074  -9.05726  1.000 21.16367 ? 16  DT  A O4    1 
ATOM   324 C  C5    . DT  A 1 16 ? 8.82039   -4.76776  -7.84928  1.000 22.79450 ? 16  DT  A C5    1 
ATOM   325 C  C7    . DT  A 1 16 ? 8.67325   -6.21070  -8.19033  1.000 24.02140 ? 16  DT  A C7    1 
ATOM   326 C  C6    . DT  A 1 16 ? 9.81466   -4.32033  -7.04624  1.000 24.08893 ? 16  DT  A C6    1 
ATOM   327 P  P     . DA  A 1 17 ? 12.70753  -1.84738  -2.41374  1.000 23.30452 ? 17  DA  A P     1 
ATOM   328 O  OP1   . DA  A 1 17 ? 13.64519  -0.98566  -1.69679  1.000 25.62396 ? 17  DA  A OP1   1 
ATOM   329 O  OP2   . DA  A 1 17 ? 12.64838  -3.23785  -1.97295  1.000 24.97054 ? 17  DA  A OP2   1 
ATOM   330 O  "O5'" . DA  A 1 17 ? 11.21486  -1.22328  -2.38562  1.000 22.20928 ? 17  DA  A "O5'" 1 
ATOM   331 C  "C5'" . DA  A 1 17 ? 10.99380  0.13777   -2.52823  1.000 25.42208 ? 17  DA  A "C5'" 1 
ATOM   332 C  "C4'" . DA  A 1 17 ? 9.92245   0.55127   -1.54031  1.000 21.32019 ? 17  DA  A "C4'" 1 
ATOM   333 O  "O4'" . DA  A 1 17 ? 8.62865   -0.04865  -1.87696  1.000 18.66690 ? 17  DA  A "O4'" 1 
ATOM   334 C  "C3'" . DA  A 1 17 ? 10.19610  0.11284   -0.11158  1.000 20.28502 ? 17  DA  A "C3'" 1 
ATOM   335 O  "O3'" . DA  A 1 17 ? 9.76594   1.15239   0.78883   1.000 21.71981 ? 17  DA  A "O3'" 1 
ATOM   336 C  "C2'" . DA  A 1 17 ? 9.28889   -1.10543  0.02547   1.000 24.51176 ? 17  DA  A "C2'" 1 
ATOM   337 C  "C1'" . DA  A 1 17 ? 8.07347   -0.56264  -0.66268  1.000 22.30196 ? 17  DA  A "C1'" 1 
ATOM   338 N  N9    . DA  A 1 17 ? 7.09535   -1.55415  -1.05792  1.000 19.67184 ? 17  DA  A N9    1 
ATOM   339 C  C8    . DA  A 1 17 ? 7.26320   -2.89464  -1.05411  1.000 21.01696 ? 17  DA  A C8    1 
ATOM   340 N  N7    . DA  A 1 17 ? 6.26251   -3.54733  -1.60826  1.000 20.33103 ? 17  DA  A N7    1 
ATOM   341 C  C5    . DA  A 1 17 ? 5.37119   -2.57003  -1.97047  1.000 17.88249 ? 17  DA  A C5    1 
ATOM   342 C  C6    . DA  A 1 17 ? 4.10058   -2.62063  -2.61120  1.000 15.34147 ? 17  DA  A C6    1 
ATOM   343 N  N6    . DA  A 1 17 ? 3.50446   -3.75739  -3.00123  1.000 17.64629 ? 17  DA  A N6    1 
ATOM   344 N  N1    . DA  A 1 17 ? 3.47107   -1.44597  -2.83370  1.000 16.01344 ? 17  DA  A N1    1 
ATOM   345 C  C2    . DA  A 1 17 ? 4.06740   -0.29611  -2.47129  1.000 16.76267 ? 17  DA  A C2    1 
ATOM   346 N  N3    . DA  A 1 17 ? 5.25687   -0.12042  -1.88542  1.000 17.08793 ? 17  DA  A N3    1 
ATOM   347 C  C4    . DA  A 1 17 ? 5.87411   -1.31641  -1.66389  1.000 14.19452 ? 17  DA  A C4    1 
ATOM   348 P  P     . DG  A 1 18 ? 10.82799  2.20463   1.37544   1.000 20.98180 ? 18  DG  A P     1 
ATOM   349 O  OP1   . DG  A 1 18 ? 11.55403  2.84031   0.24869   1.000 25.00849 ? 18  DG  A OP1   1 
ATOM   350 O  OP2   . DG  A 1 18 ? 11.55485  1.61677   2.47350   1.000 24.69683 ? 18  DG  A OP2   1 
ATOM   351 O  "O5'" . DG  A 1 18 ? 9.89734   3.30548   1.97815   1.000 18.78262 ? 18  DG  A "O5'" 1 
ATOM   352 C  "C5'" . DG  A 1 18 ? 9.05916   4.15491   1.14140   1.000 22.35639 ? 18  DG  A "C5'" 1 
ATOM   353 C  "C4'" . DG  A 1 18 ? 7.64855   4.22906   1.69406   1.000 17.76545 ? 18  DG  A "C4'" 1 
ATOM   354 O  "O4'" . DG  A 1 18 ? 6.96930   3.01105   1.33256   1.000 17.84907 ? 18  DG  A "O4'" 1 
ATOM   355 C  "C3'" . DG  A 1 18 ? 7.58753   4.34050   3.21503   1.000 19.57478 ? 18  DG  A "C3'" 1 
ATOM   356 O  "O3'" . DG  A 1 18 ? 6.51125   5.23008   3.60787   1.000 20.46466 ? 18  DG  A "O3'" 1 
ATOM   357 C  "C2'" . DG  A 1 18 ? 7.26468   2.92678   3.62906   1.000 21.15219 ? 18  DG  A "C2'" 1 
ATOM   358 C  "C1'" . DG  A 1 18 ? 6.33110   2.54618   2.49271   1.000 17.92533 ? 18  DG  A "C1'" 1 
ATOM   359 N  N9    . DG  A 1 18 ? 6.08317   1.10895   2.32664   1.000 17.48806 ? 18  DG  A N9    1 
ATOM   360 C  C8    . DG  A 1 18 ? 6.85336   0.08924   2.76627   1.000 17.77678 ? 18  DG  A C8    1 
ATOM   361 N  N7    . DG  A 1 18 ? 6.37295   -1.08763  2.46303   1.000 21.90271 ? 18  DG  A N7    1 
ATOM   362 C  C5    . DG  A 1 18 ? 5.17441   -0.81595  1.82561   1.000 18.41005 ? 18  DG  A C5    1 
ATOM   363 C  C6    . DG  A 1 18 ? 4.20158   -1.68543  1.30668   1.000 15.34837 ? 18  DG  A C6    1 
ATOM   364 O  O6    . DG  A 1 18 ? 4.20520   -2.93237  1.31271   1.000 20.70235 ? 18  DG  A O6    1 
ATOM   365 N  N1    . DG  A 1 18 ? 3.13260   -0.98318  0.72730   1.000 15.85720 ? 18  DG  A N1    1 
ATOM   366 C  C2    . DG  A 1 18 ? 3.03409   0.39126   0.67066   1.000 15.94007 ? 18  DG  A C2    1 
ATOM   367 N  N2    . DG  A 1 18 ? 1.94698   0.91242   0.09644   1.000 16.55118 ? 18  DG  A N2    1 
ATOM   368 N  N3    . DG  A 1 18 ? 3.94129   1.21524   1.19297   1.000 16.26449 ? 18  DG  A N3    1 
ATOM   369 C  C4    . DG  A 1 18 ? 4.98048   0.53925   1.73998   1.000 16.99791 ? 18  DG  A C4    1 
ATOM   370 P  P     . DG  A 1 19 ? 6.79897   6.76264   3.94043   1.000 33.26712 ? 19  DG  A P     1 
ATOM   371 O  OP1   . DG  A 1 19 ? 7.51128   7.35720   2.78582   1.000 26.72451 ? 19  DG  A OP1   1 
ATOM   372 O  OP2   . DG  A 1 19 ? 7.40532   6.77877   5.25882   1.000 28.61416 ? 19  DG  A OP2   1 
ATOM   373 O  "O5'" . DG  A 1 19 ? 5.31976   7.41312   3.95216   1.000 20.07048 ? 19  DG  A "O5'" 1 
ATOM   374 C  "C5'" . DG  A 1 19 ? 4.68655   7.55184   2.73852   1.000 18.56956 ? 19  DG  A "C5'" 1 
ATOM   375 C  "C4'" . DG  A 1 19 ? 3.19731   7.40357   2.88390   1.000 22.47158 ? 19  DG  A "C4'" 1 
ATOM   376 O  "O4'" . DG  A 1 19 ? 2.85089   6.01724   2.90724   1.000 22.24061 ? 19  DG  A "O4'" 1 
ATOM   377 C  "C3'" . DG  A 1 19 ? 2.60830   7.97250   4.17082   1.000 21.16708 ? 19  DG  A "C3'" 1 
ATOM   378 O  "O3'" . DG  A 1 19 ? 1.29084   8.44038   3.91676   1.000 26.07191 ? 19  DG  A "O3'" 1 
ATOM   379 C  "C2'" . DG  A 1 19 ? 2.59822   6.75998   5.08723   1.000 22.51058 ? 19  DG  A "C2'" 1 
ATOM   380 C  "C1'" . DG  A 1 19 ? 2.15756   5.70676   4.11005   1.000 20.56665 ? 19  DG  A "C1'" 1 
ATOM   381 N  N9    . DG  A 1 19 ? 2.57315   4.35729   4.40842   1.000 19.14090 ? 19  DG  A N9    1 
ATOM   382 C  C8    . DG  A 1 19 ? 3.69837   3.96098   5.04837   1.000 18.66962 ? 19  DG  A C8    1 
ATOM   383 N  N7    . DG  A 1 19 ? 3.84733   2.66257   5.04438   1.000 20.28804 ? 19  DG  A N7    1 
ATOM   384 C  C5    . DG  A 1 19 ? 2.74122   2.18527   4.34466   1.000 17.70245 ? 19  DG  A C5    1 
ATOM   385 C  C6    . DG  A 1 19 ? 2.31401   0.85096   4.04011   1.000 14.95280 ? 19  DG  A C6    1 
ATOM   386 O  O6    . DG  A 1 19 ? 2.86250   -0.23766  4.30566   1.000 21.31656 ? 19  DG  A O6    1 
ATOM   387 N  N1    . DG  A 1 19 ? 1.14059   0.85688   3.29415   1.000 18.45519 ? 19  DG  A N1    1 
ATOM   388 C  C2    . DG  A 1 19 ? 0.48457   1.96625   2.90244   1.000 17.49111 ? 19  DG  A C2    1 
ATOM   389 N  N2    . DG  A 1 19 ? -0.62224  1.78665   2.19840   1.000 18.19999 ? 19  DG  A N2    1 
ATOM   390 N  N3    . DG  A 1 19 ? 0.85804   3.19374   3.19968   1.000 19.19035 ? 19  DG  A N3    1 
ATOM   391 C  C4    . DG  A 1 19 ? 1.97930   3.22415   3.92132   1.000 20.13512 ? 19  DG  A C4    1 
ATOM   392 P  P     . DC  A 1 20 ? 0.79629   9.86466   4.42508   1.000 22.83428 ? 20  DC  A P     1 
ATOM   393 O  OP1   . DC  A 1 20 ? 1.30986   10.08664  5.79100   1.000 25.30764 ? 20  DC  A OP1   1 
ATOM   394 O  OP2   . DC  A 1 20 ? -0.63554  9.85540   4.10637   1.000 28.34251 ? 20  DC  A OP2   1 
ATOM   395 O  "O5'" . DC  A 1 20 ? 1.53134   10.87945  3.45838   1.000 30.51103 ? 20  DC  A "O5'" 1 
ATOM   396 C  "C5'" . DC  A 1 20 ? 0.83518   11.69948  2.53703   1.000 22.14074 ? 20  DC  A "C5'" 1 
ATOM   397 C  "C4'" . DC  A 1 20 ? 1.79325   12.06975  1.42538   1.000 21.59313 ? 20  DC  A "C4'" 1 
ATOM   398 O  "O4'" . DC  A 1 20 ? 2.97128   12.66753  1.98790   1.000 21.75853 ? 20  DC  A "O4'" 1 
ATOM   399 C  "C3'" . DC  A 1 20 ? 2.29743   10.87507  0.64591   1.000 28.29060 ? 20  DC  A "C3'" 1 
ATOM   400 O  "O3'" . DC  A 1 20 ? 1.46523   10.71817  -0.44186  1.000 34.57693 ? 20  DC  A "O3'" 1 
ATOM   401 C  "C2'" . DC  A 1 20 ? 3.68427   11.31113  0.20160   1.000 25.18989 ? 20  DC  A "C2'" 1 
ATOM   402 C  "C1'" . DC  A 1 20 ? 4.12181   12.26385  1.29619   1.000 24.64720 ? 20  DC  A "C1'" 1 
ATOM   403 N  N1    . DC  A 1 20 ? 5.05921   11.68568  2.30929   1.000 27.86425 ? 20  DC  A N1    1 
ATOM   404 C  C2    . DC  A 1 20 ? 6.41081   11.51500  1.96897   1.000 27.04871 ? 20  DC  A C2    1 
ATOM   405 O  O2    . DC  A 1 20 ? 6.79036   11.86152  0.84826   1.000 33.28420 ? 20  DC  A O2    1 
ATOM   406 N  N3    . DC  A 1 20 ? 7.27592   11.03759  2.91207   1.000 25.57945 ? 20  DC  A N3    1 
ATOM   407 C  C4    . DC  A 1 20 ? 6.82604   10.70438  4.12026   1.000 30.56595 ? 20  DC  A C4    1 
ATOM   408 N  N4    . DC  A 1 20 ? 7.70770   10.22345  5.00294   1.000 32.31154 ? 20  DC  A N4    1 
ATOM   409 C  C5    . DC  A 1 20 ? 5.44257   10.88753  4.49636   1.000 31.66839 ? 20  DC  A C5    1 
ATOM   410 C  C6    . DC  A 1 20 ? 4.60495   11.38096  3.57282   1.000 26.82229 ? 20  DC  A C6    1 
ATOM   411 P  P     . DG  A 1 21 ? 0.88724   9.29152   -0.88145  1.000 22.32629 ? 21  DG  A P     1 
ATOM   412 O  OP1   . DG  A 1 21 ? -0.59316  9.27824   -0.59665  1.000 23.22224 ? 21  DG  A OP1   1 
ATOM   413 O  OP2   . DG  A 1 21 ? 1.64720   8.14743   -0.31701  1.000 24.84741 ? 21  DG  A OP2   1 
ATOM   414 O  "O5'" . DG  A 1 21 ? 1.09867   9.43161   -2.42569  1.000 21.33454 ? 21  DG  A "O5'" 1 
ATOM   415 C  "C5'" . DG  A 1 21 ? 0.80971   10.63116  -3.06196  1.000 24.19107 ? 21  DG  A "C5'" 1 
ATOM   416 C  "C4'" . DG  A 1 21 ? 0.20454   10.30697  -4.39286  1.000 17.38051 ? 21  DG  A "C4'" 1 
ATOM   417 O  "O4'" . DG  A 1 21 ? 1.16853   9.52119   -5.15122  1.000 19.09222 ? 21  DG  A "O4'" 1 
ATOM   418 C  "C3'" . DG  A 1 21 ? -1.08266  9.48830   -4.32144  1.000 23.38755 ? 21  DG  A "C3'" 1 
ATOM   419 O  "O3'" . DG  A 1 21 ? -2.25114  10.35029  -4.40546  1.000 22.55288 ? 21  DG  A "O3'" 1 
ATOM   420 C  "C2'" . DG  A 1 21 ? -0.97703  8.52210   -5.50829  1.000 19.28768 ? 21  DG  A "C2'" 1 
ATOM   421 C  "C1'" . DG  A 1 21 ? 0.51154   8.41983   -5.73016  1.000 17.50157 ? 21  DG  A "C1'" 1 
ATOM   422 N  N9    . DG  A 1 21 ? 1.13290   7.20545   -5.25542  1.000 15.48659 ? 21  DG  A N9    1 
ATOM   423 C  C8    . DG  A 1 21 ? 2.22726   7.11122   -4.43853  1.000 17.75375 ? 21  DG  A C8    1 
ATOM   424 N  N7    . DG  A 1 21 ? 2.61538   5.88260   -4.25710  1.000 19.73406 ? 21  DG  A N7    1 
ATOM   425 C  C5    . DG  A 1 21 ? 1.76975   5.13496   -5.05579  1.000 17.25212 ? 21  DG  A C5    1 
ATOM   426 C  C6    . DG  A 1 21 ? 1.77143   3.72445   -5.30162  1.000 15.83880 ? 21  DG  A C6    1 
ATOM   427 O  O6    . DG  A 1 21 ? 2.56285   2.86237   -4.81588  1.000 15.87843 ? 21  DG  A O6    1 
ATOM   428 N  N1    . DG  A 1 21 ? 0.75344   3.36431   -6.20288  1.000 14.54694 ? 21  DG  A N1    1 
ATOM   429 C  C2    . DG  A 1 21 ? -0.15379  4.26469   -6.76013  1.000 15.41068 ? 21  DG  A C2    1 
ATOM   430 N  N2    . DG  A 1 21 ? -1.09222  3.76054   -7.56886  1.000 15.62660 ? 21  DG  A N2    1 
ATOM   431 N  N3    . DG  A 1 21 ? -0.12854  5.57945   -6.52798  1.000 17.82564 ? 21  DG  A N3    1 
ATOM   432 C  C4    . DG  A 1 21 ? 0.85943   5.92561   -5.69719  1.000 17.38243 ? 21  DG  A C4    1 
ATOM   433 P  P     . DT  A 1 22 ? -3.57839  9.88649   -3.67155  1.000 21.31513 ? 22  DT  A P     1 
ATOM   434 O  OP1   . DT  A 1 22 ? -4.50558  10.97954  -3.99481  1.000 25.52625 ? 22  DT  A OP1   1 
ATOM   435 O  OP2   . DT  A 1 22 ? -3.24880  9.43738   -2.27862  1.000 22.24620 ? 22  DT  A OP2   1 
ATOM   436 O  "O5'" . DT  A 1 22 ? -4.04547  8.59708   -4.46215  1.000 21.52997 ? 22  DT  A "O5'" 1 
ATOM   437 C  "C5'" . DT  A 1 22 ? -4.51417  8.74213   -5.76242  1.000 20.63185 ? 22  DT  A "C5'" 1 
ATOM   438 C  "C4'" . DT  A 1 22 ? -5.04820  7.44804   -6.27164  1.000 19.21960 ? 22  DT  A "C4'" 1 
ATOM   439 O  "O4'" . DT  A 1 22 ? -4.00912  6.42031   -6.22534  1.000 20.89318 ? 22  DT  A "O4'" 1 
ATOM   440 C  "C3'" . DT  A 1 22 ? -6.21891  6.92613   -5.46745  1.000 23.26784 ? 22  DT  A "C3'" 1 
ATOM   441 O  "O3'" . DT  A 1 22 ? -7.23560  6.45925   -6.36940  1.000 24.51242 ? 22  DT  A "O3'" 1 
ATOM   442 C  "C2'" . DT  A 1 22 ? -5.59966  5.80750   -4.62744  1.000 20.00027 ? 22  DT  A "C2'" 1 
ATOM   443 C  "C1'" . DT  A 1 22 ? -4.49563  5.30522   -5.51057  1.000 22.37953 ? 22  DT  A "C1'" 1 
ATOM   444 N  N1    . DT  A 1 22 ? -3.39634  4.75076   -4.76940  1.000 20.66375 ? 22  DT  A N1    1 
ATOM   445 C  C2    . DT  A 1 22 ? -3.03553  3.43668   -5.01408  1.000 17.27341 ? 22  DT  A C2    1 
ATOM   446 O  O2    . DT  A 1 22 ? -3.64446  2.71689   -5.76096  1.000 18.85472 ? 22  DT  A O2    1 
ATOM   447 N  N3    . DT  A 1 22 ? -1.96087  3.00413   -4.32487  1.000 15.53638 ? 22  DT  A N3    1 
ATOM   448 C  C4    . DT  A 1 22 ? -1.18614  3.70195   -3.47430  1.000 18.72985 ? 22  DT  A C4    1 
ATOM   449 O  O4    . DT  A 1 22 ? -0.22982  3.18874   -2.93299  1.000 17.15414 ? 22  DT  A O4    1 
ATOM   450 C  C5    . DT  A 1 22 ? -1.60429  5.07534   -3.22759  1.000 16.98988 ? 22  DT  A C5    1 
ATOM   451 C  C7    . DT  A 1 22 ? -0.81444  5.92108   -2.27622  1.000 19.04410 ? 22  DT  A C7    1 
ATOM   452 C  C6    . DT  A 1 22 ? -2.64124  5.54666   -3.92370  1.000 18.02564 ? 22  DT  A C6    1 
ATOM   453 P  P     . DC  A 1 23 ? -8.71588  6.11549   -5.87991  1.000 29.05065 ? 23  DC  A P     1 
ATOM   454 O  OP1   . DC  A 1 23 ? -9.44551  6.21502   -7.15063  1.000 33.79466 ? 23  DC  A OP1   1 
ATOM   455 O  OP2   . DC  A 1 23 ? -9.12410  6.86188   -4.66161  1.000 31.46945 ? 23  DC  A OP2   1 
ATOM   456 O  "O5'" . DC  A 1 23 ? -8.63777  4.56554   -5.52658  1.000 26.55316 ? 23  DC  A "O5'" 1 
ATOM   457 C  "C5'" . DC  A 1 23 ? -8.25522  3.64196   -6.49400  1.000 26.79285 ? 23  DC  A "C5'" 1 
ATOM   458 C  "C4'" . DC  A 1 23 ? -7.96075  2.30432   -5.83632  1.000 26.06037 ? 23  DC  A "C4'" 1 
ATOM   459 O  "O4'" . DC  A 1 23 ? -6.75176  2.37464   -5.09434  1.000 24.03226 ? 23  DC  A "O4'" 1 
ATOM   460 C  "C3'" . DC  A 1 23 ? -8.98703  1.82983   -4.80499  1.000 21.54499 ? 23  DC  A "C3'" 1 
ATOM   461 O  "O3'" . DC  A 1 23 ? -9.87060  0.93040   -5.42106  1.000 27.07042 ? 23  DC  A "O3'" 1 
ATOM   462 C  "C2'" . DC  A 1 23 ? -8.12016  1.14245   -3.71544  1.000 21.23363 ? 23  DC  A "C2'" 1 
ATOM   463 C  "C1'" . DC  A 1 23 ? -6.72280  1.22994   -4.29268  1.000 21.53076 ? 23  DC  A "C1'" 1 
ATOM   464 N  N1    . DC  A 1 23 ? -5.63629  1.41563   -3.33397  1.000 19.87410 ? 23  DC  A N1    1 
ATOM   465 C  C2    . DC  A 1 23 ? -4.74211  0.36602   -3.09558  1.000 22.96938 ? 23  DC  A C2    1 
ATOM   466 O  O2    . DC  A 1 23 ? -4.93609  -0.72460  -3.63434  1.000 23.23995 ? 23  DC  A O2    1 
ATOM   467 N  N3    . DC  A 1 23 ? -3.72747  0.56647   -2.26575  1.000 19.53063 ? 23  DC  A N3    1 
ATOM   468 C  C4    . DC  A 1 23 ? -3.53433  1.75594   -1.68262  1.000 18.69798 ? 23  DC  A C4    1 
ATOM   469 N  N4    . DC  A 1 23 ? -2.46385  1.88507   -0.89060  1.000 18.03549 ? 23  DC  A N4    1 
ATOM   470 C  C5    . DC  A 1 23 ? -4.42410  2.85788   -1.90073  1.000 18.38110 ? 23  DC  A C5    1 
ATOM   471 C  C6    . DC  A 1 23 ? -5.45580  2.64848   -2.72760  1.000 17.97398 ? 23  DC  A C6    1 
ATOM   472 P  P     . DC  A 1 24 ? -11.17019 0.40835   -4.65535  1.000 33.53361 ? 24  DC  A P     1 
ATOM   473 O  OP1   . DC  A 1 24 ? -12.14390 -0.06154  -5.66724  1.000 42.58233 ? 24  DC  A OP1   1 
ATOM   474 O  OP2   . DC  A 1 24 ? -11.61217 1.42896   -3.68068  1.000 34.69326 ? 24  DC  A OP2   1 
ATOM   475 O  "O5'" . DC  A 1 24 ? -10.67250 -0.88800  -3.86750  1.000 36.20359 ? 24  DC  A "O5'" 1 
ATOM   476 C  "C5'" . DC  A 1 24 ? -9.95705  -1.91264  -4.55124  1.000 36.52135 ? 24  DC  A "C5'" 1 
ATOM   477 C  "C4'" . DC  A 1 24 ? -9.49868  -2.94733  -3.55371  1.000 33.40655 ? 24  DC  A "C4'" 1 
ATOM   478 O  "O4'" . DC  A 1 24 ? -8.29561  -2.48264  -2.91475  1.000 30.91925 ? 24  DC  A "O4'" 1 
ATOM   479 C  "C3'" . DC  A 1 24 ? -10.50210 -3.22325  -2.43476  1.000 37.43267 ? 24  DC  A "C3'" 1 
ATOM   480 O  "O3'" . DC  A 1 24 ? -10.85000 -4.60254  -2.46978  1.000 38.53016 ? 24  DC  A "O3'" 1 
ATOM   481 C  "C2'" . DC  A 1 24 ? -9.76230  -2.80960  -1.14246  1.000 38.79049 ? 24  DC  A "C2'" 1 
ATOM   482 C  "C1'" . DC  A 1 24 ? -8.30494  -2.86734  -1.56254  1.000 33.99347 ? 24  DC  A "C1'" 1 
ATOM   483 N  N1    . DC  A 1 24 ? -7.38618  -1.92296  -0.81864  1.000 32.02944 ? 24  DC  A N1    1 
ATOM   484 C  C2    . DC  A 1 24 ? -6.17276  -2.39436  -0.30505  1.000 26.17313 ? 24  DC  A C2    1 
ATOM   485 O  O2    . DC  A 1 24 ? -5.89639  -3.60001  -0.41456  1.000 28.97941 ? 24  DC  A O2    1 
ATOM   486 N  N3    . DC  A 1 24 ? -5.34201  -1.51964  0.33726   1.000 22.84470 ? 24  DC  A N3    1 
ATOM   487 C  C4    . DC  A 1 24 ? -5.67124  -0.22878  0.45541   1.000 25.52260 ? 24  DC  A C4    1 
ATOM   488 N  N4    . DC  A 1 24 ? -4.81267  0.59139   1.09310   1.000 23.16953 ? 24  DC  A N4    1 
ATOM   489 C  C5    . DC  A 1 24 ? -6.89568  0.27399   -0.07615  1.000 26.84109 ? 24  DC  A C5    1 
ATOM   490 C  C6    . DC  A 1 24 ? -7.71791  -0.59939  -0.69158  1.000 28.55459 ? 24  DC  A C6    1 
ATOM   491 P  P     . DG  A 1 25 ? -11.83190 -5.27511  -1.40210  1.000 42.61819 ? 25  DG  A P     1 
ATOM   492 O  OP1   . DG  A 1 25 ? -12.57907 -6.26575  -2.18654  1.000 43.26314 ? 25  DG  A OP1   1 
ATOM   493 O  OP2   . DG  A 1 25 ? -12.45350 -4.28749  -0.51913  1.000 37.19254 ? 25  DG  A OP2   1 
ATOM   494 O  "O5'" . DG  A 1 25 ? -10.85626 -6.06633  -0.43201  1.000 36.79935 ? 25  DG  A "O5'" 1 
ATOM   495 C  "C5'" . DG  A 1 25 ? -9.86195  -6.83720  -0.99061  1.000 33.98460 ? 25  DG  A "C5'" 1 
ATOM   496 C  "C4'" . DG  A 1 25 ? -9.03545  -7.49521  0.07089   1.000 30.59237 ? 25  DG  A "C4'" 1 
ATOM   497 O  "O4'" . DG  A 1 25 ? -8.08184  -6.55034  0.59708   1.000 32.43569 ? 25  DG  A "O4'" 1 
ATOM   498 C  "C3'" . DG  A 1 25 ? -9.80095  -8.02229  1.25490   1.000 34.82130 ? 25  DG  A "C3'" 1 
ATOM   499 O  "O3'" . DG  A 1 25 ? -9.17007  -9.25024  1.62891   1.000 41.24453 ? 25  DG  A "O3'" 1 
ATOM   500 C  "C2'" . DG  A 1 25 ? -9.60134  -6.90251  2.30106   1.000 32.45967 ? 25  DG  A "C2'" 1 
ATOM   501 C  "C1'" . DG  A 1 25 ? -8.17302  -6.51949  2.00008   1.000 30.69587 ? 25  DG  A "C1'" 1 
ATOM   502 N  N9    . DG  A 1 25 ? -7.76139  -5.17967  2.41800   1.000 31.41657 ? 25  DG  A N9    1 
ATOM   503 C  C8    . DG  A 1 25 ? -8.42819  -3.98648  2.21301   1.000 27.91680 ? 25  DG  A C8    1 
ATOM   504 N  N7    . DG  A 1 25 ? -7.77255  -2.94144  2.65223   1.000 26.52840 ? 25  DG  A N7    1 
ATOM   505 C  C5    . DG  A 1 25 ? -6.56984  -3.47873  3.13684   1.000 27.07163 ? 25  DG  A C5    1 
ATOM   506 C  C6    . DG  A 1 25 ? -5.45695  -2.84178  3.72700   1.000 22.39850 ? 25  DG  A C6    1 
ATOM   507 O  O6    . DG  A 1 25 ? -5.30497  -1.62204  3.97554   1.000 24.61835 ? 25  DG  A O6    1 
ATOM   508 N  N1    . DG  A 1 25 ? -4.46975  -3.77344  4.08317   1.000 23.69214 ? 25  DG  A N1    1 
ATOM   509 C  C2    . DG  A 1 25 ? -4.55312  -5.13305  3.88485   1.000 29.05307 ? 25  DG  A C2    1 
ATOM   510 N  N2    . DG  A 1 25 ? -3.50595  -5.86347  4.29797   1.000 29.90308 ? 25  DG  A N2    1 
ATOM   511 N  N3    . DG  A 1 25 ? -5.58347  -5.73338  3.33351   1.000 31.21411 ? 25  DG  A N3    1 
ATOM   512 C  C4    . DG  A 1 25 ? -6.55410  -4.84969  2.98710   1.000 29.62528 ? 25  DG  A C4    1 
ATOM   513 P  P     . DC  A 1 26 ? -9.81478  -10.26794 2.68772   1.000 48.32448 ? 26  DC  A P     1 
ATOM   514 O  OP1   . DC  A 1 26 ? -9.56929  -11.63890 2.16987   1.000 45.09072 ? 26  DC  A OP1   1 
ATOM   515 O  OP2   . DC  A 1 26 ? -11.23131 -9.91463  2.99189   1.000 45.14953 ? 26  DC  A OP2   1 
ATOM   516 O  "O5'" . DC  A 1 26 ? -8.88017  -10.08166 3.97036   1.000 38.33194 ? 26  DC  A "O5'" 1 
ATOM   517 C  "C5'" . DC  A 1 26 ? -7.48314  -9.91961  3.79700   1.000 36.28373 ? 26  DC  A "C5'" 1 
ATOM   518 C  "C4'" . DC  A 1 26 ? -6.84378  -9.37329  5.06609   1.000 40.74794 ? 26  DC  A "C4'" 1 
ATOM   519 O  "O4'" . DC  A 1 26 ? -6.75757  -7.92819  5.00275   1.000 43.34936 ? 26  DC  A "O4'" 1 
ATOM   520 C  "C3'" . DC  A 1 26 ? -7.59441  -9.68699  6.35851   1.000 45.06764 ? 26  DC  A "C3'" 1 
ATOM   521 O  "O3'" . DC  A 1 26 ? -6.83093  -10.59443 7.12796   1.000 51.50801 ? 26  DC  A "O3'" 1 
ATOM   522 C  "C2'" . DC  A 1 26 ? -7.75880  -8.32579  7.07165   1.000 37.74744 ? 26  DC  A "C2'" 1 
ATOM   523 C  "C1'" . DC  A 1 26 ? -6.80899  -7.42584  6.31832   1.000 37.43197 ? 26  DC  A "C1'" 1 
ATOM   524 N  N1    . DC  A 1 26 ? -7.26523  -6.04676  6.25348   1.000 34.84223 ? 26  DC  A N1    1 
ATOM   525 C  C2    . DC  A 1 26 ? -6.42684  -5.03227  6.70173   1.000 29.75268 ? 26  DC  A C2    1 
ATOM   526 O  O2    . DC  A 1 26 ? -5.30016  -5.32527  7.11402   1.000 32.25257 ? 26  DC  A O2    1 
ATOM   527 N  N3    . DC  A 1 26 ? -6.84382  -3.75102  6.62118   1.000 28.95262 ? 26  DC  A N3    1 
ATOM   528 C  C4    . DC  A 1 26 ? -8.07474  -3.49104  6.17733   1.000 28.63022 ? 26  DC  A C4    1 
ATOM   529 N  N4    . DC  A 1 26 ? -8.46876  -2.21629  6.15801   1.000 28.46988 ? 26  DC  A N4    1 
ATOM   530 C  C5    . DC  A 1 26 ? -8.96144  -4.52386  5.74358   1.000 34.13556 ? 26  DC  A C5    1 
ATOM   531 C  C6    . DC  A 1 26 ? -8.52310  -5.78085  5.81268   1.000 34.30232 ? 26  DC  A C6    1 
ATOM   532 P  P     . DC  A 1 27 ? -7.38365  -11.16819 8.52207   1.000 57.62755 ? 27  DC  A P     1 
ATOM   533 O  OP1   . DC  A 1 27 ? -7.38184  -12.62562 8.27467   1.000 50.58190 ? 27  DC  A OP1   1 
ATOM   534 O  OP2   . DC  A 1 27 ? -8.64062  -10.53053 9.06608   1.000 44.96486 ? 27  DC  A OP2   1 
ATOM   535 O  "O5'" . DC  A 1 27 ? -6.18778  -10.80212 9.52660   1.000 46.53024 ? 27  DC  A "O5'" 1 
ATOM   536 C  "C5'" . DC  A 1 27 ? -5.00570  -10.16154 9.05835   1.000 36.77720 ? 27  DC  A "C5'" 1 
ATOM   537 C  "C4'" . DC  A 1 27 ? -4.39750  -9.34864  10.16660  1.000 40.02743 ? 27  DC  A "C4'" 1 
ATOM   538 O  "O4'" . DC  A 1 27 ? -4.78097  -7.97201  9.99842   1.000 38.17519 ? 27  DC  A "O4'" 1 
ATOM   539 C  "C3'" . DC  A 1 27 ? -4.84706  -9.74916  11.57367  1.000 41.92602 ? 27  DC  A "C3'" 1 
ATOM   540 O  "O3'" . DC  A 1 27 ? -3.71286  -9.80065  12.44811  1.000 43.59347 ? 27  DC  A "O3'" 1 
ATOM   541 C  "C2'" . DC  A 1 27 ? -5.84825  -8.63793  11.98769  1.000 36.36623 ? 27  DC  A "C2'" 1 
ATOM   542 C  "C1'" . DC  A 1 27 ? -5.31939  -7.44673  11.20838  1.000 35.13938 ? 27  DC  A "C1'" 1 
ATOM   543 N  N1    . DC  A 1 27 ? -6.34711  -6.45428  10.80662  1.000 33.68264 ? 27  DC  A N1    1 
ATOM   544 C  C2    . DC  A 1 27 ? -6.09912  -5.08547  10.95669  1.000 33.79642 ? 27  DC  A C2    1 
ATOM   545 O  O2    . DC  A 1 27 ? -5.04119  -4.71040  11.47367  1.000 31.68854 ? 27  DC  A O2    1 
ATOM   546 N  N3    . DC  A 1 27 ? -7.02291  -4.19444  10.49636  1.000 30.96146 ? 27  DC  A N3    1 
ATOM   547 C  C4    . DC  A 1 27 ? -8.15775  -4.62550  9.95781   1.000 31.70919 ? 27  DC  A C4    1 
ATOM   548 N  N4    . DC  A 1 27 ? -9.03851  -3.70774  9.54291   1.000 31.33373 ? 27  DC  A N4    1 
ATOM   549 C  C5    . DC  A 1 27 ? -8.43076  -6.01758  9.80087   1.000 36.89808 ? 27  DC  A C5    1 
ATOM   550 C  C6    . DC  A 1 27 ? -7.50443  -6.88593  10.23246  1.000 36.27163 ? 27  DC  A C6    1 
ATOM   551 P  P     . DG  A 1 28 ? -3.77533  -10.62694 13.82129  1.000 47.15338 ? 28  DG  A P     1 
ATOM   552 O  OP1   . DG  A 1 28 ? -2.47275  -11.31272 13.90800  1.000 52.81778 ? 28  DG  A OP1   1 
ATOM   553 O  OP2   . DG  A 1 28 ? -5.05932  -11.34842 13.95003  1.000 40.06933 ? 28  DG  A OP2   1 
ATOM   554 O  "O5'" . DG  A 1 28 ? -3.81472  -9.51906  14.97122  1.000 43.92101 ? 28  DG  A "O5'" 1 
ATOM   555 C  "C5'" . DG  A 1 28 ? -2.93523  -8.42542  14.93400  1.000 35.58772 ? 28  DG  A "C5'" 1 
ATOM   556 C  "C4'" . DG  A 1 28 ? -3.45395  -7.32503  15.83728  1.000 36.72144 ? 28  DG  A "C4'" 1 
ATOM   557 O  "O4'" . DG  A 1 28 ? -4.42381  -6.49991  15.11812  1.000 35.22744 ? 28  DG  A "O4'" 1 
ATOM   558 C  "C3'" . DG  A 1 28 ? -4.17620  -7.81730  17.07702  1.000 38.78165 ? 28  DG  A "C3'" 1 
ATOM   559 O  "O3'" . DG  A 1 28 ? -3.81361  -7.01137  18.19078  1.000 42.36489 ? 28  DG  A "O3'" 1 
ATOM   560 C  "C2'" . DG  A 1 28 ? -5.65039  -7.63003  16.71027  1.000 40.41458 ? 28  DG  A "C2'" 1 
ATOM   561 C  "C1'" . DG  A 1 28 ? -5.58312  -6.35629  15.91259  1.000 35.60908 ? 28  DG  A "C1'" 1 
ATOM   562 N  N9    . DG  A 1 28 ? -6.75558  -6.09392  15.04776  1.000 34.47132 ? 28  DG  A N9    1 
ATOM   563 C  C8    . DG  A 1 28 ? -7.62184  -7.01662  14.51216  1.000 36.45948 ? 28  DG  A C8    1 
ATOM   564 N  N7    . DG  A 1 28 ? -8.58817  -6.47972  13.79837  1.000 37.42567 ? 28  DG  A N7    1 
ATOM   565 C  C5    . DG  A 1 28 ? -8.35631  -5.10816  13.87746  1.000 37.20749 ? 28  DG  A C5    1 
ATOM   566 C  C6    . DG  A 1 28 ? -9.06711  -4.01398  13.29312  1.000 37.58974 ? 28  DG  A C6    1 
ATOM   567 O  O6    . DG  A 1 28 ? -10.07924 -4.04999  12.58093  1.000 38.86235 ? 28  DG  A O6    1 
ATOM   568 N  N1    . DG  A 1 28 ? -8.49554  -2.78292  13.61297  1.000 32.80322 ? 28  DG  A N1    1 
ATOM   569 C  C2    . DG  A 1 28 ? -7.38021  -2.62597  14.40241  1.000 33.49067 ? 28  DG  A C2    1 
ATOM   570 N  N2    . DG  A 1 28 ? -6.97345  -1.36029  14.61815  1.000 34.14644 ? 28  DG  A N2    1 
ATOM   571 N  N3    . DG  A 1 28 ? -6.69234  -3.64127  14.93477  1.000 31.08954 ? 28  DG  A N3    1 
ATOM   572 C  C4    . DG  A 1 28 ? -7.23134  -4.84902  14.63096  1.000 35.44159 ? 28  DG  A C4    1 
ATOM   573 P  P     . DC  A 1 29 ? -3.87312  -7.58603  19.68119  1.000 46.17733 ? 29  DC  A P     1 
ATOM   574 O  OP1   . DC  A 1 29 ? -2.56940  -8.21999  19.96795  1.000 50.73010 ? 29  DC  A OP1   1 
ATOM   575 O  OP2   . DC  A 1 29 ? -5.16146  -8.28613  19.87578  1.000 52.19409 ? 29  DC  A OP2   1 
ATOM   576 O  "O5'" . DC  A 1 29 ? -3.88279  -6.27925  20.56635  1.000 48.01104 ? 29  DC  A "O5'" 1 
ATOM   577 C  "C5'" . DC  A 1 29 ? -3.50817  -5.04565  19.98300  1.000 44.58100 ? 29  DC  A "C5'" 1 
ATOM   578 C  "C4'" . DC  A 1 29 ? -4.65660  -4.03723  20.08353  1.000 41.95868 ? 29  DC  A "C4'" 1 
ATOM   579 O  "O4'" . DC  A 1 29 ? -5.49325  -4.14696  18.91741  1.000 47.42483 ? 29  DC  A "O4'" 1 
ATOM   580 C  "C3'" . DC  A 1 29 ? -5.60823  -4.21198  21.25227  1.000 44.15897 ? 29  DC  A "C3'" 1 
ATOM   581 O  "O3'" . DC  A 1 29 ? -5.08225  -3.50958  22.37396  1.000 42.28196 ? 29  DC  A "O3'" 1 
ATOM   582 C  "C2'" . DC  A 1 29 ? -6.92500  -3.58331  20.71819  1.000 44.17344 ? 29  DC  A "C2'" 1 
ATOM   583 C  "C1'" . DC  A 1 29 ? -6.70505  -3.50029  19.18808  1.000 39.60136 ? 29  DC  A "C1'" 1 
ATOM   584 N  N1    . DC  A 1 29 ? -7.78913  -4.14821  18.34868  1.000 41.45921 ? 29  DC  A N1    1 
ATOM   585 C  C2    . DC  A 1 29 ? -8.67700  -3.35545  17.60070  1.000 37.80785 ? 29  DC  A C2    1 
ATOM   586 O  O2    . DC  A 1 29 ? -8.55833  -2.12836  17.61836  1.000 44.23513 ? 29  DC  A O2    1 
ATOM   587 N  N3    . DC  A 1 29 ? -9.65388  -3.95337  16.88363  1.000 43.09228 ? 29  DC  A N3    1 
ATOM   588 C  C4    . DC  A 1 29 ? -9.77293  -5.28455  16.88913  1.000 43.36158 ? 29  DC  A C4    1 
ATOM   589 N  N4    . DC  A 1 29 ? -10.76908 -5.83425  16.17025  1.000 41.27699 ? 29  DC  A N4    1 
ATOM   590 C  C5    . DC  A 1 29 ? -8.87846  -6.10894  17.63352  1.000 41.65925 ? 29  DC  A C5    1 
ATOM   591 C  C6    . DC  A 1 29 ? -7.90990  -5.49914  18.34349  1.000 43.75053 ? 29  DC  A C6    1 
HETATM 592 C  C1    . TEP B 2 .  ? -1.11936  -4.95243  -5.81945  1.000 21.45300 ? 101 TEP A C1    1 
HETATM 593 N  N1    . TEP B 2 .  ? -1.01098  -3.54126  -5.52007  1.000 19.77179 ? 101 TEP A N1    1 
HETATM 594 C  C2    . TEP B 2 .  ? -2.04735  -2.77868  -5.99584  1.000 19.28729 ? 101 TEP A C2    1 
HETATM 595 O  O2    . TEP B 2 .  ? -2.97184  -3.28010  -6.61084  1.000 22.26821 ? 101 TEP A O2    1 
HETATM 596 N  N3    . TEP B 2 .  ? -1.98778  -1.44479  -5.72812  1.000 16.44519 ? 101 TEP A N3    1 
HETATM 597 C  C3    . TEP B 2 .  ? -3.06576  -0.57014  -6.14251  1.000 20.84161 ? 101 TEP A C3    1 
HETATM 598 C  C4    . TEP B 2 .  ? -0.97717  -0.91425  -4.97592  1.000 16.66849 ? 101 TEP A C4    1 
HETATM 599 C  C5    . TEP B 2 .  ? 0.07298   -1.70589  -4.57629  1.000 16.02447 ? 101 TEP A C5    1 
HETATM 600 C  C6    . TEP B 2 .  ? 0.10488   -3.09801  -4.82299  1.000 17.05873 ? 101 TEP A C6    1 
HETATM 601 O  O6    . TEP B 2 .  ? 0.98787   -3.83587  -4.45297  1.000 19.58811 ? 101 TEP A O6    1 
HETATM 602 N  N7    . TEP B 2 .  ? 0.93404   -0.87538  -3.90684  1.000 15.50216 ? 101 TEP A N7    1 
HETATM 603 C  C8    . TEP B 2 .  ? 0.35463   0.33704   -3.94296  1.000 14.85762 ? 101 TEP A C8    1 
HETATM 604 N  N9    . TEP B 2 .  ? -0.79856  0.38594   -4.59791  1.000 15.45028 ? 101 TEP A N9    1 
HETATM 605 NA NA    . NA  C 3 .  ? -2.59961  10.01966  -0.24115  1.000 13.32259 ? 102 NA  A NA    1 
HETATM 606 NA NA    . NA  D 3 .  ? -7.83832  1.76396   5.89551   1.000 28.38512 ? 103 NA  A NA    1 
HETATM 607 NA NA    . NA  E 3 .  ? 3.76559   7.16514   -16.21289 1.000 23.57094 ? 104 NA  A NA    1 
HETATM 608 NA NA    . NA  F 3 .  ? 14.42000  -2.94266  -17.84939 1.000 20.00030 ? 105 NA  A NA    1 
HETATM 609 NA NA    . NA  G 3 .  ? 6.07854   -8.60318  -6.67195  1.000 35.51050 ? 106 NA  A NA    1 
HETATM 610 MG MG    . MG  H 4 .  ? 5.76862   3.90437   -2.50846  1.000 21.23232 ? 107 MG  A MG    1 
HETATM 611 O  O     . HOH I 5 .  ? 0.36600   7.11614   15.16787  1.000 33.02847 ? 201 HOH A O     1 
HETATM 612 O  O     . HOH I 5 .  ? 7.20218   8.26922   0.64151   1.000 32.93560 ? 202 HOH A O     1 
HETATM 613 O  O     . HOH I 5 .  ? -12.74477 3.13557   9.00253   1.000 46.98318 ? 203 HOH A O     1 
HETATM 614 O  O     . HOH I 5 .  ? -5.11246  -12.21207 7.04448   1.000 54.32962 ? 204 HOH A O     1 
HETATM 615 O  O     . HOH I 5 .  ? -9.80207  6.20710   -2.41461  1.000 37.18143 ? 205 HOH A O     1 
HETATM 616 O  O     . HOH I 5 .  ? 9.54519   11.18156  2.01960   1.000 30.26371 ? 206 HOH A O     1 
HETATM 617 O  O     . HOH I 5 .  ? 2.98079   -2.93655  -12.04061 1.000 25.02549 ? 207 HOH A O     1 
HETATM 618 O  O     . HOH I 5 .  ? 5.03227   3.78313   -16.08729 1.000 33.88499 ? 208 HOH A O     1 
HETATM 619 O  O     . HOH I 5 .  ? 5.77165   -4.81616  1.87760   1.000 37.17800 ? 209 HOH A O     1 
HETATM 620 O  O     . HOH I 5 .  ? -2.15043  5.35259   9.02657   1.000 32.83145 ? 210 HOH A O     1 
HETATM 621 O  O     . HOH I 5 .  ? 4.31373   0.07072   -15.45244 1.000 30.66276 ? 211 HOH A O     1 
HETATM 622 O  O     . HOH I 5 .  ? 5.03610   5.26780   -3.80287  1.000 24.96916 ? 212 HOH A O     1 
HETATM 623 O  O     . HOH I 5 .  ? 2.79769   7.49155   -13.91606 1.000 27.74466 ? 213 HOH A O     1 
HETATM 624 O  O     . HOH I 5 .  ? 3.84032   3.19408   -2.63172  1.000 22.15952 ? 214 HOH A O     1 
HETATM 625 O  O     . HOH I 5 .  ? 10.38254  -0.08784  4.00785   1.000 27.71005 ? 215 HOH A O     1 
HETATM 626 O  O     . HOH I 5 .  ? 5.69716   7.32159   -14.64234 1.000 30.17208 ? 216 HOH A O     1 
HETATM 627 O  O     . HOH I 5 .  ? 11.61437  4.41642   -1.81152  1.000 31.36815 ? 217 HOH A O     1 
HETATM 628 O  O     . HOH I 5 .  ? 13.83053  -5.50537  -2.49192  1.000 29.67718 ? 218 HOH A O     1 
HETATM 629 O  O     . HOH I 5 .  ? 6.77922   3.57007   -6.67016  1.000 27.51881 ? 219 HOH A O     1 
HETATM 630 O  O     . HOH I 5 .  ? -14.51799 -4.89960  12.72951  1.000 53.93467 ? 220 HOH A O     1 
HETATM 631 O  O     . HOH I 5 .  ? 5.06209   -1.16876  5.45887   1.000 29.02671 ? 221 HOH A O     1 
HETATM 632 O  O     . HOH I 5 .  ? 1.08651   1.16227   -14.76635 1.000 27.21715 ? 222 HOH A O     1 
HETATM 633 O  O     . HOH I 5 .  ? -9.49673  -0.91295  2.81727   1.000 39.53642 ? 223 HOH A O     1 
HETATM 634 O  O     . HOH I 5 .  ? -4.95986  12.81379  -2.10724  1.000 28.46735 ? 224 HOH A O     1 
HETATM 635 O  O     . HOH I 5 .  ? -13.79200 -2.11062  -6.16644  1.000 38.33775 ? 225 HOH A O     1 
HETATM 636 O  O     . HOH I 5 .  ? 0.87613   -2.07080  -14.06748 1.000 32.03596 ? 226 HOH A O     1 
HETATM 637 O  O     . HOH I 5 .  ? 0.89540   5.78308   0.71724   1.000 22.06724 ? 227 HOH A O     1 
HETATM 638 O  O     . HOH I 5 .  ? 12.29915  5.46606   -15.71479 1.000 32.14819 ? 228 HOH A O     1 
HETATM 639 O  O     . HOH I 5 .  ? -10.93072 8.60156   -3.65986  0.50  28.70732 ? 229 HOH A O     1 
HETATM 640 O  O     . HOH I 5 .  ? 11.73506  -6.78051  -6.16278  1.000 30.76025 ? 230 HOH A O     1 
HETATM 641 O  O     . HOH I 5 .  ? -5.40607  3.20341   1.60462   1.000 33.10497 ? 231 HOH A O     1 
HETATM 642 O  O     . HOH I 5 .  ? 6.26926   2.33794   -1.22140  1.000 20.47612 ? 232 HOH A O     1 
HETATM 643 O  O     . HOH I 5 .  ? 4.24688   7.72963   -1.05097  1.000 25.79904 ? 233 HOH A O     1 
HETATM 644 O  O     . HOH I 5 .  ? 3.86508   3.94815   1.07185   1.000 19.05965 ? 234 HOH A O     1 
HETATM 645 O  O     . HOH I 5 .  ? 9.85461   3.15492   -3.43074  1.000 27.26735 ? 235 HOH A O     1 
HETATM 646 O  O     . HOH I 5 .  ? 5.87942   -6.09618  -10.62913 1.000 26.22314 ? 236 HOH A O     1 
HETATM 647 O  O     . HOH I 5 .  ? 7.64849   0.07491   -4.43665  1.000 21.12802 ? 237 HOH A O     1 
HETATM 648 O  O     . HOH I 5 .  ? -2.46058  10.33714  2.11329   1.000 21.00851 ? 238 HOH A O     1 
HETATM 649 O  O     . HOH I 5 .  ? 10.09079  -4.44091  -1.65902  1.000 23.11146 ? 239 HOH A O     1 
HETATM 650 O  O     . HOH I 5 .  ? -13.24509 -8.66420  -0.97531  1.000 35.26134 ? 240 HOH A O     1 
HETATM 651 O  O     . HOH I 5 .  ? -5.75766  5.96912   -9.29495  1.000 38.77436 ? 241 HOH A O     1 
HETATM 652 O  O     . HOH I 5 .  ? -9.64998  0.49563   7.72612   1.000 35.76138 ? 242 HOH A O     1 
HETATM 653 O  O     . HOH I 5 .  ? -6.72576  0.78098   4.06075   1.000 30.92028 ? 243 HOH A O     1 
HETATM 654 O  O     . HOH I 5 .  ? 13.59067  0.01288   1.42225   1.000 20.16097 ? 244 HOH A O     1 
HETATM 655 O  O     . HOH I 5 .  ? 3.60432   10.53316  -12.85023 1.000 40.05385 ? 245 HOH A O     1 
HETATM 656 O  O     . HOH I 5 .  ? -4.46740  0.65199   14.72183  1.000 33.24878 ? 246 HOH A O     1 
HETATM 657 O  O     . HOH I 5 .  ? 1.68480   3.56138   -0.87496  1.000 22.02974 ? 247 HOH A O     1 
HETATM 658 O  O     . HOH I 5 .  ? -2.41407  -0.82907  13.54120  1.000 29.63229 ? 248 HOH A O     1 
HETATM 659 O  O     . HOH I 5 .  ? 15.16730  -0.85797  -17.07158 1.000 30.34998 ? 249 HOH A O     1 
HETATM 660 O  O     . HOH I 5 .  ? -3.02803  -6.49452  -2.26372  1.000 32.35116 ? 250 HOH A O     1 
HETATM 661 O  O     . HOH I 5 .  ? 2.99578   -0.32362  -13.10394 1.000 31.59014 ? 251 HOH A O     1 
HETATM 662 O  O     . HOH I 5 .  ? -4.01583  -2.91728  15.78564  1.000 37.91318 ? 252 HOH A O     1 
HETATM 663 O  O     . HOH I 5 .  ? -3.11288  8.05461   0.29091   1.000 26.63225 ? 253 HOH A O     1 
HETATM 664 O  O     . HOH I 5 .  ? 5.08097   -6.23517  -1.52567  1.000 28.61099 ? 254 HOH A O     1 
HETATM 665 O  O     . HOH I 5 .  ? -5.48812  -0.75599  17.08607  1.000 35.69298 ? 255 HOH A O     1 
HETATM 666 O  O     . HOH I 5 .  ? -2.02618  4.12008   1.04270   1.000 29.86434 ? 256 HOH A O     1 
HETATM 667 O  O     . HOH I 5 .  ? 5.84082   1.39829   6.82985   1.000 32.17687 ? 257 HOH A O     1 
HETATM 668 O  O     . HOH I 5 .  ? 16.98993  1.40809   -13.01819 1.000 38.04530 ? 258 HOH A O     1 
HETATM 669 O  O     . HOH I 5 .  ? 14.92486  -0.99591  -10.45132 1.000 34.90741 ? 259 HOH A O     1 
HETATM 670 O  O     . HOH I 5 .  ? 2.69672   4.06529   -16.33670 1.000 36.59091 ? 260 HOH A O     1 
HETATM 671 O  O     . HOH I 5 .  ? 6.31631   0.63644   9.21201   1.000 37.58105 ? 261 HOH A O     1 
HETATM 672 O  O     . HOH I 5 .  ? -6.44901  3.15997   6.55042   1.000 32.41336 ? 262 HOH A O     1 
HETATM 673 O  O     . HOH I 5 .  ? -6.50792  0.37501   -12.85068 1.000 31.65369 ? 263 HOH A O     1 
HETATM 674 O  O     . HOH I 5 .  ? -1.34492  6.99440   4.77828   1.000 34.19217 ? 264 HOH A O     1 
HETATM 675 O  O     . HOH I 5 .  ? -17.16694 8.52147   11.19873  1.000 32.81573 ? 265 HOH A O     1 
HETATM 676 O  O     . HOH I 5 .  ? 0.32092   8.93498   -14.48659 1.000 34.25592 ? 266 HOH A O     1 
HETATM 677 O  O     . HOH I 5 .  ? 5.31656   -8.47668  -3.52597  1.000 33.96315 ? 267 HOH A O     1 
HETATM 678 O  O     . HOH I 5 .  ? -2.00623  -4.29422  14.29703  1.000 38.64995 ? 268 HOH A O     1 
HETATM 679 O  O     . HOH I 5 .  ? -15.14522 -0.54494  -4.19128  1.000 36.79229 ? 269 HOH A O     1 
HETATM 680 O  O     . HOH I 5 .  ? -4.94112  6.53780   -1.18427  1.000 31.64664 ? 270 HOH A O     1 
HETATM 681 O  O     . HOH I 5 .  ? 6.50674   6.32499   -6.22435  1.000 32.40653 ? 271 HOH A O     1 
HETATM 682 O  O     . HOH I 5 .  ? -1.34990  6.85519   1.91256   1.000 34.55439 ? 272 HOH A O     1 
HETATM 683 O  O     . HOH I 5 .  ? -9.62604  0.97536   5.04050   1.000 36.87282 ? 273 HOH A O     1 
HETATM 684 O  O     . HOH I 5 .  ? 5.19916   5.09699   -0.98950  1.000 22.45083 ? 274 HOH A O     1 
HETATM 685 O  O     . HOH I 5 .  ? 6.26849   2.66306   -4.11644  1.000 25.52240 ? 275 HOH A O     1 
HETATM 686 O  O     . HOH I 5 .  ? -10.24736 5.40771   -10.90095 1.000 37.71149 ? 276 HOH A O     1 
HETATM 687 O  O     . HOH I 5 .  ? 5.05739   9.48022   -3.53591  1.000 32.29402 ? 277 HOH A O     1 
HETATM 688 O  O     . HOH I 5 .  ? 7.84248   4.60600   -2.40142  1.000 23.64289 ? 278 HOH A O     1 
HETATM 689 O  O     . HOH I 5 .  ? -0.29423  5.90821   7.09639   1.000 30.14713 ? 279 HOH A O     1 
HETATM 690 O  O     . HOH I 5 .  ? 12.02852  -7.11739  -3.55572  1.000 37.98829 ? 280 HOH A O     1 
HETATM 691 O  O     . HOH I 5 .  ? 10.41570  -2.88161  2.97067   1.000 34.10761 ? 281 HOH A O     1 
HETATM 692 O  O     . HOH I 5 .  ? 5.15995   -8.53508  -9.20470  1.000 37.92870 ? 282 HOH A O     1 
HETATM 693 O  O     . HOH I 5 .  ? 6.71446   -0.47590  7.13298   1.000 24.50376 ? 283 HOH A O     1 
# 
loop_
_atom_site_anisotrop.id 
_atom_site_anisotrop.type_symbol 
_atom_site_anisotrop.pdbx_label_atom_id 
_atom_site_anisotrop.pdbx_label_alt_id 
_atom_site_anisotrop.pdbx_label_comp_id 
_atom_site_anisotrop.pdbx_label_asym_id 
_atom_site_anisotrop.pdbx_label_seq_id 
_atom_site_anisotrop.pdbx_PDB_ins_code 
_atom_site_anisotrop.U[1][1] 
_atom_site_anisotrop.U[2][2] 
_atom_site_anisotrop.U[3][3] 
_atom_site_anisotrop.U[1][2] 
_atom_site_anisotrop.U[1][3] 
_atom_site_anisotrop.U[2][3] 
_atom_site_anisotrop.pdbx_auth_seq_id 
_atom_site_anisotrop.pdbx_auth_comp_id 
_atom_site_anisotrop.pdbx_auth_asym_id 
_atom_site_anisotrop.pdbx_auth_atom_id 
1   O "O5'" . DG A 1  ? 0.47899 1.03251 0.45751 -0.02607 0.13061  -0.11315 1  DG A "O5'" 
2   C "C5'" . DG A 1  ? 0.46642 0.98864 0.44936 -0.01602 0.12067  -0.11179 1  DG A "C5'" 
3   C "C4'" . DG A 1  ? 0.46947 0.95203 0.43696 0.00634  0.11593  -0.11715 1  DG A "C4'" 
4   O "O4'" . DG A 1  ? 0.53724 0.98754 0.47640 -0.00871 0.11895  -0.10797 1  DG A "O4'" 
5   C "C3'" . DG A 1  ? 0.40570 0.85730 0.37870 0.01945  0.10613  -0.11825 1  DG A "C3'" 
6   O "O3'" . DG A 1  ? 0.47762 0.89677 0.43831 0.04047  0.10284  -0.12815 1  DG A "O3'" 
7   C "C2'" . DG A 1  ? 0.44412 0.86772 0.40267 -0.00540 0.10599  -0.10458 1  DG A "C2'" 
8   C "C1'" . DG A 1  ? 0.38616 0.79958 0.31811 -0.01500 0.11265  -0.09973 1  DG A "C1'" 
9   N N9    . DG A 1  ? 0.38402 0.78241 0.29816 -0.04194 0.11950  -0.08270 1  DG A N9    
10  C C8    . DG A 1  ? 0.42054 0.83141 0.34325 -0.06530 0.12625  -0.07543 1  DG A C8    
11  N N7    . DG A 1  ? 0.46671 0.84561 0.36355 -0.08568 0.13409  -0.05958 1  DG A N7    
12  C C5    . DG A 1  ? 0.43818 0.78844 0.30855 -0.07232 0.13064  -0.05460 1  DG A C5    
13  C C6    . DG A 1  ? 0.50271 0.81316 0.33625 -0.07850 0.13519  -0.03645 1  DG A C6    
14  O O6    . DG A 1  ? 0.55906 0.84179 0.37305 -0.09719 0.14585  -0.01993 1  DG A O6    
15  N N1    . DG A 1  ? 0.49993 0.80168 0.31738 -0.05884 0.12643  -0.03884 1  DG A N1    
16  C C2    . DG A 1  ? 0.46542 0.78575 0.29905 -0.03973 0.11626  -0.05800 1  DG A C2    
17  N N2    . DG A 1  ? 0.45413 0.76249 0.26911 -0.02689 0.10826  -0.06002 1  DG A N2    
18  N N3    . DG A 1  ? 0.43688 0.78366 0.30121 -0.03282 0.11444  -0.07401 1  DG A N3    
19  C C4    . DG A 1  ? 0.40203 0.76599 0.28377 -0.04801 0.12116  -0.07036 1  DG A C4    
20  P P     . DC A 2  ? 0.59472 0.98315 0.56252 0.06406  0.09514  -0.13503 2  DC A P     
21  O OP1   . DC A 2  ? 0.52857 0.92478 0.50112 0.09071  0.09873  -0.14646 2  DC A OP1   
22  O OP2   . DC A 2  ? 0.49990 0.89190 0.48236 0.05655  0.08969  -0.12595 2  DC A OP2   
23  O "O5'" . DC A 2  ? 0.44057 0.77821 0.38430 0.06229  0.09102  -0.13976 2  DC A "O5'" 
24  C "C5'" . DC A 2  ? 0.45340 0.78455 0.37767 0.05988  0.09433  -0.14653 2  DC A "C5'" 
25  C "C4'" . DC A 2  ? 0.39206 0.69815 0.29601 0.04419  0.08836  -0.14125 2  DC A "C4'" 
26  O "O4'" . DC A 2  ? 0.41329 0.73750 0.31193 0.02500  0.09105  -0.12413 2  DC A "O4'" 
27  C "C3'" . DC A 2  ? 0.37320 0.64605 0.27868 0.04430  0.07939  -0.14063 2  DC A "C3'" 
28  O "O3'" . DC A 2  ? 0.42330 0.66226 0.31996 0.05300  0.07638  -0.15589 2  DC A "O3'" 
29  C "C2'" . DC A 2  ? 0.44006 0.70785 0.33093 0.02588  0.07462  -0.12572 2  DC A "C2'" 
30  C "C1'" . DC A 2  ? 0.41539 0.71309 0.29974 0.01551  0.08368  -0.11496 2  DC A "C1'" 
31  N N1    . DC A 2  ? 0.35795 0.66009 0.24428 -0.00056 0.08699  -0.09728 2  DC A N1    
32  C C2    . DC A 2  ? 0.38146 0.66516 0.24461 -0.01278 0.08649  -0.08009 2  DC A C2    
33  O O2    . DC A 2  ? 0.37199 0.64740 0.21456 -0.00775 0.08204  -0.08080 2  DC A O2    
34  N N3    . DC A 2  ? 0.37931 0.65256 0.24218 -0.02892 0.09099  -0.06321 2  DC A N3    
35  C C4    . DC A 2  ? 0.35360 0.64316 0.24071 -0.03619 0.09459  -0.06544 2  DC A C4    
36  N N4    . DC A 2  ? 0.40898 0.68657 0.29322 -0.05627 0.10053  -0.05199 2  DC A N4    
37  C C5    . DC A 2  ? 0.40908 0.72796 0.32240 -0.02195 0.09292  -0.08211 2  DC A C5    
38  C C6    . DC A 2  ? 0.40479 0.72441 0.31549 -0.00275 0.08972  -0.09647 2  DC A C6    
39  P P     . DG A 3  ? 0.44266 0.64106 0.33889 0.05075  0.06715  -0.15778 3  DG A P     
40  O OP1   . DG A 3  ? 0.46110 0.62510 0.34712 0.05793  0.06985  -0.17640 3  DG A OP1   
41  O OP2   . DG A 3  ? 0.40940 0.60483 0.32644 0.05263  0.06273  -0.14254 3  DG A OP2   
42  O "O5'" . DG A 3  ? 0.37694 0.57490 0.25921 0.03254  0.05844  -0.14857 3  DG A "O5'" 
43  C "C5'" . DG A 3  ? 0.37569 0.57911 0.24027 0.02743  0.05785  -0.15652 3  DG A "C5'" 
44  C "C4'" . DG A 3  ? 0.38591 0.59406 0.23923 0.01649  0.04851  -0.14445 3  DG A "C4'" 
45  O "O4'" . DG A 3  ? 0.37379 0.59671 0.22542 0.01329  0.05086  -0.12384 3  DG A "O4'" 
46  C "C3'" . DG A 3  ? 0.35560 0.53969 0.21315 0.01167  0.03873  -0.14676 3  DG A "C3'" 
47  O "O3'" . DG A 3  ? 0.38255 0.57636 0.22896 0.00502  0.03098  -0.14598 3  DG A "O3'" 
48  C "C2'" . DG A 3  ? 0.33026 0.50635 0.20048 0.01044  0.03510  -0.12418 3  DG A "C2'" 
49  C "C1'" . DG A 3  ? 0.33932 0.53998 0.19862 0.00889  0.04157  -0.10953 3  DG A "C1'" 
50  N N9    . DG A 3  ? 0.34485 0.54302 0.21795 0.00579  0.04597  -0.09429 3  DG A N9    
51  C C8    . DG A 3  ? 0.31208 0.51254 0.20660 0.00995  0.04995  -0.09880 3  DG A C8    
52  N N7    . DG A 3  ? 0.35956 0.56704 0.26245 0.00202  0.05366  -0.08536 3  DG A N7    
53  C C5    . DG A 3  ? 0.32036 0.51951 0.20328 -0.00772 0.05405  -0.06989 3  DG A C5    
54  C C6    . DG A 3  ? 0.33264 0.52508 0.20898 -0.02124 0.06047  -0.05227 3  DG A C6    
55  O O6    . DG A 3  ? 0.32815 0.52717 0.21844 -0.03165 0.06613  -0.04914 3  DG A O6    
56  N N1    . DG A 3  ? 0.33789 0.51363 0.18630 -0.02224 0.06066  -0.03807 3  DG A N1    
57  C C2    . DG A 3  ? 0.34834 0.52696 0.18054 -0.01146 0.05360  -0.04122 3  DG A C2    
58  N N2    . DG A 3  ? 0.37039 0.53750 0.17418 -0.00890 0.05466  -0.02396 3  DG A N2    
59  N N3    . DG A 3  ? 0.35243 0.54458 0.19293 -0.00357 0.04711  -0.06063 3  DG A N3    
60  C C4    . DG A 3  ? 0.32273 0.51845 0.18744 -0.00250 0.04856  -0.07373 3  DG A C4    
61  P P     . DG A 4  ? 0.41028 0.59186 0.26095 -0.00284 0.02030  -0.14890 4  DG A P     
62  O OP1   . DG A 4  ? 0.43408 0.63096 0.27778 -0.00939 0.01710  -0.16031 4  DG A OP1   
63  O OP2   . DG A 4  ? 0.46501 0.61389 0.32847 -0.00345 0.02190  -0.15633 4  DG A OP2   
64  O "O5'" . DG A 4  ? 0.35683 0.54679 0.20447 -0.00042 0.01390  -0.12614 4  DG A "O5'" 
65  C "C5'" . DG A 4  ? 0.34486 0.55673 0.17646 0.00413  0.01230  -0.10924 4  DG A "C5'" 
66  C "C4'" . DG A 4  ? 0.34785 0.54849 0.17740 0.00756  0.00862  -0.08773 4  DG A "C4'" 
67  O "O4'" . DG A 4  ? 0.35553 0.53494 0.19539 0.00595  0.01704  -0.07575 4  DG A "O4'" 
68  C "C3'" . DG A 4  ? 0.40442 0.58965 0.25066 0.00401  -0.00032 -0.09150 4  DG A "C3'" 
69  O "O3'" . DG A 4  ? 0.40423 0.59759 0.24088 0.01099  -0.00723 -0.07564 4  DG A "O3'" 
70  C "C2'" . DG A 4  ? 0.34318 0.49658 0.20891 0.00179  0.00404  -0.08477 4  DG A "C2'" 
71  C "C1'" . DG A 4  ? 0.38291 0.53725 0.23821 0.00416  0.01222  -0.06718 4  DG A "C1'" 
72  N N9    . DG A 4  ? 0.34129 0.48204 0.21368 0.00021  0.01881  -0.06503 4  DG A N9    
73  C C8    . DG A 4  ? 0.28631 0.42461 0.17606 0.00116  0.02081  -0.07958 4  DG A C8    
74  N N7    . DG A 4  ? 0.29370 0.43093 0.19666 -0.00028 0.02592  -0.07397 4  DG A N7    
75  C C5    . DG A 4  ? 0.30342 0.43726 0.19688 -0.00722 0.02872  -0.05632 4  DG A C5    
76  C C6    . DG A 4  ? 0.31127 0.44455 0.21119 -0.01629 0.03559  -0.04674 4  DG A C6    
77  O O6    . DG A 4  ? 0.33528 0.48124 0.25379 -0.01817 0.03851  -0.05189 4  DG A O6    
78  N N1    . DG A 4  ? 0.30941 0.42672 0.18967 -0.02333 0.04009  -0.03026 4  DG A N1    
79  C C2    . DG A 4  ? 0.31173 0.41855 0.16854 -0.01614 0.03693  -0.02145 4  DG A C2    
80  N N2    . DG A 4  ? 0.41389 0.49770 0.24865 -0.01993 0.04423  -0.00341 4  DG A N2    
81  N N3    . DG A 4  ? 0.36374 0.48317 0.21700 -0.00589 0.02831  -0.03055 4  DG A N3    
82  C C4    . DG A 4  ? 0.32796 0.45907 0.20056 -0.00472 0.02512  -0.04913 4  DG A C4    
83  P P     . DT A 5  ? 0.40882 0.60531 0.25753 0.00875  -0.01777 -0.08069 5  DT A P     
84  O OP1   . DT A 5  ? 0.52292 0.73787 0.35622 0.02325  -0.02213 -0.06212 5  DT A OP1   
85  O OP2   . DT A 5  ? 0.48290 0.68483 0.34520 -0.00411 -0.01858 -0.10478 5  DT A OP2   
86  O "O5'" . DT A 5  ? 0.40438 0.56050 0.27467 0.00389  -0.01587 -0.07488 5  DT A "O5'" 
87  C "C5'" . DT A 5  ? 0.36144 0.49884 0.23229 0.01011  -0.01675 -0.05461 5  DT A "C5'" 
88  C "C4'" . DT A 5  ? 0.48059 0.60930 0.33233 0.01709  -0.00889 -0.03551 5  DT A "C4'" 
89  O "O4'" . DT A 5  ? 0.42007 0.53550 0.27981 0.00864  0.00027  -0.03758 5  DT A "O4'" 
90  C "C3'" . DT A 5  ? 0.48690 0.58895 0.33193 0.02319  -0.00710 -0.01552 5  DT A "C3'" 
91  O "O3'" . DT A 5  ? 0.51453 0.60819 0.33194 0.03049  0.00155  0.00190  5  DT A "O3'" 
92  C "C2'" . DT A 5  ? 0.40462 0.48143 0.27050 0.01072  -0.00287 -0.01822 5  DT A "C2'" 
93  C "C1'" . DT A 5  ? 0.38845 0.47637 0.25548 0.00438  0.00429  -0.02587 5  DT A "C1'" 
94  N N1    . DT A 5  ? 0.33743 0.42235 0.22758 -0.00318 0.00567  -0.03723 5  DT A N1    
95  C C2    . DT A 5  ? 0.26082 0.33614 0.15829 -0.01055 0.01272  -0.03101 5  DT A C2    
96  O O2    . DT A 5  ? 0.36070 0.42199 0.24560 -0.01526 0.01920  -0.01755 5  DT A O2    
97  N N3    . DT A 5  ? 0.30245 0.38425 0.22053 -0.01218 0.01280  -0.04144 5  DT A N3    
98  C C4    . DT A 5  ? 0.25792 0.34385 0.18534 -0.00625 0.00909  -0.05578 5  DT A C4    
99  O O4    . DT A 5  ? 0.32957 0.41723 0.27140 -0.00312 0.01066  -0.06191 5  DT A O4    
100 C C5    . DT A 5  ? 0.29679 0.38410 0.21419 -0.00372 0.00382  -0.06329 5  DT A C5    
101 C C7    . DT A 5  ? 0.34770 0.43036 0.27011 -0.00223 0.00274  -0.08117 5  DT A C7    
102 C C6    . DT A 5  ? 0.28772 0.38065 0.18886 -0.00264 0.00145  -0.05440 5  DT A C6    
103 P P     . DG A 6  ? 0.65230 0.72550 0.44536 0.04770  0.00288  0.02378  6  DG A P     
104 O OP1   . DG A 6  ? 0.70648 0.77025 0.46519 0.05526  0.01391  0.04088  6  DG A OP1   
105 O OP2   . DG A 6  ? 0.58061 0.68099 0.38120 0.05982  -0.01034 0.01809  6  DG A OP2   
106 O "O5'" . DG A 6  ? 0.48638 0.51620 0.29059 0.03730  0.00873  0.02875  6  DG A "O5'" 
107 C "C5'" . DG A 6  ? 0.50769 0.51654 0.30406 0.04985  0.00707  0.03923  6  DG A "C5'" 
108 C "C4'" . DG A 6  ? 0.45204 0.42182 0.25733 0.03575  0.01413  0.04040  6  DG A "C4'" 
109 O "O4'" . DG A 6  ? 0.45359 0.43386 0.28507 0.01452  0.01445  0.02593  6  DG A "O4'" 
110 C "C3'" . DG A 6  ? 0.44022 0.40559 0.25830 0.04230  0.00637  0.03774  6  DG A "C3'" 
111 O "O3'" . DG A 6  ? 0.50301 0.42138 0.30067 0.04567  0.01708  0.05074  6  DG A "O3'" 
112 C "C2'" . DG A 6  ? 0.43338 0.41253 0.28636 0.02384  0.00010  0.02027  6  DG A "C2'" 
113 C "C1'" . DG A 6  ? 0.36440 0.33945 0.21952 0.00745  0.00887  0.01771  6  DG A "C1'" 
114 N N9    . DG A 6  ? 0.31498 0.31519 0.19662 -0.00204 0.00335  0.00198  6  DG A N9    
115 C C8    . DG A 6  ? 0.29683 0.32339 0.18934 0.00222  -0.00539 -0.00983 6  DG A C8    
116 N N7    . DG A 6  ? 0.27486 0.31016 0.18512 -0.00523 -0.00572 -0.02155 6  DG A N7    
117 C C5    . DG A 6  ? 0.26102 0.28553 0.17594 -0.01402 0.00122  -0.01743 6  DG A C5    
118 C C6    . DG A 6  ? 0.25295 0.28798 0.18557 -0.02019 0.00328  -0.02507 6  DG A C6    
119 O O6    . DG A 6  ? 0.26124 0.30834 0.20577 -0.01605 0.00065  -0.03541 6  DG A O6    
120 N N1    . DG A 6  ? 0.28760 0.31835 0.22108 -0.03124 0.01025  -0.02023 6  DG A N1    
121 C C2    . DG A 6  ? 0.28529 0.29227 0.20091 -0.03794 0.01700  -0.00971 6  DG A C2    
122 N N2    . DG A 6  ? 0.33350 0.33869 0.25109 -0.05413 0.02535  -0.00977 6  DG A N2    
123 N N3    . DG A 6  ? 0.33900 0.32591 0.23422 -0.02866 0.01665  -0.00031 6  DG A N3    
124 C C4    . DG A 6  ? 0.28240 0.28465 0.18030 -0.01570 0.00732  -0.00456 6  DG A C4    
125 P P     . DG A 7  ? 0.61515 0.51893 0.42018 0.05245  0.01339  0.04959  7  DG A P     
126 O OP1   . DG A 7  ? 0.67407 0.52844 0.44072 0.06782  0.02697  0.06771  7  DG A OP1   
127 O OP2   . DG A 7  ? 0.52012 0.46747 0.34891 0.06042  -0.00204 0.03894  7  DG A OP2   
128 O "O5'" . DG A 7  ? 0.53156 0.42194 0.35817 0.02570  0.01641  0.03841  7  DG A "O5'" 
129 C "C5'" . DG A 7  ? 0.45818 0.32624 0.27659 0.00623  0.02909  0.03962  7  DG A "C5'" 
130 C "C4'" . DG A 7  ? 0.40908 0.28317 0.25371 -0.01528 0.02740  0.02632  7  DG A "C4'" 
131 O "O4'" . DG A 7  ? 0.37248 0.28906 0.24479 -0.02039 0.01772  0.01512  7  DG A "O4'" 
132 C "C3'" . DG A 7  ? 0.41393 0.28352 0.26984 -0.01073 0.02051  0.02180  7  DG A "C3'" 
133 O "O3'" . DG A 7  ? 0.42780 0.27927 0.28656 -0.03064 0.02764  0.01579  7  DG A "O3'" 
134 C "C2'" . DG A 7  ? 0.34344 0.25572 0.22927 -0.00876 0.00576  0.01149  7  DG A "C2'" 
135 C "C1'" . DG A 7  ? 0.34874 0.27838 0.24438 -0.02248 0.00845  0.00612  7  DG A "C1'" 
136 N N9    . DG A 7  ? 0.33752 0.29955 0.25209 -0.01887 -0.00087 -0.00232 7  DG A N9    
137 C C8    . DG A 7  ? 0.29975 0.27794 0.21383 -0.00707 -0.00797 -0.00411 7  DG A C8    
138 N N7    . DG A 7  ? 0.23038 0.22835 0.15977 -0.00954 -0.01256 -0.01447 7  DG A N7    
139 C C5    . DG A 7  ? 0.24746 0.24492 0.18853 -0.01886 -0.00920 -0.01742 7  DG A C5    
140 C C6    . DG A 7  ? 0.19488 0.20649 0.15103 -0.01986 -0.01059 -0.02588 7  DG A C6    
141 O O6    . DG A 7  ? 0.20263 0.22089 0.16256 -0.01504 -0.01350 -0.03344 7  DG A O6    
142 N N1    . DG A 7  ? 0.24336 0.26131 0.20821 -0.02680 -0.00702 -0.02595 7  DG A N1    
143 C C2    . DG A 7  ? 0.24930 0.25870 0.20873 -0.03748 -0.00186 -0.02120 7  DG A C2    
144 N N2    . DG A 7  ? 0.24114 0.26858 0.21164 -0.04660 0.00087  -0.02507 7  DG A N2    
145 N N3    . DG A 7  ? 0.29584 0.28111 0.23773 -0.03874 0.00175  -0.01385 7  DG A N3    
146 C C4    . DG A 7  ? 0.25739 0.23856 0.19106 -0.02648 -0.00267 -0.01108 7  DG A C4    
147 P P     . DT A 8  ? 0.46115 0.29259 0.31901 -0.02779 0.02679  0.01290  8  DT A P     
148 O OP1   . DT A 8  ? 0.54381 0.36227 0.40260 -0.05289 0.03525  0.00410  8  DT A OP1   
149 O OP2   . DT A 8  ? 0.51536 0.31879 0.34731 -0.00354 0.03046  0.02472  8  DT A OP2   
150 O "O5'" . DT A 8  ? 0.45149 0.32540 0.34090 -0.02338 0.01040  0.00470  8  DT A "O5'" 
151 C "C5'" . DT A 8  ? 0.38030 0.25484 0.27806 -0.02160 0.00573  0.00013  8  DT A "C5'" 
152 C "C4'" . DT A 8  ? 0.29335 0.20486 0.21694 -0.02081 -0.00666 -0.00575 8  DT A "C4'" 
153 O "O4'" . DT A 8  ? 0.29371 0.22055 0.21771 -0.00630 -0.01249 -0.00296 8  DT A "O4'" 
154 C "C3'" . DT A 8  ? 0.30324 0.22210 0.23878 -0.02282 -0.01190 -0.01098 8  DT A "C3'" 
155 O "O3'" . DT A 8  ? 0.30928 0.24415 0.25917 -0.03522 -0.01421 -0.01647 8  DT A "O3'" 
156 C "C2'" . DT A 8  ? 0.27714 0.21737 0.22261 -0.01187 -0.02034 -0.01125 8  DT A "C2'" 
157 C "C1'" . DT A 8  ? 0.29062 0.24005 0.23345 -0.00761 -0.02094 -0.00930 8  DT A "C1'" 
158 N N1    . DT A 8  ? 0.25808 0.22614 0.20026 0.00405  -0.02583 -0.00924 8  DT A N1    
159 C C2    . DT A 8  ? 0.21741 0.20816 0.17283 -0.00051 -0.03143 -0.01662 8  DT A C2    
160 O O2    . DT A 8  ? 0.25552 0.24510 0.22120 -0.01002 -0.03200 -0.02113 8  DT A O2    
161 N N3    . DT A 8  ? 0.22094 0.23578 0.17517 0.00679  -0.03527 -0.01908 8  DT A N3    
162 C C4    . DT A 8  ? 0.27781 0.30120 0.21954 0.02348  -0.03539 -0.01287 8  DT A C4    
163 O O4    . DT A 8  ? 0.27156 0.32866 0.21436 0.03015  -0.04008 -0.01663 8  DT A O4    
164 C C5    . DT A 8  ? 0.29427 0.28438 0.21889 0.03266  -0.02840 -0.00230 8  DT A C5    
165 C C7    . DT A 8  ? 0.31050 0.29818 0.21483 0.05638  -0.02577 0.00748  8  DT A C7    
166 C C6    . DT A 8  ? 0.28756 0.24983 0.21300 0.01981  -0.02334 -0.00213 8  DT A C6    
167 P P     . DC A 9  ? 0.38733 0.32417 0.34116 -0.04379 -0.01478 -0.02176 9  DC A P     
168 O OP1   . DC A 9  ? 0.42949 0.34206 0.36708 -0.05542 -0.00429 -0.02458 9  DC A OP1   
169 O OP2   . DC A 9  ? 0.46128 0.40216 0.41916 -0.03467 -0.02026 -0.02107 9  DC A OP2   
170 O "O5'" . DC A 9  ? 0.32319 0.29010 0.29383 -0.04910 -0.01985 -0.02484 9  DC A "O5'" 
171 C "C5'" . DC A 9  ? 0.33256 0.31283 0.30560 -0.06028 -0.01583 -0.02859 9  DC A "C5'" 
172 C "C4'" . DC A 9  ? 0.29107 0.30206 0.27965 -0.05359 -0.02198 -0.02859 9  DC A "C4'" 
173 O "O4'" . DC A 9  ? 0.27227 0.27710 0.26154 -0.04290 -0.02307 -0.02499 9  DC A "O4'" 
174 C "C3'" . DC A 9  ? 0.28557 0.30790 0.28064 -0.04582 -0.02898 -0.02702 9  DC A "C3'" 
175 O "O3'" . DC A 9  ? 0.25477 0.31073 0.25917 -0.04386 -0.03151 -0.02868 9  DC A "O3'" 
176 C "C2'" . DC A 9  ? 0.22623 0.23410 0.22150 -0.03332 -0.03161 -0.02209 9  DC A "C2'" 
177 C "C1'" . DC A 9  ? 0.21357 0.22187 0.20906 -0.03202 -0.02843 -0.02308 9  DC A "C1'" 
178 N N1    . DC A 9  ? 0.22867 0.22155 0.21980 -0.02682 -0.02870 -0.02216 9  DC A N1    
179 C C2    . DC A 9  ? 0.19997 0.19299 0.19365 -0.01968 -0.02907 -0.02364 9  DC A C2    
180 O O2    . DC A 9  ? 0.23214 0.23504 0.23068 -0.01352 -0.02884 -0.02348 9  DC A O2    
181 N N3    . DC A 9  ? 0.20865 0.19254 0.19812 -0.01892 -0.02912 -0.02619 9  DC A N3    
182 C C4    . DC A 9  ? 0.20247 0.18452 0.18681 -0.02109 -0.02999 -0.02555 9  DC A C4    
183 N N4    . DC A 9  ? 0.19294 0.17774 0.17463 -0.02066 -0.03100 -0.02976 9  DC A N4    
184 C C5    . DC A 9  ? 0.26077 0.23881 0.24103 -0.02318 -0.02920 -0.02159 9  DC A C5    
185 C C6    . DC A 9  ? 0.26745 0.24760 0.25044 -0.02796 -0.02785 -0.02096 9  DC A C6    
186 P P     . DT A 10 ? 0.25101 0.32658 0.25832 -0.03524 -0.03762 -0.02576 10 DT A P     
187 O OP1   . DT A 10 ? 0.29815 0.41974 0.31405 -0.03744 -0.03896 -0.03061 10 DT A OP1   
188 O OP2   . DT A 10 ? 0.26125 0.32151 0.26105 -0.04130 -0.03834 -0.02630 10 DT A OP2   
189 O "O5'" . DT A 10 ? 0.23784 0.29736 0.24416 -0.01644 -0.03914 -0.01732 10 DT A "O5'" 
190 C "C5'" . DT A 10 ? 0.23850 0.30987 0.24320 -0.00125 -0.04232 -0.01042 10 DT A "C5'" 
191 C "C4'" . DT A 10 ? 0.27933 0.32835 0.27935 0.01545  -0.03942 -0.00443 10 DT A "C4'" 
192 O "O4'" . DT A 10 ? 0.26491 0.33325 0.27205 0.02233  -0.03781 -0.00803 10 DT A "O4'" 
193 C "C3'" . DT A 10 ? 0.23920 0.24907 0.23351 0.00877  -0.03564 -0.00578 10 DT A "C3'" 
194 O "O3'" . DT A 10 ? 0.26883 0.25021 0.25222 0.01977  -0.03148 0.00014  10 DT A "O3'" 
195 C "C2'" . DT A 10 ? 0.21129 0.22444 0.21094 0.00515  -0.03344 -0.01255 10 DT A "C2'" 
196 C "C1'" . DT A 10 ? 0.23812 0.27918 0.24301 0.01908  -0.03344 -0.01165 10 DT A "C1'" 
197 N N1    . DT A 10 ? 0.23249 0.29760 0.24584 0.01164  -0.03182 -0.01855 10 DT A N1    
198 C C2    . DT A 10 ? 0.22380 0.28640 0.23723 0.01987  -0.02769 -0.02147 10 DT A C2    
199 O O2    . DT A 10 ? 0.29872 0.33691 0.30476 0.03281  -0.02489 -0.02001 10 DT A O2    
200 N N3    . DT A 10 ? 0.25062 0.33799 0.27060 0.01066  -0.02504 -0.02713 10 DT A N3    
201 C C4    . DT A 10 ? 0.26389 0.37050 0.28781 -0.00795 -0.02459 -0.03018 10 DT A C4    
202 O O4    . DT A 10 ? 0.26957 0.39340 0.29609 -0.01796 -0.01964 -0.03468 10 DT A O4    
203 C C5    . DT A 10 ? 0.19725 0.29941 0.21929 -0.01664 -0.02833 -0.02858 10 DT A C5    
204 C C7    . DT A 10 ? 0.20767 0.32187 0.22956 -0.03871 -0.02545 -0.03422 10 DT A C7    
205 C C6    . DT A 10 ? 0.21989 0.30525 0.23790 -0.00558 -0.03250 -0.02285 10 DT A C6    
206 P P     . DA A 11 ? 0.23835 0.27624 0.26551 0.00546  -0.03437 -0.01601 11 DA A P     
207 O OP1   . DA A 11 ? 0.28649 0.32359 0.30727 0.01036  -0.03083 -0.00952 11 DA A OP1   
208 O OP2   . DA A 11 ? 0.31655 0.34195 0.31310 0.01409  -0.04365 -0.02130 11 DA A OP2   
209 O "O5'" . DA A 11 ? 0.19749 0.24549 0.23460 -0.00465 -0.01581 -0.01363 11 DA A "O5'" 
210 C "C5'" . DA A 11 ? 0.20484 0.26170 0.25856 -0.00888 -0.00316 -0.01020 11 DA A "C5'" 
211 C "C4'" . DA A 11 ? 0.22395 0.28155 0.26850 -0.01215 0.00955  -0.01003 11 DA A "C4'" 
212 O "O4'" . DA A 11 ? 0.18554 0.24361 0.23242 -0.01627 0.01041  -0.01142 11 DA A "O4'" 
213 C "C3'" . DA A 11 ? 0.19345 0.24496 0.21877 -0.00939 0.01178  -0.00802 11 DA A "C3'" 
214 O "O3'" . DA A 11 ? 0.22992 0.28175 0.26192 -0.00728 0.01603  -0.00394 11 DA A "O3'" 
215 C "C2'" . DA A 11 ? 0.22897 0.27902 0.25051 -0.01357 0.01636  -0.01097 11 DA A "C2'" 
216 C "C1'" . DA A 11 ? 0.22181 0.27494 0.25157 -0.01714 0.01395  -0.01255 11 DA A "C1'" 
217 N N9    . DA A 11 ? 0.20558 0.25497 0.23111 -0.01781 0.00555  -0.01477 11 DA A N9    
218 C C8    . DA A 11 ? 0.19909 0.24701 0.23477 -0.01618 -0.00788 -0.01738 11 DA A C8    
219 N N7    . DA A 11 ? 0.19292 0.23502 0.22418 -0.01585 -0.01659 -0.02167 11 DA A N7    
220 C C5    . DA A 11 ? 0.16938 0.21070 0.18708 -0.01841 -0.00585 -0.02032 11 DA A C5    
221 C C6    . DA A 11 ? 0.17210 0.20820 0.18208 -0.01926 -0.00826 -0.02344 11 DA A C6    
222 N N6    . DA A 11 ? 0.21779 0.24822 0.23139 -0.01716 -0.02244 -0.02944 11 DA A N6    
223 N N1    . DA A 11 ? 0.21360 0.24879 0.21612 -0.02165 0.00108  -0.02159 11 DA A N1    
224 C C2    . DA A 11 ? 0.19274 0.23010 0.19427 -0.02171 0.00962  -0.01859 11 DA A C2    
225 N N3    . DA A 11 ? 0.21887 0.26088 0.22600 -0.02037 0.01270  -0.01634 11 DA A N3    
226 C C4    . DA A 11 ? 0.17304 0.21773 0.18758 -0.01922 0.00601  -0.01659 11 DA A C4    
227 P P     . DT A 12 ? 0.26254 0.30999 0.28721 -0.00121 0.02037  0.00575  12 DT A P     
228 O OP1   . DT A 12 ? 0.31992 0.36883 0.36466 -0.00019 0.02250  0.01174  12 DT A OP1   
229 O OP2   . DT A 12 ? 0.30594 0.34778 0.30584 0.00653  0.01563  0.00733  12 DT A OP2   
230 O "O5'" . DT A 12 ? 0.27672 0.32202 0.30216 -0.00338 0.02636  0.00557  12 DT A "O5'" 
231 C "C5'" . DT A 12 ? 0.27308 0.31751 0.31588 -0.00772 0.02546  0.00092  12 DT A "C5'" 
232 C "C4'" . DT A 12 ? 0.25965 0.30026 0.30342 -0.00890 0.02738  0.00046  12 DT A "C4'" 
233 O "O4'" . DT A 12 ? 0.25119 0.29134 0.27350 -0.01051 0.02542  -0.00478 12 DT A "O4'" 
234 C "C3'" . DT A 12 ? 0.28348 0.32430 0.33811 -0.00396 0.03771  0.01320  12 DT A "C3'" 
235 O "O3'" . DT A 12 ? 0.23797 0.27553 0.31637 -0.00660 0.03628  0.01184  12 DT A "O3'" 
236 C "C2'" . DT A 12 ? 0.22876 0.26864 0.25124 0.00130  0.04098  0.01317  12 DT A "C2'" 
237 C "C1'" . DT A 12 ? 0.25176 0.29038 0.26540 -0.00578 0.03084  -0.00002 12 DT A "C1'" 
238 N N1    . DT A 12 ? 0.23540 0.27242 0.22601 -0.00325 0.02459  -0.00528 12 DT A N1    
239 C C2    . DT A 12 ? 0.20179 0.23556 0.18558 -0.00461 0.02085  -0.01126 12 DT A C2    
240 O O2    . DT A 12 ? 0.22659 0.25906 0.21944 -0.00782 0.02348  -0.01185 12 DT A O2    
241 N N3    . DT A 12 ? 0.21203 0.24245 0.18235 -0.00132 0.01070  -0.01726 12 DT A N3    
242 C C4    . DT A 12 ? 0.21928 0.24809 0.18316 0.00339  0.00167  -0.01885 12 DT A C4    
243 O O4    . DT A 12 ? 0.23596 0.25884 0.19400 0.00727  -0.01285 -0.02643 12 DT A O4    
244 C C5    . DT A 12 ? 0.21798 0.25057 0.18678 0.00433  0.00691  -0.01196 12 DT A C5    
245 C C7    . DT A 12 ? 0.23234 0.26195 0.19703 0.00980  -0.00473 -0.01341 12 DT A C7    
246 C C6    . DT A 12 ? 0.23812 0.27519 0.22010 0.00059  0.01870  -0.00540 12 DT A C6    
247 P P     . DT A 13 ? 0.26466 0.30372 0.37833 -0.00250 0.04885  0.02755  13 DT A P     
248 O OP1   . DT A 13 ? 0.31232 0.34567 0.46576 -0.00710 0.03690  0.02149  13 DT A OP1   
249 O OP2   . DT A 13 ? 0.31178 0.35479 0.43308 0.00368  0.06073  0.04418  13 DT A OP2   
250 O "O5'" . DT A 13 ? 0.25848 0.29812 0.34729 0.00283  0.05985  0.02997  13 DT A "O5'" 
251 C "C5'" . DT A 13 ? 0.24768 0.28894 0.36444 0.00769  0.07443  0.04207  13 DT A "C5'" 
252 C "C4'" . DT A 13 ? 0.27638 0.31540 0.36707 0.01038  0.07557  0.03406  13 DT A "C4'" 
253 O "O4'" . DT A 13 ? 0.24362 0.27784 0.33351 -0.00022 0.05558  0.01673  13 DT A "O4'" 
254 C "C3'" . DT A 13 ? 0.25631 0.29265 0.29230 0.01948  0.07716  0.02969  13 DT A "C3'" 
255 O "O3'" . DT A 13 ? 0.29106 0.32532 0.31615 0.02883  0.08715  0.03018  13 DT A "O3'" 
256 C "C2'" . DT A 13 ? 0.29521 0.32903 0.31531 0.00862  0.05568  0.01184  13 DT A "C2'" 
257 C "C1'" . DT A 13 ? 0.23439 0.26650 0.28253 -0.00025 0.04872  0.00611  13 DT A "C1'" 
258 N N1    . DT A 13 ? 0.25282 0.28148 0.29534 -0.00971 0.03224  -0.00536 13 DT A N1    
259 C C2    . DT A 13 ? 0.24929 0.27448 0.27365 -0.01324 0.02367  -0.01421 13 DT A C2    
260 O O2    . DT A 13 ? 0.29494 0.31900 0.31042 -0.01005 0.02490  -0.01628 13 DT A O2    
261 N N3    . DT A 13 ? 0.29343 0.31530 0.31174 -0.01878 0.01450  -0.01963 13 DT A N3    
262 C C4    . DT A 13 ? 0.24604 0.26658 0.26851 -0.01910 0.01200  -0.02027 13 DT A C4    
263 O O4    . DT A 13 ? 0.34876 0.36501 0.35815 -0.01998 0.00739  -0.02431 13 DT A O4    
264 C C5    . DT A 13 ? 0.28486 0.30870 0.32801 -0.01615 0.01681  -0.01442 13 DT A C5    
265 C C7    . DT A 13 ? 0.24974 0.27084 0.30217 -0.01504 0.01124  -0.01703 13 DT A C7    
266 C C6    . DT A 13 ? 0.24657 0.27473 0.30158 -0.01246 0.02729  -0.00562 13 DT A C6    
267 P P     . DC A 14 ? 0.31836 0.34565 0.28990 0.04935  0.09611  0.03122  14 DC A P     
268 O OP1   . DC A 14 ? 0.37287 0.40021 0.35237 0.05893  0.11225  0.03548  14 DC A OP1   
269 O OP2   . DC A 14 ? 0.35103 0.37689 0.30504 0.05865  0.10390  0.04400  14 DC A OP2   
270 O "O5'" . DC A 14 ? 0.35738 0.37775 0.29644 0.04512  0.07002  0.00975  14 DC A "O5'" 
271 C "C5'" . DC A 14 ? 0.32381 0.34352 0.27346 0.03435  0.05584  -0.00411 14 DC A "C5'" 
272 C "C4'" . DC A 14 ? 0.33456 0.34749 0.25927 0.03434  0.03425  -0.01867 14 DC A "C4'" 
273 O "O4'" . DC A 14 ? 0.29920 0.31530 0.22719 0.02755  0.02734  -0.01668 14 DC A "O4'" 
274 C "C3'" . DC A 14 ? 0.36524 0.36560 0.24651 0.05654  0.03123  -0.02470 14 DC A "C3'" 
275 O "O3'" . DC A 14 ? 0.39251 0.38526 0.26930 0.05508  0.00807  -0.04196 14 DC A "O3'" 
276 C "C2'" . DC A 14 ? 0.38239 0.37917 0.24343 0.06350  0.02769  -0.02024 14 DC A "C2'" 
277 C "C1'" . DC A 14 ? 0.29470 0.30205 0.19151 0.04098  0.01819  -0.02056 14 DC A "C1'" 
278 N N1    . DC A 14 ? 0.35974 0.37130 0.26032 0.04026  0.02431  -0.00980 14 DC A N1    
279 C C2    . DC A 14 ? 0.31570 0.32087 0.20079 0.04568  0.00866  -0.01447 14 DC A C2    
280 O O2    . DC A 14 ? 0.34453 0.33960 0.21564 0.05156  -0.01208 -0.02816 14 DC A O2    
281 N N3    . DC A 14 ? 0.38434 0.39306 0.27505 0.04504  0.01348  -0.00453 14 DC A N3    
282 C C4    . DC A 14 ? 0.37607 0.39414 0.28962 0.03899  0.03206  0.00901  14 DC A C4    
283 N N4    . DC A 14 ? 0.38647 0.40709 0.30888 0.03872  0.03452  0.01822  14 DC A N4    
284 C C5    . DC A 14 ? 0.36257 0.38624 0.29642 0.03366  0.04577  0.01312  14 DC A C5    
285 C C6    . DC A 14 ? 0.37841 0.39880 0.30403 0.03435  0.04173  0.00359  14 DC A C6    
286 P P     . DA A 15 ? 0.43972 0.42646 0.31151 0.06329  0.00823  -0.05087 15 DA A P     
287 O OP1   . DA A 15 ? 0.39794 0.38046 0.24040 0.08593  0.03135  -0.04250 15 DA A OP1   
288 O OP2   . DA A 15 ? 0.50065 0.47785 0.37285 0.06183  -0.02106 -0.06858 15 DA A OP2   
289 O "O5'" . DA A 15 ? 0.35824 0.35729 0.27260 0.04501  0.02025  -0.04285 15 DA A "O5'" 
290 C "C5'" . DA A 15 ? 0.25689 0.25735 0.19651 0.02826  0.00526  -0.04937 15 DA A "C5'" 
291 C "C4'" . DA A 15 ? 0.25091 0.25958 0.22137 0.01371  0.01418  -0.03978 15 DA A "C4'" 
292 O "O4'" . DA A 15 ? 0.26837 0.28259 0.24159 0.00779  0.01761  -0.03208 15 DA A "O4'" 
293 C "C3'" . DA A 15 ? 0.30556 0.31253 0.29479 -0.00091 0.00046  -0.04390 15 DA A "C3'" 
294 O "O3'" . DA A 15 ? 0.26972 0.27817 0.28132 -0.00644 0.00661  -0.03852 15 DA A "O3'" 
295 C "C2'" . DA A 15 ? 0.30211 0.31149 0.28931 -0.00933 -0.00703 -0.04192 15 DA A "C2'" 
296 C "C1'" . DA A 15 ? 0.28593 0.30083 0.26782 -0.00548 0.00516  -0.03456 15 DA A "C1'" 
297 N N9    . DA A 15 ? 0.25497 0.27148 0.22569 -0.00338 0.00075  -0.03460 15 DA A N9    
298 C C8    . DA A 15 ? 0.22138 0.24312 0.19435 -0.00529 0.00669  -0.02813 15 DA A C8    
299 N N7    . DA A 15 ? 0.23526 0.25666 0.19990 -0.00162 -0.00013 -0.02981 15 DA A N7    
300 C C5    . DA A 15 ? 0.24087 0.25491 0.19720 0.00400  -0.01357 -0.03897 15 DA A C5    
301 C C6    . DA A 15 ? 0.25018 0.25713 0.19961 0.01133  -0.03139 -0.04694 15 DA A C6    
302 N N6    . DA A 15 ? 0.26528 0.27311 0.21540 0.01309  -0.03635 -0.04517 15 DA A N6    
303 N N1    . DA A 15 ? 0.29748 0.29453 0.24297 0.01774  -0.04752 -0.05832 15 DA A N1    
304 C C2    . DA A 15 ? 0.30357 0.29972 0.25060 0.01621  -0.04282 -0.06028 15 DA A C2    
305 N N3    . DA A 15 ? 0.27252 0.27550 0.22661 0.00901  -0.02584 -0.05251 15 DA A N3    
306 C C4    . DA A 15 ? 0.24943 0.26062 0.20813 0.00335  -0.01252 -0.04223 15 DA A C4    
307 P P     . DT A 16 ? 0.38166 0.47171 0.27381 0.16497  0.01346  -0.05302 16 DT A P     
308 O OP1   . DT A 16 ? 0.42511 0.55970 0.33391 0.17726  0.01216  -0.05349 16 DT A OP1   
309 O OP2   . DT A 16 ? 0.46431 0.49340 0.32150 0.17193  0.01136  -0.05346 16 DT A OP2   
310 O "O5'" . DT A 16 ? 0.33453 0.43303 0.24417 0.14997  0.01134  -0.04968 16 DT A "O5'" 
311 C "C5'" . DT A 16 ? 0.32084 0.46581 0.26364 0.13426  0.01223  -0.04773 16 DT A "C5'" 
312 C "C4'" . DT A 16 ? 0.29003 0.42387 0.24395 0.11539  0.00773  -0.04246 16 DT A "C4'" 
313 O "O4'" . DT A 16 ? 0.30861 0.41098 0.25609 0.09711  0.00840  -0.03867 16 DT A "O4'" 
314 C "C3'" . DT A 16 ? 0.32381 0.43474 0.26438 0.12598  0.00266  -0.04153 16 DT A "C3'" 
315 O "O3'" . DT A 16 ? 0.26780 0.40010 0.23039 0.11239  -0.00043 -0.03978 16 DT A "O3'" 
316 C "C2'" . DT A 16 ? 0.29621 0.35356 0.21317 0.11787  0.00321  -0.03851 16 DT A "C2'" 
317 C "C1'" . DT A 16 ? 0.26470 0.33133 0.19968 0.09430  0.00523  -0.03612 16 DT A "C1'" 
318 N N1    . DT A 16 ? 0.26391 0.29633 0.18277 0.08437  0.00608  -0.03508 16 DT A N1    
319 C C2    . DT A 16 ? 0.24434 0.28244 0.17941 0.06383  0.00560  -0.03106 16 DT A C2    
320 O O2    . DT A 16 ? 0.25239 0.31500 0.21095 0.05476  0.00522  -0.02834 16 DT A O2    
321 N N3    . DT A 16 ? 0.24296 0.25499 0.16436 0.05465  0.00471  -0.03062 16 DT A N3    
322 C C4    . DT A 16 ? 0.25742 0.23631 0.14964 0.06145  0.00478  -0.03482 16 DT A C4    
323 O O4    . DT A 16 ? 0.32087 0.28042 0.20284 0.04987  0.00293  -0.03526 16 DT A O4    
324 C C5    . DT A 16 ? 0.34177 0.30955 0.21476 0.08415  0.00640  -0.03917 16 DT A C5    
325 C C7    . DT A 16 ? 0.38460 0.30722 0.22089 0.09387  0.00669  -0.04425 16 DT A C7    
326 C C6    . DT A 16 ? 0.34334 0.34050 0.23143 0.09580  0.00670  -0.03861 16 DT A C6    
327 P P     . DA A 17 ? 0.27170 0.38758 0.22618 0.11462  -0.00538 -0.03793 17 DA A P     
328 O OP1   . DA A 17 ? 0.27941 0.43859 0.25559 0.11400  -0.00960 -0.04113 17 DA A OP1   
329 O OP2   . DA A 17 ? 0.31518 0.39576 0.23783 0.13453  -0.00669 -0.03664 17 DA A OP2   
330 O "O5'" . DA A 17 ? 0.26512 0.35528 0.22344 0.09103  -0.00322 -0.03381 17 DA A "O5'" 
331 C "C5'" . DA A 17 ? 0.29078 0.40101 0.27413 0.07243  -0.00272 -0.03360 17 DA A "C5'" 
332 C "C4'" . DA A 17 ? 0.24526 0.33645 0.22837 0.06206  -0.00305 -0.03168 17 DA A "C4'" 
333 O "O4'" . DA A 17 ? 0.22726 0.28450 0.19750 0.05620  -0.00009 -0.02759 17 DA A "O4'" 
334 C "C3'" . DA A 17 ? 0.23814 0.32498 0.20761 0.07311  -0.00615 -0.03293 17 DA A "C3'" 
335 O "O3'" . DA A 17 ? 0.25069 0.34309 0.23147 0.06153  -0.00665 -0.03475 17 DA A "O3'" 
336 C "C2'" . DA A 17 ? 0.31438 0.35992 0.25702 0.07749  -0.00344 -0.02830 17 DA A "C2'" 
337 C "C1'" . DA A 17 ? 0.28552 0.32163 0.24022 0.05896  0.00037  -0.02606 17 DA A "C1'" 
338 N N9    . DA A 17 ? 0.26932 0.27208 0.20604 0.05552  0.00320  -0.02244 17 DA A N9    
339 C C8    . DA A 17 ? 0.30517 0.27971 0.21367 0.06672  0.00331  -0.02124 17 DA A C8    
340 N N7    . DA A 17 ? 0.30960 0.25623 0.20666 0.05677  0.00569  -0.01908 17 DA A N7    
341 C C5    . DA A 17 ? 0.26516 0.22763 0.18666 0.03967  0.00670  -0.01836 17 DA A C5    
342 C C6    . DA A 17 ? 0.23448 0.18756 0.16087 0.02326  0.00786  -0.01646 17 DA A C6    
343 N N6    . DA A 17 ? 0.28099 0.20347 0.18601 0.01786  0.00849  -0.01578 17 DA A N6    
344 N N1    . DA A 17 ? 0.22619 0.20242 0.17983 0.01263  0.00761  -0.01562 17 DA A N1    
345 C C2    . DA A 17 ? 0.22144 0.22203 0.19345 0.01624  0.00693  -0.01698 17 DA A C2    
346 N N3    . DA A 17 ? 0.22271 0.23405 0.19250 0.02751  0.00584  -0.01968 17 DA A N3    
347 C C4    . DA A 17 ? 0.19998 0.19427 0.14509 0.03978  0.00547  -0.02013 17 DA A C4    
348 P P     . DG A 18 ? 0.22360 0.35186 0.22175 0.05888  -0.01170 -0.04130 18 DG A P     
349 O OP1   . DG A 18 ? 0.25892 0.41357 0.27772 0.05181  -0.01132 -0.04249 18 DG A OP1   
350 O OP2   . DG A 18 ? 0.27285 0.40907 0.25644 0.07395  -0.01720 -0.04357 18 DG A OP2   
351 O "O5'" . DG A 18 ? 0.19624 0.31470 0.20271 0.04376  -0.00968 -0.04322 18 DG A "O5'" 
352 C "C5'" . DG A 18 ? 0.23917 0.34938 0.26089 0.02953  -0.00564 -0.04096 18 DG A "C5'" 
353 C "C4'" . DG A 18 ? 0.19080 0.27692 0.20729 0.02565  -0.00118 -0.03925 18 DG A "C4'" 
354 O "O4'" . DG A 18 ? 0.20309 0.26999 0.20510 0.03043  0.00182  -0.03322 18 DG A "O4'" 
355 C "C3'" . DG A 18 ? 0.21826 0.30187 0.22361 0.02904  -0.00155 -0.04426 18 DG A "C3'" 
356 O "O3'" . DG A 18 ? 0.23046 0.30393 0.24317 0.02113  0.00306  -0.04649 18 DG A "O3'" 
357 C "C2'" . DG A 18 ? 0.25203 0.31823 0.23343 0.03911  0.00051  -0.03901 18 DG A "C2'" 
358 C "C1'" . DG A 18 ? 0.21423 0.26625 0.20060 0.03327  0.00479  -0.03285 18 DG A "C1'" 
359 N N9    . DG A 18 ? 0.22295 0.25380 0.18772 0.03939  0.00648  -0.02722 18 DG A N9    
360 C C8    . DG A 18 ? 0.23680 0.25968 0.17895 0.05300  0.00376  -0.02594 18 DG A C8    
361 N N7    . DG A 18 ? 0.30477 0.30011 0.22733 0.05491  0.00640  -0.02068 18 DG A N7    
362 C C5    . DG A 18 ? 0.25812 0.24789 0.19348 0.03978  0.01080  -0.01889 18 DG A C5    
363 C C6    . DG A 18 ? 0.23085 0.19647 0.15584 0.03163  0.01434  -0.01454 18 DG A C6    
364 O O6    . DG A 18 ? 0.31721 0.25382 0.21556 0.03565  0.01509  -0.01125 18 DG A O6    
365 N N1    . DG A 18 ? 0.22619 0.20235 0.17395 0.01725  0.01649  -0.01437 18 DG A N1    
366 C C2    . DG A 18 ? 0.21022 0.21105 0.18439 0.01379  0.01578  -0.01729 18 DG A C2    
367 N N2    . DG A 18 ? 0.20936 0.21731 0.20221 0.00327  0.01716  -0.01590 18 DG A N2    
368 N N3    . DG A 18 ? 0.20686 0.22345 0.18767 0.02025  0.01332  -0.02155 18 DG A N3    
369 C C4    . DG A 18 ? 0.22387 0.23635 0.18562 0.03201  0.01072  -0.02242 18 DG A C4    
370 P P     . DG A 19 ? 0.38568 0.46636 0.41196 0.01286  0.00099  -0.05497 19 DG A P     
371 O OP1   . DG A 19 ? 0.29366 0.38548 0.33627 0.00535  -0.00232 -0.05346 19 DG A OP1   
372 O OP2   . DG A 19 ? 0.32906 0.41646 0.34170 0.01688  -0.00237 -0.06271 19 DG A OP2   
373 O "O5'" . DG A 19 ? 0.22148 0.28573 0.25538 0.00938  0.00785  -0.05433 19 DG A "O5'" 
374 C "C5'" . DG A 19 ? 0.19930 0.25949 0.24677 0.00579  0.00922  -0.04732 19 DG A "C5'" 
375 C "C4'" . DG A 19 ? 0.25061 0.30231 0.30089 0.00751  0.01575  -0.04443 19 DG A "C4'" 
376 O "O4'" . DG A 19 ? 0.25248 0.30199 0.29058 0.00980  0.01823  -0.03883 19 DG A "O4'" 
377 C "C3'" . DG A 19 ? 0.23683 0.28432 0.28310 0.01056  0.02117  -0.05219 19 DG A "C3'" 
378 O "O3'" . DG A 19 ? 0.29493 0.34041 0.35528 0.01166  0.02645  -0.05037 19 DG A "O3'" 
379 C "C2'" . DG A 19 ? 0.26082 0.30811 0.28637 0.01445  0.02451  -0.05101 19 DG A "C2'" 
380 C "C1'" . DG A 19 ? 0.23625 0.28176 0.26343 0.01229  0.02494  -0.04110 19 DG A "C1'" 
381 N N9    . DG A 19 ? 0.22764 0.26656 0.23305 0.01532  0.02464  -0.03692 19 DG A N9    
382 C C8    . DG A 19 ? 0.22747 0.26664 0.21525 0.02194  0.02022  -0.03921 19 DG A C8    
383 N N7    . DG A 19 ? 0.25829 0.28585 0.22671 0.02607  0.02025  -0.03309 19 DG A N7    
384 C C5    . DG A 19 ? 0.22668 0.24536 0.20057 0.01863  0.02518  -0.02724 19 DG A C5    
385 C C6    . DG A 19 ? 0.20372 0.20341 0.16100 0.01626  0.02763  -0.02011 19 DG A C6    
386 O O6    . DG A 19 ? 0.29883 0.28072 0.23039 0.02289  0.02622  -0.01653 19 DG A O6    
387 N N1    . DG A 19 ? 0.24251 0.24359 0.21512 0.00517  0.03113  -0.01731 19 DG A N1    
388 C C2    . DG A 19 ? 0.21533 0.23423 0.21503 0.00077  0.03179  -0.01986 19 DG A C2    
389 N N2    . DG A 19 ? 0.21874 0.24149 0.23129 -0.00848 0.03368  -0.01643 19 DG A N2    
390 N N3    . DG A 19 ? 0.22848 0.25960 0.24107 0.00516  0.03020  -0.02563 19 DG A N3    
391 C C4    . DG A 19 ? 0.24574 0.27521 0.24409 0.01244  0.02718  -0.02946 19 DG A C4    
392 P P     . DC A 20 ? 0.25361 0.29188 0.32210 0.01541  0.02948  -0.05883 20 DC A P     
393 O OP1   . DC A 20 ? 0.29181 0.32652 0.34325 0.01729  0.03131  -0.06977 20 DC A OP1   
394 O OP2   . DC A 20 ? 0.31641 0.36078 0.39970 0.01964  0.03520  -0.05438 20 DC A OP2   
395 O "O5'" . DC A 20 ? 0.35066 0.38024 0.42838 0.01050  0.02194  -0.05792 20 DC A "O5'" 
396 C "C5'" . DC A 20 ? 0.24199 0.26423 0.33504 0.01244  0.02098  -0.05295 20 DC A "C5'" 
397 C "C4'" . DC A 20 ? 0.23586 0.25334 0.33123 0.00387  0.01379  -0.04719 20 DC A "C4'" 
398 O "O4'" . DC A 20 ? 0.24290 0.25395 0.32987 -0.00329 0.01111  -0.05565 20 DC A "O4'" 
399 C "C3'" . DC A 20 ? 0.31662 0.34887 0.40942 -0.00044 0.01095  -0.03933 20 DC A "C3'" 
400 O "O3'" . DC A 20 ? 0.39245 0.42673 0.49458 0.00105  0.00974  -0.02988 20 DC A "O3'" 
401 C "C2'" . DC A 20 ? 0.27808 0.31062 0.36840 -0.00966 0.00620  -0.03969 20 DC A "C2'" 
402 C "C1'" . DC A 20 ? 0.27602 0.29850 0.36196 -0.01217 0.00640  -0.05121 20 DC A "C1'" 
403 N N1    . DC A 20 ? 0.31584 0.35189 0.39099 -0.01326 0.00498  -0.05944 20 DC A N1    
404 C C2    . DC A 20 ? 0.30013 0.35222 0.37537 -0.02124 0.00012  -0.05939 20 DC A C2    
405 O O2    . DC A 20 ? 0.37603 0.42942 0.45921 -0.02880 -0.00129 -0.05261 20 DC A O2    
406 N N3    . DC A 20 ? 0.27921 0.34707 0.34562 -0.02014 -0.00293 -0.06690 20 DC A N3    
407 C C4    . DC A 20 ? 0.34771 0.41183 0.40184 -0.01219 -0.00101 -0.07316 20 DC A C4    
408 N N4    . DC A 20 ? 0.36819 0.44815 0.41134 -0.00995 -0.00548 -0.07926 20 DC A N4    
409 C C5    . DC A 20 ? 0.36808 0.41465 0.42052 -0.00562 0.00578  -0.07338 20 DC A C5    
410 C C6    . DC A 20 ? 0.30635 0.34142 0.37135 -0.00598 0.00844  -0.06688 20 DC A C6    
411 P P     . DG A 21 ? 0.23365 0.28051 0.33414 0.00139  0.01034  -0.02399 21 DG A P     
412 O OP1   . DG A 21 ? 0.23953 0.29192 0.35090 0.00662  0.01431  -0.02340 21 DG A OP1   
413 O OP2   . DG A 21 ? 0.26928 0.32018 0.35463 0.00034  0.01154  -0.02685 21 DG A OP2   
414 O "O5'" . DG A 21 ? 0.21985 0.26700 0.32375 -0.00279 0.00448  -0.01496 21 DG A "O5'" 
415 C "C5'" . DG A 21 ? 0.25611 0.29443 0.36861 -0.00194 0.00157  -0.01050 21 DG A "C5'" 
416 C "C4'" . DG A 21 ? 0.16671 0.21116 0.28251 -0.00250 -0.00328 -0.00064 21 DG A "C4'" 
417 O "O4'" . DG A 21 ? 0.19070 0.23998 0.29473 -0.00915 -0.00500 0.00192  21 DG A "O4'" 
418 C "C3'" . DG A 21 ? 0.23578 0.29375 0.35911 0.00072  -0.00281 0.00003  21 DG A "C3'" 
419 O "O3'" . DG A 21 ? 0.21892 0.27976 0.35824 0.00900  -0.00435 0.00279  21 DG A "O3'" 
420 C "C2'" . DG A 21 ? 0.18441 0.24879 0.29965 -0.00539 -0.00768 0.00572  21 DG A "C2'" 
421 C "C1'" . DG A 21 ? 0.16860 0.22650 0.26989 -0.00963 -0.00703 0.00469  21 DG A "C1'" 
422 N N9    . DG A 21 ? 0.14669 0.20635 0.23539 -0.01087 -0.00394 -0.00062 21 DG A N9    
423 C C8    . DG A 21 ? 0.17805 0.23671 0.25980 -0.00976 -0.00077 -0.00646 21 DG A C8    
424 N N7    . DG A 21 ? 0.20760 0.26624 0.27596 -0.00813 0.00049  -0.00897 21 DG A N7    
425 C C5    . DG A 21 ? 0.17794 0.23460 0.24296 -0.01069 -0.00161 -0.00526 21 DG A C5    
426 C C6    . DG A 21 ? 0.16811 0.21742 0.21628 -0.01110 -0.00154 -0.00641 21 DG A C6    
427 O O6    . DG A 21 ? 0.17624 0.21839 0.20868 -0.00615 0.00071  -0.01004 21 DG A O6    
428 N N1    . DG A 21 ? 0.15142 0.20066 0.20063 -0.01718 -0.00530 -0.00309 21 DG A N1    
429 C C2    . DG A 21 ? 0.15321 0.21283 0.21949 -0.01992 -0.00933 0.00167  21 DG A C2    
430 N N2    . DG A 21 ? 0.15473 0.21807 0.22094 -0.02600 -0.01432 0.00391  21 DG A N2    
431 N N3    . DG A 21 ? 0.17726 0.24175 0.25828 -0.01635 -0.00919 0.00383  21 DG A N3    
432 C C4    . DG A 21 ? 0.17378 0.23442 0.25226 -0.01298 -0.00494 -0.00021 21 DG A C4    
433 P P     . DT A 22 ? 0.19237 0.27193 0.34558 0.01356  0.00017  -0.00082 22 DT A P     
434 O OP1   . DT A 22 ? 0.23909 0.32199 0.40879 0.02521  -0.00306 0.00286  22 DT A OP1   
435 O OP2   . DT A 22 ? 0.20754 0.28476 0.35296 0.01228  0.00909  -0.00988 22 DT A OP2   
436 O "O5'" . DT A 22 ? 0.19026 0.28553 0.34225 0.00458  -0.00379 0.00351  22 DT A "O5'" 
437 C "C5'" . DT A 22 ? 0.17450 0.27760 0.33181 0.00443  -0.01307 0.01144  22 DT A "C5'" 
438 C "C4'" . DT A 22 ? 0.15263 0.27003 0.30759 -0.00603 -0.01608 0.01214  22 DT A "C4'" 
439 O "O4'" . DT A 22 ? 0.18652 0.28853 0.31879 -0.01449 -0.01342 0.00894  22 DT A "O4'" 
440 C "C3'" . DT A 22 ? 0.19162 0.33033 0.36211 -0.00852 -0.01072 0.00834  22 DT A "C3'" 
441 O "O3'" . DT A 22 ? 0.19607 0.35779 0.37750 -0.01488 -0.01882 0.01205  22 DT A "O3'" 
442 C "C2'" . DT A 22 ? 0.16109 0.28600 0.31282 -0.01752 -0.00264 0.00294  22 DT A "C2'" 
443 C "C1'" . DT A 22 ? 0.20482 0.31101 0.33449 -0.02195 -0.00800 0.00461  22 DT A "C1'" 
444 N N1    . DT A 22 ? 0.19602 0.28318 0.30593 -0.02226 -0.00198 0.00030  22 DT A N1    
445 C C2    . DT A 22 ? 0.16404 0.23876 0.25351 -0.02972 -0.00219 -0.00095 22 DT A C2    
446 O O2    . DT A 22 ? 0.18407 0.26150 0.27082 -0.03844 -0.00659 0.00024  22 DT A O2    
447 N N3    . DT A 22 ? 0.15347 0.21188 0.22497 -0.02598 0.00234  -0.00423 22 DT A N3    
448 C C4    . DT A 22 ? 0.19441 0.25077 0.26645 -0.01807 0.00595  -0.00685 22 DT A C4    
449 O O4    . DT A 22 ? 0.18362 0.22903 0.23912 -0.01450 0.00819  -0.00960 22 DT A O4    
450 C C5    . DT A 22 ? 0.16200 0.22920 0.25435 -0.01343 0.00632  -0.00674 22 DT A C5    
451 C C7    . DT A 22 ? 0.18973 0.25238 0.28148 -0.00704 0.00963  -0.01146 22 DT A C7    
452 C C6    . DT A 22 ? 0.16521 0.24509 0.27459 -0.01441 0.00248  -0.00280 22 DT A C6    
453 P P     . DC A 23 ? 0.23352 0.43035 0.43992 -0.01879 -0.01578 0.01010  23 DC A P     
454 O OP1   . DC A 23 ? 0.28252 0.50118 0.50035 -0.01977 -0.02931 0.01562  23 DC A OP1   
455 O OP2   . DC A 23 ? 0.25569 0.46189 0.47812 -0.00691 -0.00524 0.00623  23 DC A OP2   
456 O "O5'" . DC A 23 ? 0.20990 0.39923 0.39977 -0.03835 -0.01046 0.00621  23 DC A "O5'" 
457 C "C5'" . DC A 23 ? 0.22418 0.39968 0.39414 -0.05053 -0.01806 0.00694  23 DC A "C5'" 
458 C "C4'" . DC A 23 ? 0.22898 0.38385 0.37734 -0.06464 -0.01013 0.00283  23 DC A "C4'" 
459 O "O4'" . DC A 23 ? 0.21917 0.34576 0.34818 -0.05608 -0.00302 0.00104  23 DC A "O4'" 
460 C "C3'" . DC A 23 ? 0.16102 0.33470 0.32289 -0.07490 -0.00029 0.00106  23 DC A "C3'" 
461 O "O3'" . DC A 23 ? 0.22506 0.41290 0.39060 -0.09432 -0.00558 0.00078  23 DC A "O3'" 
462 C "C2'" . DC A 23 ? 0.17740 0.31753 0.31186 -0.07629 0.01074  -0.00107 23 DC A "C2'" 
463 C "C1'" . DC A 23 ? 0.19867 0.30910 0.31029 -0.06665 0.00501  -0.00127 23 DC A "C1'" 
464 N N1    . DC A 23 ? 0.18988 0.27932 0.28593 -0.05570 0.01200  -0.00298 23 DC A N1    
465 C C2    . DC A 23 ? 0.24983 0.30788 0.31502 -0.05778 0.01411  -0.00410 23 DC A C2    
466 O O2    . DC A 23 ? 0.26327 0.30680 0.31295 -0.06948 0.01149  -0.00411 23 DC A O2    
467 N N3    . DC A 23 ? 0.21508 0.25940 0.26760 -0.04661 0.01837  -0.00560 23 DC A N3    
468 C C4    . DC A 23 ? 0.19525 0.25262 0.26257 -0.03606 0.02068  -0.00712 23 DC A C4    
469 N N4    . DC A 23 ? 0.19580 0.24063 0.24883 -0.02690 0.02326  -0.00962 23 DC A N4    
470 C C5    . DC A 23 ? 0.17313 0.25601 0.26926 -0.03366 0.01957  -0.00662 23 DC A C5    
471 C C6    . DC A 23 ? 0.15766 0.25720 0.26807 -0.04224 0.01513  -0.00398 23 DC A C6    
472 P P     . DC A 24 ? 0.29014 0.50852 0.47546 -0.11093 0.00305  -0.00008 24 DC A P     
473 O OP1   . DC A 24 ? 0.39670 0.63105 0.59018 -0.12227 -0.00777 -0.00055 24 DC A OP1   
474 O OP2   . DC A 24 ? 0.28737 0.53274 0.49807 -0.09571 0.01268  0.00006  24 DC A OP2   
475 O "O5'" . DC A 24 ? 0.34866 0.52690 0.50001 -0.12599 0.01335  -0.00120 24 DC A "O5'" 
476 C "C5'" . DC A 24 ? 0.37764 0.51504 0.49498 -0.13530 0.00718  -0.00264 24 DC A "C5'" 
477 C "C4'" . DC A 24 ? 0.36185 0.45983 0.44763 -0.14331 0.01856  -0.00215 24 DC A "C4'" 
478 O "O4'" . DC A 24 ? 0.34301 0.41831 0.41347 -0.12174 0.02291  -0.00161 24 DC A "O4'" 
479 C "C3'" . DC A 24 ? 0.40209 0.51995 0.50023 -0.15793 0.03192  0.00008  24 DC A "C3'" 
480 O "O3'" . DC A 24 ? 0.43374 0.52281 0.50743 -0.17872 0.03308  0.00064  24 DC A "O3'" 
481 C "C2'" . DC A 24 ? 0.42830 0.53106 0.51451 -0.14045 0.04351  0.00177  24 DC A "C2'" 
482 C "C1'" . DC A 24 ? 0.39017 0.45320 0.44823 -0.12428 0.03618  0.00053  24 DC A "C1'" 
483 N N1    . DC A 24 ? 0.36621 0.42726 0.42351 -0.10090 0.03966  -0.00007 24 DC A N1    
484 C C2    . DC A 24 ? 0.31565 0.33889 0.33993 -0.09118 0.04135  0.00032  24 DC A C2    
485 O O2    . DC A 24 ? 0.37281 0.36104 0.36723 -0.09970 0.04111  0.00185  24 DC A O2    
486 N N3    . DC A 24 ? 0.27244 0.29802 0.29753 -0.07245 0.04287  -0.00138 24 DC A N3    
487 C C4    . DC A 24 ? 0.28645 0.34296 0.34033 -0.06372 0.04333  -0.00372 24 DC A C4    
488 N N4    . DC A 24 ? 0.25836 0.31243 0.30955 -0.04797 0.04431  -0.00664 24 DC A N4    
489 C C5    . DC A 24 ? 0.28099 0.37190 0.36696 -0.07030 0.04207  -0.00360 24 DC A C5    
490 C C6    . DC A 24 ? 0.30048 0.39593 0.38855 -0.08863 0.03995  -0.00160 24 DC A C6    
491 P P     . DG A 25 ? 0.48387 0.57791 0.55752 -0.19304 0.04570  0.00433  25 DG A P     
492 O OP1   . DG A 25 ? 0.49591 0.58354 0.56436 -0.21229 0.03832  0.00245  25 DG A OP1   
493 O OP2   . DG A 25 ? 0.39002 0.52799 0.49513 -0.18300 0.05526  0.00590  25 DG A OP2   
494 O "O5'" . DG A 25 ? 0.44305 0.48263 0.47253 -0.19433 0.05598  0.00808  25 DG A "O5'" 
495 C "C5'" . DG A 25 ? 0.43716 0.42464 0.42947 -0.19468 0.04964  0.00674  25 DG A "C5'" 
496 C "C4'" . DG A 25 ? 0.42433 0.36235 0.37570 -0.19118 0.05976  0.01198  25 DG A "C4'" 
497 O "O4'" . DG A 25 ? 0.44461 0.38903 0.39877 -0.16285 0.06071  0.01187  25 DG A "O4'" 
498 C "C3'" . DG A 25 ? 0.47957 0.41839 0.42509 -0.20216 0.07240  0.01804  25 DG A "C3'" 
499 O "O3'" . DG A 25 ? 0.59833 0.47411 0.49466 -0.20445 0.07451  0.02228  25 DG A "O3'" 
500 C "C2'" . DG A 25 ? 0.43469 0.40283 0.39582 -0.18765 0.08308  0.02005  25 DG A "C2'" 
501 C "C1'" . DG A 25 ? 0.42578 0.36946 0.37106 -0.16129 0.07424  0.01721  25 DG A "C1'" 
502 N N9    . DG A 25 ? 0.41665 0.39243 0.38460 -0.13752 0.07441  0.01411  25 DG A N9    
503 C C8    . DG A 25 ? 0.34081 0.36831 0.35159 -0.13293 0.07391  0.01010  25 DG A C8    
504 N N7    . DG A 25 ? 0.31742 0.35515 0.33539 -0.11056 0.07358  0.00709  25 DG A N7    
505 C C5    . DG A 25 ? 0.35081 0.34670 0.33109 -0.10009 0.07271  0.00899  25 DG A C5    
506 C C6    . DG A 25 ? 0.29713 0.28634 0.26757 -0.07835 0.07091  0.00650  25 DG A C6    
507 O O6    . DG A 25 ? 0.30991 0.32434 0.30113 -0.06518 0.07050  0.00151  25 DG A O6    
508 N N1    . DG A 25 ? 0.34060 0.28809 0.27150 -0.07249 0.06930  0.01007  25 DG A N1    
509 C C2    . DG A 25 ? 0.43079 0.34068 0.33241 -0.08475 0.06995  0.01549  25 DG A C2    
510 N N2    . DG A 25 ? 0.46723 0.33782 0.33113 -0.07248 0.06767  0.01877  25 DG A N2    
511 N N3    . DG A 25 ? 0.45601 0.36604 0.36394 -0.10726 0.07210  0.01725  25 DG A N3    
512 C C4    . DG A 25 ? 0.40632 0.36366 0.35565 -0.11442 0.07315  0.01371  25 DG A C4    
513 P P     . DC A 26 ? 0.70214 0.55740 0.57657 -0.21935 0.08531  0.02963  26 DC A P     
514 O OP1   . DC A 26 ? 0.69269 0.49150 0.52905 -0.22774 0.07925  0.02917  26 DC A OP1   
515 O OP2   . DC A 26 ? 0.63066 0.54112 0.54369 -0.23444 0.09178  0.03006  26 DC A OP2   
516 O "O5'" . DC A 26 ? 0.59326 0.42394 0.43924 -0.20176 0.09479  0.03668  26 DC A "O5'" 
517 C "C5'" . DC A 26 ? 0.58698 0.38375 0.40788 -0.18006 0.08940  0.03625  26 DC A "C5'" 
518 C "C4'" . DC A 26 ? 0.64863 0.44455 0.45507 -0.16291 0.09858  0.04206  26 DC A "C4'" 
519 O "O4'" . DC A 26 ? 0.64901 0.50066 0.49740 -0.14590 0.09552  0.03455  26 DC A "O4'" 
520 C "C3'" . DC A 26 ? 0.70336 0.50622 0.50280 -0.17260 0.11126  0.04910  26 DC A "C3'" 
521 O "O3'" . DC A 26 ? 0.81942 0.56811 0.56955 -0.16266 0.11206  0.05697  26 DC A "O3'" 
522 C "C2'" . DC A 26 ? 0.58423 0.43842 0.41159 -0.16336 0.12023  0.04686  26 DC A "C2'" 
523 C "C1'" . DC A 26 ? 0.56967 0.43727 0.41530 -0.13861 0.10651  0.03786  26 DC A "C1'" 
524 N N1    . DC A 26 ? 0.50191 0.42802 0.39391 -0.13160 0.10727  0.03012  26 DC A N1    
525 C C2    . DC A 26 ? 0.43131 0.37069 0.32847 -0.10628 0.10373  0.02494  26 DC A C2    
526 O O2    . DC A 26 ? 0.48403 0.39178 0.34964 -0.09056 0.09909  0.02684  26 DC A O2    
527 N N3    . DC A 26 ? 0.39267 0.37835 0.32904 -0.09911 0.10430  0.01750  26 DC A N3    
528 C C4    . DC A 26 ? 0.36501 0.38719 0.33562 -0.11382 0.10857  0.01606  26 DC A C4    
529 N N4    . DC A 26 ? 0.33700 0.40126 0.34346 -0.10284 0.10923  0.00913  26 DC A N4    
530 C C5    . DC A 26 ? 0.43693 0.45397 0.40610 -0.14046 0.11191  0.02131  26 DC A C5    
531 C C6    . DC A 26 ? 0.46955 0.43596 0.39783 -0.15004 0.11150  0.02802  26 DC A C6    
532 P P     . DC A 27 ? 0.90650 0.64705 0.63604 -0.17114 0.12407  0.06648  27 DC A P     
533 O OP1   . DC A 27 ? 0.84641 0.53286 0.54261 -0.18088 0.11985  0.07045  27 DC A OP1   
534 O OP2   . DC A 27 ? 0.71520 0.51236 0.48089 -0.18641 0.13613  0.06605  27 DC A OP2   
535 O "O5'" . DC A 27 ? 0.78184 0.50536 0.48072 -0.14340 0.12455  0.07096  27 DC A "O5'" 
536 C "C5'" . DC A 27 ? 0.66054 0.38031 0.35651 -0.11944 0.11536  0.06633  27 DC A "C5'" 
537 C "C4'" . DC A 27 ? 0.69933 0.43577 0.38576 -0.09944 0.11910  0.06747  27 DC A "C4'" 
538 O "O4'" . DC A 27 ? 0.63867 0.43681 0.37500 -0.09688 0.11989  0.05613  27 DC A "O4'" 
539 C "C3'" . DC A 27 ? 0.73147 0.46417 0.39737 -0.10426 0.12899  0.07557  27 DC A "C3'" 
540 O "O3'" . DC A 27 ? 0.77121 0.48290 0.40224 -0.07881 0.12327  0.07939  27 DC A "O3'" 
541 C "C2'" . DC A 27 ? 0.62844 0.42087 0.33244 -0.11458 0.14160  0.06998  27 DC A "C2'" 
542 C "C1'" . DC A 27 ? 0.59179 0.41554 0.32780 -0.09964 0.13360  0.05779  27 DC A "C1'" 
543 N N1    . DC A 27 ? 0.53710 0.41725 0.32544 -0.10980 0.13924  0.04870  27 DC A N1    
544 C C2    . DC A 27 ? 0.51545 0.43563 0.33303 -0.09171 0.13608  0.03727  27 DC A C2    
545 O O2    . DC A 27 ? 0.49753 0.40871 0.29778 -0.07062 0.12902  0.03428  27 DC A O2    
546 N N3    . DC A 27 ? 0.44820 0.41567 0.31252 -0.09756 0.13987  0.02944  27 DC A N3    
547 C C4    . DC A 27 ? 0.44598 0.42852 0.33031 -0.12065 0.14628  0.03253  27 DC A C4    
548 N N4    . DC A 27 ? 0.40885 0.44179 0.33989 -0.12246 0.14884  0.02498  27 DC A N4    
549 C C5    . DC A 27 ? 0.53313 0.47871 0.39011 -0.14247 0.14905  0.04318  27 DC A C5    
550 C C6    . DC A 27 ? 0.55940 0.45123 0.36753 -0.13597 0.14573  0.05100  27 DC A C6    
551 P P     . DG A 28 ? 0.83733 0.52347 0.43080 -0.07856 0.12835  0.09077  28 DG A P     
552 O OP1   . DG A 28 ? 0.93531 0.57864 0.49290 -0.05377 0.11468  0.09465  28 DG A OP1   
553 O OP2   . DG A 28 ? 0.74743 0.43005 0.34497 -0.10756 0.13991  0.09678  28 DG A OP2   
554 O "O5'" . DG A 28 ? 0.78036 0.50863 0.37981 -0.06990 0.13539  0.08754  28 DG A "O5'" 
555 C "C5'" . DG A 28 ? 0.66352 0.41615 0.27250 -0.04817 0.12766  0.07764  28 DG A "C5'" 
556 C "C4'" . DG A 28 ? 0.65757 0.45554 0.28213 -0.04902 0.13818  0.07086  28 DG A "C4'" 
557 O "O4'" . DG A 28 ? 0.61032 0.44804 0.28013 -0.06362 0.14742  0.06174  28 DG A "O4'" 
558 C "C3'" . DG A 28 ? 0.69083 0.48715 0.29554 -0.05968 0.15004  0.08011  28 DG A "C3'" 
559 O "O3'" . DG A 28 ? 0.73167 0.55122 0.32680 -0.04504 0.15065  0.07464  28 DG A "O3'" 
560 C "C2'" . DG A 28 ? 0.68892 0.51670 0.32996 -0.08473 0.16503  0.07836  28 DG A "C2'" 
561 C "C1'" . DG A 28 ? 0.60245 0.46758 0.28296 -0.07787 0.16276  0.06326  28 DG A "C1'" 
562 N N9    . DG A 28 ? 0.56232 0.45959 0.28785 -0.09712 0.17035  0.05897  28 DG A N9    
563 C C8    . DG A 28 ? 0.58736 0.47604 0.32190 -0.11996 0.17341  0.06628  28 DG A C8    
564 N N7    . DG A 28 ? 0.57020 0.50059 0.35121 -0.13167 0.17743  0.05942  28 DG A N7    
565 C C5    . DG A 28 ? 0.54796 0.51405 0.35171 -0.11471 0.17821  0.04709  28 DG A C5    
566 C C6    . DG A 28 ? 0.51891 0.53577 0.37357 -0.11371 0.18050  0.03571  28 DG A C6    
567 O O6    . DG A 28 ? 0.51351 0.55834 0.40474 -0.12750 0.18141  0.03510  28 DG A O6    
568 N N1    . DG A 28 ? 0.45037 0.48452 0.31148 -0.09248 0.17974  0.02375  28 DG A N1    
569 C C2    . DG A 28 ? 0.47962 0.48891 0.30396 -0.07539 0.17560  0.02224  28 DG A C2    
570 N N2    . DG A 28 ? 0.47573 0.50593 0.31575 -0.05585 0.17072  0.00844  28 DG A N2    
571 N N3    . DG A 28 ? 0.47926 0.44549 0.25650 -0.07534 0.17246  0.03344  28 DG A N3    
572 C C4    . DG A 28 ? 0.54390 0.48917 0.31355 -0.09460 0.17413  0.04582  28 DG A C4    
573 P P     . DC A 29 ? 0.79703 0.60405 0.35344 -0.04428 0.15581  0.08540  29 DC A P     
574 O OP1   . DC A 29 ? 0.87877 0.64944 0.39931 -0.02443 0.13932  0.09143  29 DC A OP1   
575 O OP2   . DC A 29 ? 0.87300 0.67858 0.43156 -0.06915 0.17201  0.09555  29 DC A OP2   
576 O "O5'" . DC A 29 ? 0.80282 0.65349 0.36789 -0.03425 0.15982  0.07245  29 DC A "O5'" 
577 C "C5'" . DC A 29 ? 0.73988 0.61894 0.33506 -0.02352 0.15389  0.05531  29 DC A "C5'" 
578 C "C4'" . DC A 29 ? 0.68018 0.60406 0.31000 -0.03221 0.16962  0.04447  29 DC A "C4'" 
579 O "O4'" . DC A 29 ? 0.73467 0.66708 0.40018 -0.04779 0.17596  0.04513  29 DC A "O4'" 
580 C "C3'" . DC A 29 ? 0.70689 0.64624 0.32471 -0.04134 0.18575  0.05025  29 DC A "C3'" 
581 O "O3'" . DC A 29 ? 0.68542 0.63764 0.28346 -0.02637 0.18270  0.04143  29 DC A "O3'" 
582 C "C2'" . DC A 29 ? 0.67807 0.65748 0.34284 -0.05299 0.20043  0.04334  29 DC A "C2'" 
583 C "C1'" . DC A 29 ? 0.61203 0.58564 0.30700 -0.05585 0.19144  0.03932  29 DC A "C1'" 
584 N N1    . DC A 29 ? 0.62464 0.60403 0.34660 -0.07814 0.19912  0.04703  29 DC A N1    
585 C C2    . DC A 29 ? 0.54789 0.56850 0.32013 -0.08275 0.20447  0.03740  29 DC A C2    
586 O O2    . DC A 29 ? 0.61362 0.66071 0.40641 -0.06753 0.20369  0.02293  29 DC A O2    
587 N N3    . DC A 29 ? 0.60320 0.63336 0.40074 -0.10307 0.20881  0.04376  29 DC A N3    
588 C C4    . DC A 29 ? 0.62583 0.62253 0.39918 -0.12002 0.20893  0.05808  29 DC A C4    
589 N N4    . DC A 29 ? 0.58673 0.59490 0.38671 -0.14123 0.21188  0.06220  29 DC A N4    
590 C C5    . DC A 29 ? 0.63743 0.58702 0.35841 -0.11483 0.20450  0.06823  29 DC A C5    
591 C C6    . DC A 29 ? 0.67324 0.61798 0.37110 -0.09308 0.19931  0.06271  29 DC A C6    
# 
